data_3NBN
#
_entry.id   3NBN
#
_cell.length_a   295.112
_cell.length_b   108.059
_cell.length_c   87.239
_cell.angle_alpha   90.00
_cell.angle_beta   102.52
_cell.angle_gamma   90.00
#
_symmetry.space_group_name_H-M   'C 1 2 1'
#
loop_
_entity.id
_entity.type
_entity.pdbx_description
1 polymer 'Recombining binding protein suppressor of hairless'
2 polymer 'Neurogenic locus notch homolog protein 1'
3 polymer 'Mastermind-like protein 1'
4 polymer 'DNA, HES1 promoter'
5 polymer 'DNA, HES1 promoter'
#
loop_
_entity_poly.entity_id
_entity_poly.type
_entity_poly.pdbx_seq_one_letter_code
_entity_poly.pdbx_strand_id
1 'polypeptide(L)'
;MGERPPPKRLTREAMRNYLKERGDQTVLILHAKVAQKSYGNEKRFFCPPPCVYLMGSGWKKKKEQMERDGCSEQESQPCA
FIGIGNSDQEMQQLNLEGKNYCTAKTLYISDSDKRKHFMLSVKMFYGNSDDIGVFLSKRIKVISKPSKKKQSLKNADLCI
ASGTKVALFNRLRSQTVSTRYLHVEGGNFHASSQQWGAFFIHLLDDDESEGEEFTVRDGYIHYGQTVKLVCSVTGMALPR
LIIRKVDKQTALLDADDPVSQLHKCAFYLKDTERMYLCLSQERIIQFQATPCPKEPNKEMINDGASWTIISTDKAEYTFY
EGMGPVLAPVTPVPVVESLQLNGGGDVAMLELTGQNFTPNLRVWFGDVEAETMYRCGESMLCVVPDISAFREGWRWVRQP
VQVPVTLVRNDGIIYSTSLTFTYTPEPHHHHHH
;
A,D
2 'polypeptide(L)'
;GMDVNVRGPDGFTPLMIASCSGGGLETGNSEEEEDAPAVISDFIYQGASLHNQTDRTGETALHLAARYSRSDAAKRLLEA
SADANIQDNMGRTPLHAAVSADAQGVFQILIRNRATDLDARMHDGTTPLILAARLAVEGMLEDLINSHADVNAVDDLGKS
ALHWAAAVNNVDAAVVLLKNGANKDMQNNREETPLFLAAREGSYETAKVLLDHFANRDITDHMDRLPRDIAQERMHHDIV
RLLDEYNLVRSPQLHG
;
B,E
3 'polypeptide(L)' GLPRHSAVMERLRRRIELCRRHHSTCEARYEAVSPERLELERQHTFALHQRCIQAKAKRAGKH C,F
4 'polydeoxyribonucleotide'
;(DT)(DA)(DC)(DT)(DG)(DT)(DG)(DG)(DG)(DA)(DA)(DA)(DG)(DA)(DA)(DA)(DG)(DT)(DT)(DT)
(DG)(DG)(DA)(DA)(DA)(DA)(DT)(DT)(DT)(DC)(DA)(DC)(DA)(DC)(DG)(DA)(DG)
;
X
5 'polydeoxyribonucleotide'
;(DA)(DC)(DT)(DC)(DG)(DT)(DG)(DT)(DG)(DA)(DA)(DA)(DC)(DT)(DT)(DC)(DC)(DC)(DA)(DA)
(DA)(DC)(DT)(DT)(DT)(DC)(DT)(DT)(DT)(DC)(DC)(DC)(DA)(DC)(DA)(DG)(DT)
;
Y
#
loop_
_chem_comp.id
_chem_comp.type
_chem_comp.name
_chem_comp.formula
DA DNA linking 2'-DEOXYADENOSINE-5'-MONOPHOSPHATE 'C10 H14 N5 O6 P'
DC DNA linking 2'-DEOXYCYTIDINE-5'-MONOPHOSPHATE 'C9 H14 N3 O7 P'
DG DNA linking 2'-DEOXYGUANOSINE-5'-MONOPHOSPHATE 'C10 H14 N5 O7 P'
DT DNA linking THYMIDINE-5'-MONOPHOSPHATE 'C10 H15 N2 O8 P'
#
# COMPACT_ATOMS: atom_id res chain seq x y z
N PRO A 5 -33.12 -30.32 -45.71
CA PRO A 5 -34.02 -30.43 -44.55
C PRO A 5 -33.68 -29.42 -43.42
N PRO A 6 -34.62 -28.49 -43.07
CA PRO A 6 -34.41 -27.45 -42.02
C PRO A 6 -33.99 -27.98 -40.62
N PRO A 7 -33.10 -27.24 -39.89
CA PRO A 7 -32.44 -27.72 -38.67
C PRO A 7 -33.38 -27.96 -37.49
N LYS A 8 -33.23 -29.10 -36.83
CA LYS A 8 -34.16 -29.52 -35.77
C LYS A 8 -33.54 -29.44 -34.37
N ARG A 9 -33.94 -28.43 -33.60
CA ARG A 9 -33.50 -28.32 -32.21
C ARG A 9 -33.76 -29.62 -31.49
N LEU A 10 -32.80 -30.04 -30.67
CA LEU A 10 -32.90 -31.31 -29.96
C LEU A 10 -34.12 -31.30 -29.08
N THR A 11 -34.64 -32.48 -28.79
CA THR A 11 -35.90 -32.61 -28.07
C THR A 11 -35.79 -33.34 -26.76
N ARG A 12 -36.67 -32.98 -25.83
CA ARG A 12 -36.79 -33.65 -24.56
C ARG A 12 -36.59 -35.16 -24.74
N GLU A 13 -36.89 -35.64 -25.94
CA GLU A 13 -36.89 -37.06 -26.24
C GLU A 13 -35.50 -37.53 -26.65
N ALA A 14 -35.03 -37.04 -27.80
CA ALA A 14 -33.70 -37.35 -28.34
C ALA A 14 -32.66 -37.48 -27.23
N MET A 15 -32.77 -36.59 -26.25
CA MET A 15 -31.91 -36.56 -25.11
C MET A 15 -32.01 -37.86 -24.30
N ARG A 16 -33.15 -38.13 -23.67
CA ARG A 16 -33.26 -39.28 -22.73
C ARG A 16 -32.75 -40.58 -23.37
N ASN A 17 -32.78 -40.61 -24.71
CA ASN A 17 -32.21 -41.68 -25.55
C ASN A 17 -30.81 -41.30 -26.04
N TYR A 18 -30.04 -40.67 -25.15
CA TYR A 18 -28.62 -40.42 -25.31
C TYR A 18 -28.01 -40.69 -23.94
N LEU A 19 -28.75 -40.36 -22.90
CA LEU A 19 -28.32 -40.73 -21.55
C LEU A 19 -28.44 -42.24 -21.32
N LYS A 20 -29.08 -42.94 -22.26
CA LYS A 20 -29.04 -44.41 -22.29
C LYS A 20 -27.94 -44.89 -23.24
N GLU A 21 -28.03 -44.47 -24.51
CA GLU A 21 -26.99 -44.76 -25.53
C GLU A 21 -25.57 -44.29 -25.11
N ARG A 22 -25.34 -42.97 -25.14
CA ARG A 22 -24.03 -42.36 -24.89
C ARG A 22 -23.09 -42.77 -26.03
N GLY A 23 -23.66 -42.82 -27.24
CA GLY A 23 -22.91 -43.27 -28.41
C GLY A 23 -22.05 -42.18 -29.01
N ASP A 24 -21.10 -41.69 -28.22
CA ASP A 24 -20.30 -40.50 -28.55
C ASP A 24 -19.32 -40.70 -29.68
N GLN A 25 -19.35 -39.80 -30.66
CA GLN A 25 -18.18 -39.56 -31.52
C GLN A 25 -17.25 -38.76 -30.63
N THR A 26 -15.93 -38.86 -30.87
CA THR A 26 -14.89 -38.04 -30.18
C THR A 26 -13.52 -38.03 -30.90
N VAL A 27 -13.06 -36.85 -31.36
CA VAL A 27 -11.66 -36.66 -31.80
C VAL A 27 -10.77 -36.66 -30.55
N LEU A 28 -9.45 -36.47 -30.73
CA LEU A 28 -8.48 -36.54 -29.64
C LEU A 28 -7.04 -36.33 -30.11
N ILE A 29 -6.66 -35.09 -30.39
CA ILE A 29 -5.28 -34.79 -30.80
C ILE A 29 -4.22 -34.85 -29.67
N LEU A 30 -3.20 -35.69 -29.82
CA LEU A 30 -2.01 -35.72 -28.95
C LEU A 30 -0.93 -34.98 -29.63
N HIS A 31 0.01 -34.38 -28.90
CA HIS A 31 1.08 -33.54 -29.50
C HIS A 31 2.02 -32.94 -28.49
N ALA A 32 3.24 -32.66 -28.95
CA ALA A 32 4.29 -32.04 -28.13
C ALA A 32 3.98 -30.55 -27.82
N LYS A 33 4.56 -30.02 -26.73
CA LYS A 33 4.34 -28.64 -26.28
C LYS A 33 5.24 -27.62 -26.98
N VAL A 34 6.33 -28.12 -27.54
CA VAL A 34 7.27 -27.26 -28.25
C VAL A 34 7.57 -27.79 -29.67
N ALA A 35 8.06 -26.91 -30.54
CA ALA A 35 8.49 -27.35 -31.84
C ALA A 35 9.69 -26.55 -32.26
N GLN A 36 10.81 -27.22 -32.60
CA GLN A 36 12.00 -26.54 -33.08
C GLN A 36 11.85 -25.82 -34.44
N LYS A 37 12.35 -24.59 -34.49
CA LYS A 37 12.31 -23.75 -35.69
C LYS A 37 13.06 -24.46 -36.82
N SER A 38 12.80 -24.11 -38.07
CA SER A 38 13.54 -24.70 -39.19
C SER A 38 14.12 -23.66 -40.15
N TYR A 39 15.34 -23.18 -39.84
CA TYR A 39 15.99 -22.09 -40.59
C TYR A 39 16.31 -22.34 -42.07
N GLY A 40 15.81 -21.46 -42.93
CA GLY A 40 16.07 -21.54 -44.37
C GLY A 40 15.59 -22.84 -45.01
N ASN A 41 16.38 -23.32 -45.97
CA ASN A 41 15.98 -24.47 -46.81
C ASN A 41 15.71 -25.81 -46.08
N GLU A 42 16.17 -25.94 -44.83
CA GLU A 42 16.03 -27.20 -44.05
C GLU A 42 14.58 -27.55 -43.65
N LYS A 43 14.45 -28.56 -42.78
CA LYS A 43 13.14 -29.14 -42.47
C LYS A 43 13.14 -29.99 -41.21
N ARG A 44 13.26 -29.39 -40.03
CA ARG A 44 13.16 -30.18 -38.78
C ARG A 44 11.75 -30.65 -38.44
N PHE A 45 11.53 -31.95 -38.44
CA PHE A 45 10.18 -32.51 -38.21
C PHE A 45 9.84 -32.53 -36.73
N PHE A 46 8.54 -32.52 -36.42
CA PHE A 46 8.06 -32.52 -35.03
C PHE A 46 8.29 -33.87 -34.41
N CYS A 47 9.25 -33.95 -33.49
CA CYS A 47 9.97 -35.21 -33.25
C CYS A 47 9.30 -36.26 -32.37
N PRO A 48 8.23 -35.88 -31.63
CA PRO A 48 7.15 -36.84 -31.50
C PRO A 48 6.11 -36.30 -32.45
N PRO A 49 5.54 -37.15 -33.32
CA PRO A 49 4.67 -36.61 -34.34
C PRO A 49 3.23 -36.49 -33.86
N PRO A 50 2.62 -35.33 -34.10
CA PRO A 50 1.28 -35.07 -33.66
C PRO A 50 0.37 -36.17 -34.12
N CYS A 51 -0.37 -36.72 -33.19
CA CYS A 51 -0.99 -38.01 -33.36
C CYS A 51 -2.50 -38.00 -33.12
N VAL A 52 -3.27 -37.84 -34.19
CA VAL A 52 -4.73 -37.65 -34.15
C VAL A 52 -5.54 -38.92 -33.88
N TYR A 53 -5.71 -39.31 -32.62
CA TYR A 53 -6.58 -40.46 -32.28
C TYR A 53 -8.04 -40.18 -32.59
N LEU A 54 -8.92 -41.10 -32.23
CA LEU A 54 -10.30 -41.03 -32.69
C LEU A 54 -11.20 -42.02 -31.94
N MET A 55 -11.24 -41.87 -30.61
CA MET A 55 -11.96 -42.77 -29.72
C MET A 55 -13.48 -42.59 -29.78
N GLY A 56 -14.20 -43.38 -28.96
CA GLY A 56 -15.64 -43.27 -28.89
C GLY A 56 -16.44 -44.27 -29.70
N SER A 57 -17.20 -45.09 -28.98
CA SER A 57 -18.05 -46.13 -29.56
C SER A 57 -19.25 -45.51 -30.25
N GLY A 58 -18.99 -44.82 -31.36
CA GLY A 58 -20.03 -44.07 -32.01
C GLY A 58 -19.60 -43.63 -33.36
N TRP A 59 -18.32 -43.85 -33.64
CA TRP A 59 -17.79 -43.60 -34.96
C TRP A 59 -18.31 -44.71 -35.83
N LYS A 60 -18.35 -45.91 -35.24
CA LYS A 60 -18.96 -47.07 -35.86
C LYS A 60 -20.42 -46.76 -36.20
N LYS A 61 -21.21 -46.33 -35.20
CA LYS A 61 -22.61 -45.92 -35.44
C LYS A 61 -22.74 -45.00 -36.64
N LYS A 62 -21.72 -44.20 -36.90
CA LYS A 62 -21.82 -43.28 -38.02
C LYS A 62 -21.48 -43.95 -39.37
N LYS A 63 -20.60 -44.95 -39.35
CA LYS A 63 -20.39 -45.81 -40.54
C LYS A 63 -21.68 -46.58 -40.85
N GLU A 64 -22.22 -47.26 -39.84
CA GLU A 64 -23.50 -47.99 -39.95
C GLU A 64 -24.60 -47.13 -40.56
N GLN A 65 -25.07 -46.12 -39.82
CA GLN A 65 -26.15 -45.21 -40.26
C GLN A 65 -25.94 -44.68 -41.68
N MET A 66 -24.69 -44.40 -42.02
CA MET A 66 -24.38 -43.79 -43.32
C MET A 66 -24.63 -44.73 -44.48
N GLU A 67 -23.97 -45.89 -44.42
CA GLU A 67 -24.07 -46.89 -45.49
C GLU A 67 -25.49 -47.37 -45.69
N ARG A 68 -26.20 -47.58 -44.55
CA ARG A 68 -27.66 -47.90 -44.51
C ARG A 68 -28.56 -46.78 -45.03
N ASP A 69 -28.02 -46.00 -45.96
CA ASP A 69 -28.70 -44.89 -46.62
C ASP A 69 -28.31 -44.86 -48.08
N GLY A 70 -27.32 -45.69 -48.41
CA GLY A 70 -26.67 -45.70 -49.72
C GLY A 70 -25.32 -45.02 -49.69
N CYS A 71 -24.36 -45.63 -48.99
CA CYS A 71 -23.00 -45.04 -48.86
C CYS A 71 -21.85 -46.04 -49.00
N SER A 72 -20.85 -45.67 -49.80
CA SER A 72 -19.68 -46.50 -50.08
C SER A 72 -18.88 -46.83 -48.82
N GLU A 73 -18.04 -47.85 -48.92
CA GLU A 73 -17.00 -48.08 -47.93
C GLU A 73 -15.99 -46.97 -48.09
N GLN A 74 -16.04 -46.35 -49.27
CA GLN A 74 -15.24 -45.19 -49.63
C GLN A 74 -15.90 -43.91 -49.12
N GLU A 75 -17.21 -43.93 -48.91
CA GLU A 75 -17.95 -42.74 -48.52
C GLU A 75 -17.90 -42.52 -47.02
N SER A 76 -18.15 -43.57 -46.24
CA SER A 76 -18.14 -43.43 -44.78
C SER A 76 -16.72 -43.53 -44.27
N GLN A 77 -15.80 -43.01 -45.07
CA GLN A 77 -14.38 -42.93 -44.72
C GLN A 77 -14.04 -41.53 -44.17
N PRO A 78 -13.93 -41.39 -42.83
CA PRO A 78 -13.44 -40.15 -42.26
C PRO A 78 -12.16 -39.71 -42.97
N CYS A 79 -12.10 -38.47 -43.42
CA CYS A 79 -11.00 -38.04 -44.27
C CYS A 79 -10.27 -36.78 -43.74
N ALA A 80 -9.22 -36.99 -42.94
CA ALA A 80 -8.52 -35.91 -42.19
C ALA A 80 -7.30 -35.30 -42.85
N PHE A 81 -7.08 -34.02 -42.57
CA PHE A 81 -5.92 -33.28 -43.03
C PHE A 81 -5.40 -32.46 -41.85
N ILE A 82 -4.09 -32.44 -41.62
CA ILE A 82 -3.52 -31.62 -40.55
C ILE A 82 -2.79 -30.44 -41.16
N GLY A 83 -2.38 -29.50 -40.32
CA GLY A 83 -1.65 -28.33 -40.78
C GLY A 83 -1.37 -27.36 -39.66
N ILE A 84 -0.25 -26.65 -39.75
CA ILE A 84 0.08 -25.63 -38.78
C ILE A 84 -0.81 -24.40 -38.96
N GLY A 85 -1.56 -24.36 -40.06
CA GLY A 85 -2.34 -23.18 -40.45
C GLY A 85 -1.42 -22.04 -40.82
N ASN A 86 -1.94 -21.03 -41.52
CA ASN A 86 -1.15 -19.88 -42.00
C ASN A 86 0.14 -20.26 -42.78
N SER A 87 -0.06 -20.78 -43.98
CA SER A 87 1.06 -21.15 -44.85
C SER A 87 0.64 -21.22 -46.33
N ASP A 88 1.64 -21.26 -47.20
CA ASP A 88 1.43 -21.57 -48.62
C ASP A 88 1.77 -23.05 -48.88
N GLN A 89 2.29 -23.72 -47.85
CA GLN A 89 2.65 -25.15 -47.91
C GLN A 89 1.43 -26.04 -48.17
N GLU A 90 0.24 -25.45 -47.97
CA GLU A 90 -1.03 -26.18 -47.94
C GLU A 90 -1.02 -27.21 -46.83
N MET A 91 -1.96 -28.13 -46.86
CA MET A 91 -2.09 -29.07 -45.76
C MET A 91 -1.58 -30.44 -46.17
N GLN A 92 -1.52 -31.36 -45.22
CA GLN A 92 -1.03 -32.69 -45.47
C GLN A 92 -2.04 -33.70 -45.00
N GLN A 93 -2.35 -34.65 -45.86
CA GLN A 93 -3.40 -35.61 -45.60
C GLN A 93 -2.96 -36.58 -44.54
N LEU A 94 -3.90 -37.15 -43.82
CA LEU A 94 -3.61 -38.28 -42.94
C LEU A 94 -4.28 -39.55 -43.43
N ASN A 95 -3.55 -40.66 -43.38
CA ASN A 95 -4.12 -41.95 -43.74
C ASN A 95 -4.86 -42.62 -42.58
N LEU A 96 -6.13 -42.24 -42.44
CA LEU A 96 -6.99 -42.78 -41.41
C LEU A 96 -7.61 -44.12 -41.84
N GLU A 97 -7.10 -44.66 -42.94
CA GLU A 97 -7.53 -45.97 -43.43
C GLU A 97 -7.06 -47.09 -42.49
N GLY A 98 -7.77 -48.22 -42.50
CA GLY A 98 -7.41 -49.37 -41.68
C GLY A 98 -7.56 -49.09 -40.19
N LYS A 99 -6.45 -48.74 -39.55
CA LYS A 99 -6.44 -48.32 -38.14
C LYS A 99 -7.08 -46.92 -37.95
N ASN A 100 -7.59 -46.67 -36.73
CA ASN A 100 -8.32 -45.44 -36.39
C ASN A 100 -7.45 -44.21 -36.00
N TYR A 101 -6.24 -44.45 -35.49
CA TYR A 101 -5.29 -43.39 -35.20
C TYR A 101 -4.52 -42.99 -36.46
N CYS A 102 -3.59 -42.04 -36.31
CA CYS A 102 -2.69 -41.63 -37.40
C CYS A 102 -1.66 -40.61 -36.92
N THR A 103 -0.56 -40.46 -37.65
CA THR A 103 0.55 -39.60 -37.26
C THR A 103 1.10 -38.80 -38.45
N ALA A 104 1.49 -37.56 -38.22
CA ALA A 104 2.03 -36.72 -39.29
C ALA A 104 3.50 -36.42 -39.06
N LYS A 105 4.36 -37.31 -39.54
CA LYS A 105 5.77 -37.26 -39.19
C LYS A 105 6.65 -36.38 -40.07
N THR A 106 6.05 -35.66 -41.01
CA THR A 106 6.80 -34.68 -41.79
C THR A 106 6.20 -33.28 -41.69
N LEU A 107 6.01 -32.82 -40.45
CA LEU A 107 5.52 -31.46 -40.18
C LEU A 107 6.63 -30.59 -39.62
N TYR A 108 6.74 -29.37 -40.13
CA TYR A 108 7.84 -28.49 -39.75
C TYR A 108 7.38 -27.05 -39.65
N ILE A 109 8.31 -26.11 -39.51
CA ILE A 109 7.96 -24.71 -39.35
C ILE A 109 9.08 -23.80 -39.91
N SER A 110 8.80 -23.12 -41.03
CA SER A 110 9.81 -22.35 -41.76
C SER A 110 10.53 -21.29 -40.94
N ASP A 111 11.61 -20.77 -41.50
CA ASP A 111 12.22 -19.54 -40.98
C ASP A 111 11.29 -18.36 -41.28
N SER A 112 10.47 -18.53 -42.32
CA SER A 112 9.53 -17.52 -42.79
C SER A 112 8.18 -17.70 -42.11
N ASP A 113 8.22 -17.96 -40.82
CA ASP A 113 7.02 -17.97 -39.99
C ASP A 113 7.40 -17.23 -38.71
N LYS A 114 7.21 -15.91 -38.73
CA LYS A 114 7.66 -15.05 -37.65
C LYS A 114 7.06 -15.39 -36.28
N ARG A 115 5.86 -15.98 -36.29
CA ARG A 115 5.05 -16.22 -35.09
C ARG A 115 5.72 -17.05 -34.01
N LYS A 116 5.94 -16.42 -32.86
CA LYS A 116 6.61 -17.07 -31.73
C LYS A 116 5.74 -18.10 -30.98
N HIS A 117 4.54 -18.37 -31.49
CA HIS A 117 3.67 -19.49 -31.07
C HIS A 117 2.76 -19.93 -32.22
N PHE A 118 2.10 -21.09 -32.10
CA PHE A 118 1.31 -21.63 -33.22
C PHE A 118 0.39 -22.75 -32.78
N MET A 119 -0.52 -23.14 -33.68
CA MET A 119 -1.50 -24.22 -33.43
C MET A 119 -1.80 -25.17 -34.61
N LEU A 120 -1.92 -26.45 -34.28
CA LEU A 120 -2.24 -27.49 -35.26
C LEU A 120 -3.72 -27.57 -35.51
N SER A 121 -4.15 -27.45 -36.76
CA SER A 121 -5.58 -27.56 -37.09
C SER A 121 -5.88 -28.79 -37.94
N VAL A 122 -6.76 -29.64 -37.44
CA VAL A 122 -7.03 -30.93 -38.05
C VAL A 122 -8.39 -30.94 -38.73
N LYS A 123 -8.43 -30.41 -39.95
CA LYS A 123 -9.62 -30.36 -40.83
C LYS A 123 -10.17 -31.76 -41.11
N MET A 124 -11.48 -31.91 -41.26
CA MET A 124 -12.08 -33.25 -41.45
C MET A 124 -13.47 -33.22 -42.07
N PHE A 125 -13.76 -34.27 -42.86
CA PHE A 125 -15.05 -34.49 -43.51
C PHE A 125 -15.20 -35.95 -43.91
N TYR A 126 -16.44 -36.39 -44.06
CA TYR A 126 -16.68 -37.68 -44.68
C TYR A 126 -16.50 -37.60 -46.20
N GLY A 127 -16.00 -38.67 -46.82
CA GLY A 127 -15.80 -38.76 -48.28
C GLY A 127 -16.82 -38.08 -49.16
N ASN A 128 -18.08 -38.16 -48.77
CA ASN A 128 -19.18 -37.59 -49.52
C ASN A 128 -19.23 -36.07 -49.61
N SER A 129 -18.12 -35.40 -49.26
CA SER A 129 -18.06 -33.92 -48.99
C SER A 129 -18.81 -33.47 -47.71
N ASP A 130 -19.59 -34.36 -47.10
CA ASP A 130 -20.26 -34.10 -45.82
C ASP A 130 -19.27 -33.70 -44.76
N ASP A 131 -19.40 -32.45 -44.29
CA ASP A 131 -18.39 -31.80 -43.45
C ASP A 131 -18.42 -32.21 -41.97
N ILE A 132 -17.27 -32.15 -41.31
CA ILE A 132 -17.20 -32.32 -39.85
C ILE A 132 -16.38 -31.29 -39.09
N GLY A 133 -15.66 -30.43 -39.80
CA GLY A 133 -15.10 -29.20 -39.22
C GLY A 133 -13.69 -29.29 -38.72
N VAL A 134 -13.12 -28.14 -38.33
CA VAL A 134 -11.72 -28.01 -37.91
C VAL A 134 -11.55 -28.29 -36.42
N PHE A 135 -10.48 -29.01 -36.05
CA PHE A 135 -10.15 -29.26 -34.65
C PHE A 135 -8.79 -28.68 -34.30
N LEU A 136 -8.64 -28.14 -33.08
CA LEU A 136 -7.45 -27.39 -32.76
C LEU A 136 -6.65 -27.99 -31.61
N SER A 137 -5.33 -27.92 -31.74
CA SER A 137 -4.41 -28.42 -30.73
C SER A 137 -4.20 -27.37 -29.66
N LYS A 138 -3.68 -27.82 -28.54
CA LYS A 138 -3.61 -26.97 -27.40
C LYS A 138 -2.31 -26.14 -27.41
N ARG A 139 -2.28 -25.07 -28.23
CA ARG A 139 -1.15 -24.08 -28.27
C ARG A 139 0.28 -24.65 -28.25
N ILE A 140 1.06 -24.39 -29.29
CA ILE A 140 2.43 -24.86 -29.29
C ILE A 140 3.46 -23.72 -29.43
N LYS A 141 4.62 -23.87 -28.78
CA LYS A 141 5.63 -22.81 -28.68
C LYS A 141 6.90 -23.05 -29.52
N VAL A 142 7.15 -22.19 -30.50
CA VAL A 142 8.38 -22.24 -31.27
C VAL A 142 9.53 -22.07 -30.31
N ILE A 143 10.57 -22.90 -30.43
CA ILE A 143 11.90 -22.57 -29.91
C ILE A 143 12.97 -22.60 -31.00
N SER A 144 14.15 -22.09 -30.68
CA SER A 144 15.21 -21.98 -31.66
C SER A 144 16.17 -23.16 -31.57
N LYS A 145 16.21 -23.78 -30.38
CA LYS A 145 17.16 -24.83 -30.06
C LYS A 145 16.91 -25.27 -28.61
N PRO A 146 16.97 -26.58 -28.33
CA PRO A 146 16.84 -27.02 -26.94
C PRO A 146 17.77 -26.24 -26.02
N SER A 147 17.16 -25.54 -25.06
CA SER A 147 17.88 -24.60 -24.21
C SER A 147 18.46 -25.22 -22.95
N LYS A 148 19.77 -25.45 -22.98
CA LYS A 148 20.54 -25.96 -21.82
C LYS A 148 20.80 -24.86 -20.77
N LYS A 149 19.86 -24.71 -19.82
CA LYS A 149 19.86 -23.59 -18.85
C LYS A 149 19.92 -24.05 -17.40
N LYS A 150 20.89 -23.50 -16.67
CA LYS A 150 21.06 -23.76 -15.24
C LYS A 150 20.00 -22.98 -14.41
N GLN A 151 19.98 -23.22 -13.11
CA GLN A 151 18.80 -23.07 -12.21
C GLN A 151 17.87 -21.84 -12.22
N SER A 152 18.12 -20.85 -13.08
CA SER A 152 17.18 -19.73 -13.24
C SER A 152 15.87 -20.17 -13.96
N LEU A 153 14.79 -20.29 -13.19
CA LEU A 153 13.47 -20.71 -13.71
C LEU A 153 12.72 -19.51 -14.35
N LYS A 154 13.44 -18.75 -15.18
CA LYS A 154 12.92 -17.52 -15.76
C LYS A 154 11.85 -17.71 -16.83
N ASN A 155 12.07 -18.64 -17.77
CA ASN A 155 11.07 -18.95 -18.81
C ASN A 155 9.97 -19.90 -18.30
N ALA A 156 10.36 -20.82 -17.41
CA ALA A 156 9.41 -21.70 -16.69
C ALA A 156 8.55 -22.59 -17.60
N ASP A 157 8.07 -22.01 -18.71
CA ASP A 157 7.30 -22.71 -19.75
C ASP A 157 8.11 -23.87 -20.34
N LEU A 158 9.43 -23.70 -20.41
CA LEU A 158 10.36 -24.68 -20.96
C LEU A 158 10.73 -25.77 -19.97
N CYS A 159 10.72 -25.46 -18.68
CA CYS A 159 11.07 -26.43 -17.66
C CYS A 159 9.97 -27.47 -17.51
N ILE A 160 10.33 -28.75 -17.54
CA ILE A 160 9.37 -29.83 -17.34
C ILE A 160 9.06 -29.89 -15.88
N ALA A 161 7.82 -29.55 -15.53
CA ALA A 161 7.36 -29.53 -14.15
C ALA A 161 6.89 -30.90 -13.74
N SER A 162 6.67 -31.12 -12.45
CA SER A 162 6.16 -32.40 -11.96
C SER A 162 4.76 -32.63 -12.49
N GLY A 163 4.25 -33.84 -12.35
CA GLY A 163 2.87 -34.15 -12.77
C GLY A 163 2.55 -34.12 -14.26
N THR A 164 3.24 -33.31 -15.06
CA THR A 164 2.94 -33.17 -16.49
C THR A 164 3.19 -34.48 -17.23
N LYS A 165 2.35 -34.79 -18.22
CA LYS A 165 2.61 -35.93 -19.08
C LYS A 165 3.71 -35.58 -20.09
N VAL A 166 4.62 -36.51 -20.27
CA VAL A 166 5.74 -36.34 -21.20
C VAL A 166 5.93 -37.61 -22.03
N ALA A 167 6.37 -37.41 -23.26
CA ALA A 167 6.71 -38.51 -24.14
C ALA A 167 8.17 -38.37 -24.42
N LEU A 168 8.88 -39.50 -24.41
CA LEU A 168 10.32 -39.53 -24.70
C LEU A 168 10.67 -40.52 -25.82
N PHE A 169 11.54 -40.07 -26.72
CA PHE A 169 11.89 -40.82 -27.91
C PHE A 169 13.38 -41.08 -28.04
N ASN A 170 13.72 -42.15 -28.78
CA ASN A 170 15.10 -42.49 -29.08
C ASN A 170 15.43 -42.57 -30.57
N ARG A 171 16.39 -41.76 -30.97
CA ARG A 171 16.89 -41.73 -32.33
C ARG A 171 18.37 -41.97 -32.18
N LEU A 172 19.02 -42.54 -33.19
CA LEU A 172 20.41 -43.03 -33.06
C LEU A 172 21.41 -42.52 -34.08
N ARG A 173 22.60 -42.23 -33.55
CA ARG A 173 23.80 -41.88 -34.32
C ARG A 173 23.63 -40.66 -35.24
N SER A 174 22.40 -40.15 -35.32
CA SER A 174 22.05 -38.90 -36.01
C SER A 174 21.32 -39.15 -37.34
N GLN A 175 20.58 -40.26 -37.39
CA GLN A 175 19.84 -40.59 -38.60
C GLN A 175 18.30 -40.62 -38.48
N THR A 176 17.68 -39.74 -39.27
CA THR A 176 16.23 -39.53 -39.37
C THR A 176 15.27 -40.72 -39.21
N VAL A 177 15.65 -41.86 -39.76
CA VAL A 177 14.75 -43.01 -39.95
C VAL A 177 14.60 -43.94 -38.73
N SER A 178 15.63 -44.01 -37.89
CA SER A 178 15.69 -44.95 -36.77
C SER A 178 14.67 -44.72 -35.66
N THR A 179 14.32 -43.44 -35.47
CA THR A 179 13.40 -42.94 -34.43
C THR A 179 12.43 -43.97 -33.88
N ARG A 180 12.54 -44.22 -32.58
CA ARG A 180 11.66 -45.17 -31.90
C ARG A 180 11.28 -44.62 -30.51
N TYR A 181 9.99 -44.62 -30.17
CA TYR A 181 9.46 -43.96 -28.97
C TYR A 181 8.95 -44.96 -27.94
N LEU A 182 9.24 -44.70 -26.66
CA LEU A 182 8.76 -45.59 -25.62
C LEU A 182 7.26 -45.64 -25.69
N HIS A 183 6.75 -46.76 -26.17
CA HIS A 183 5.33 -47.02 -26.18
C HIS A 183 5.01 -48.34 -25.50
N VAL A 184 3.75 -48.50 -25.12
CA VAL A 184 3.25 -49.70 -24.47
C VAL A 184 2.34 -50.50 -25.41
N GLU A 185 2.77 -51.71 -25.77
CA GLU A 185 1.95 -52.65 -26.56
C GLU A 185 1.23 -53.69 -25.68
N GLY A 186 0.01 -53.32 -25.27
CA GLY A 186 -0.87 -54.20 -24.48
C GLY A 186 -0.55 -54.27 -22.99
N GLY A 187 0.71 -54.06 -22.64
CA GLY A 187 1.21 -54.21 -21.28
C GLY A 187 2.72 -54.46 -21.26
N ASN A 188 3.30 -54.62 -22.45
CA ASN A 188 4.74 -54.78 -22.60
C ASN A 188 5.45 -53.66 -23.37
N PHE A 189 6.11 -52.80 -22.61
CA PHE A 189 6.86 -51.65 -23.11
C PHE A 189 7.75 -52.02 -24.29
N HIS A 190 7.68 -51.25 -25.37
CA HIS A 190 8.55 -51.46 -26.53
C HIS A 190 9.02 -50.13 -27.12
N ALA A 191 9.50 -50.14 -28.36
CA ALA A 191 9.92 -48.91 -29.04
C ALA A 191 9.45 -48.85 -30.49
N SER A 192 8.19 -48.45 -30.67
CA SER A 192 7.58 -48.36 -32.01
C SER A 192 8.15 -47.18 -32.80
N SER A 193 8.07 -47.28 -34.12
CA SER A 193 8.37 -46.14 -34.97
C SER A 193 7.06 -45.66 -35.59
N GLN A 194 5.97 -46.03 -34.94
CA GLN A 194 4.61 -45.67 -35.34
C GLN A 194 3.82 -45.09 -34.17
N GLN A 195 4.00 -45.70 -33.00
CA GLN A 195 3.23 -45.35 -31.82
C GLN A 195 4.06 -44.72 -30.70
N TRP A 196 3.54 -43.65 -30.10
CA TRP A 196 4.17 -43.10 -28.89
C TRP A 196 3.14 -42.84 -27.80
N GLY A 197 3.45 -43.32 -26.60
CA GLY A 197 2.61 -43.13 -25.42
C GLY A 197 3.06 -41.94 -24.60
N ALA A 198 2.14 -41.40 -23.79
CA ALA A 198 2.43 -40.24 -22.97
C ALA A 198 2.36 -40.65 -21.51
N PHE A 199 3.46 -40.40 -20.80
CA PHE A 199 3.62 -40.81 -19.40
C PHE A 199 3.65 -39.61 -18.48
N PHE A 200 3.06 -39.74 -17.30
CA PHE A 200 3.12 -38.68 -16.29
C PHE A 200 4.46 -38.76 -15.56
N ILE A 201 5.10 -37.61 -15.38
CA ILE A 201 6.42 -37.53 -14.76
C ILE A 201 6.33 -37.04 -13.30
N HIS A 202 5.84 -37.92 -12.42
CA HIS A 202 5.66 -37.63 -11.00
C HIS A 202 7.01 -37.60 -10.28
N LEU A 203 7.17 -36.68 -9.33
CA LEU A 203 8.42 -36.54 -8.55
C LEU A 203 8.39 -37.34 -7.26
N LEU A 204 9.56 -37.68 -6.71
CA LEU A 204 9.64 -38.50 -5.49
C LEU A 204 10.72 -38.06 -4.49
N ASP A 205 10.82 -38.81 -3.38
CA ASP A 205 11.77 -38.53 -2.28
C ASP A 205 13.17 -39.15 -2.53
N ASP A 206 14.23 -38.39 -2.23
CA ASP A 206 15.62 -38.87 -2.35
C ASP A 206 15.85 -40.14 -1.52
N ASP A 207 15.42 -40.13 -0.26
CA ASP A 207 15.43 -41.32 0.60
C ASP A 207 14.13 -42.10 0.43
N GLU A 208 14.23 -43.43 0.35
CA GLU A 208 13.14 -44.28 -0.17
C GLU A 208 12.58 -45.36 0.76
N SER A 209 11.26 -45.59 0.68
CA SER A 209 10.62 -46.79 1.25
C SER A 209 10.37 -47.79 0.11
N GLU A 210 9.35 -48.64 0.23
CA GLU A 210 9.11 -49.70 -0.78
C GLU A 210 8.76 -49.17 -2.19
N GLY A 211 8.70 -50.08 -3.17
CA GLY A 211 8.43 -49.72 -4.57
C GLY A 211 6.98 -49.45 -4.96
N GLU A 212 6.10 -49.34 -3.97
CA GLU A 212 4.68 -48.96 -4.17
C GLU A 212 4.30 -47.72 -3.32
N GLU A 213 3.01 -47.59 -2.94
CA GLU A 213 2.49 -46.50 -2.08
C GLU A 213 2.94 -45.10 -2.52
N PHE A 214 3.18 -44.96 -3.83
CA PHE A 214 3.71 -43.77 -4.51
C PHE A 214 3.13 -42.42 -4.08
N THR A 215 3.82 -41.72 -3.17
CA THR A 215 3.41 -40.37 -2.73
C THR A 215 4.20 -39.25 -3.44
N VAL A 216 3.47 -38.35 -4.11
CA VAL A 216 4.04 -37.35 -5.03
C VAL A 216 4.49 -36.04 -4.37
N ARG A 217 5.26 -35.22 -5.11
CA ARG A 217 5.72 -33.89 -4.63
C ARG A 217 5.41 -32.74 -5.59
N ASP A 218 5.77 -31.53 -5.17
CA ASP A 218 5.50 -30.31 -5.94
C ASP A 218 6.70 -29.88 -6.78
N GLY A 219 6.67 -28.65 -7.30
CA GLY A 219 7.82 -28.02 -7.96
C GLY A 219 8.25 -28.63 -9.28
N TYR A 220 9.27 -28.02 -9.88
CA TYR A 220 9.82 -28.48 -11.14
C TYR A 220 10.69 -29.71 -10.95
N ILE A 221 11.09 -30.34 -12.05
CA ILE A 221 11.93 -31.53 -11.99
C ILE A 221 13.35 -31.19 -12.38
N HIS A 222 14.29 -31.57 -11.51
CA HIS A 222 15.71 -31.35 -11.72
C HIS A 222 16.42 -32.69 -11.91
N TYR A 223 17.47 -32.70 -12.72
CA TYR A 223 18.22 -33.91 -12.98
C TYR A 223 18.75 -34.49 -11.69
N GLY A 224 18.64 -35.80 -11.55
CA GLY A 224 19.13 -36.45 -10.36
C GLY A 224 17.98 -36.98 -9.55
N GLN A 225 16.83 -36.33 -9.63
CA GLN A 225 15.65 -36.75 -8.86
C GLN A 225 15.21 -38.17 -9.19
N THR A 226 14.41 -38.74 -8.30
CA THR A 226 13.76 -40.02 -8.57
C THR A 226 12.35 -39.77 -9.09
N VAL A 227 12.02 -40.38 -10.22
CA VAL A 227 10.76 -40.16 -10.91
C VAL A 227 10.15 -41.46 -11.47
N LYS A 228 9.01 -41.85 -10.94
CA LYS A 228 8.23 -42.95 -11.53
C LYS A 228 7.46 -42.36 -12.71
N LEU A 229 7.11 -43.20 -13.68
CA LEU A 229 6.22 -42.75 -14.78
C LEU A 229 5.05 -43.70 -15.06
N VAL A 230 3.83 -43.19 -14.89
CA VAL A 230 2.62 -43.96 -15.15
C VAL A 230 2.05 -43.58 -16.51
N CYS A 231 1.73 -44.58 -17.31
CA CYS A 231 1.11 -44.39 -18.62
C CYS A 231 -0.38 -44.19 -18.43
N SER A 232 -0.92 -43.14 -19.03
CA SER A 232 -2.36 -42.98 -19.11
C SER A 232 -2.96 -44.07 -20.01
N VAL A 233 -2.18 -44.49 -21.03
CA VAL A 233 -2.61 -45.50 -22.03
C VAL A 233 -2.92 -46.89 -21.44
N THR A 234 -1.92 -47.62 -20.93
CA THR A 234 -2.20 -48.94 -20.29
C THR A 234 -2.46 -48.86 -18.77
N GLY A 235 -2.12 -47.73 -18.15
CA GLY A 235 -2.21 -47.58 -16.70
C GLY A 235 -0.93 -48.02 -16.00
N MET A 236 -0.13 -48.84 -16.71
CA MET A 236 1.11 -49.45 -16.20
C MET A 236 2.15 -48.43 -15.76
N ALA A 237 3.10 -48.86 -14.95
CA ALA A 237 4.17 -48.02 -14.43
C ALA A 237 5.52 -48.72 -14.49
N LEU A 238 6.57 -47.97 -14.81
CA LEU A 238 7.94 -48.49 -14.79
C LEU A 238 8.54 -48.32 -13.40
N PRO A 239 9.46 -49.24 -12.99
CA PRO A 239 10.14 -49.15 -11.71
C PRO A 239 10.74 -47.77 -11.46
N ARG A 240 11.06 -47.48 -10.20
CA ARG A 240 11.51 -46.15 -9.81
C ARG A 240 12.82 -45.84 -10.54
N LEU A 241 12.82 -44.80 -11.37
CA LEU A 241 14.00 -44.43 -12.16
C LEU A 241 14.66 -43.16 -11.65
N ILE A 242 15.90 -42.93 -12.04
CA ILE A 242 16.60 -41.70 -11.66
C ILE A 242 17.10 -41.01 -12.92
N ILE A 243 16.54 -39.84 -13.20
CA ILE A 243 16.89 -39.08 -14.41
C ILE A 243 18.22 -38.37 -14.25
N ARG A 244 19.13 -38.58 -15.20
CA ARG A 244 20.39 -37.84 -15.20
C ARG A 244 20.69 -37.32 -16.61
N LYS A 245 21.38 -36.19 -16.70
CA LYS A 245 21.71 -35.54 -17.97
C LYS A 245 22.58 -36.46 -18.83
N VAL A 246 22.86 -36.07 -20.07
CA VAL A 246 23.81 -36.79 -20.91
C VAL A 246 24.57 -35.89 -21.90
N ASP A 247 25.89 -36.05 -21.91
CA ASP A 247 26.77 -35.36 -22.86
C ASP A 247 27.68 -36.40 -23.54
N LYS A 248 27.65 -36.44 -24.88
CA LYS A 248 28.38 -37.44 -25.67
C LYS A 248 28.29 -38.86 -25.10
N GLN A 249 27.08 -39.42 -25.09
CA GLN A 249 26.78 -40.74 -24.49
C GLN A 249 27.48 -41.07 -23.17
N THR A 250 27.61 -40.07 -22.30
CA THR A 250 28.08 -40.24 -20.92
C THR A 250 27.09 -39.59 -19.96
N ALA A 251 26.58 -40.36 -19.00
CA ALA A 251 25.52 -39.90 -18.09
C ALA A 251 26.01 -39.27 -16.78
N LEU A 252 26.30 -37.97 -16.79
CA LEU A 252 26.82 -37.25 -15.61
C LEU A 252 25.92 -37.39 -14.36
N LEU A 253 26.40 -38.08 -13.32
CA LEU A 253 25.58 -38.38 -12.13
C LEU A 253 25.21 -37.15 -11.33
N ASP A 254 26.10 -36.16 -11.35
CA ASP A 254 25.91 -34.95 -10.56
C ASP A 254 25.43 -33.77 -11.39
N ALA A 255 24.23 -33.89 -11.95
CA ALA A 255 23.59 -32.79 -12.66
C ALA A 255 22.49 -32.18 -11.79
N ASP A 256 22.77 -30.98 -11.27
CA ASP A 256 21.90 -30.31 -10.29
C ASP A 256 20.95 -29.30 -10.92
N ASP A 257 20.98 -29.18 -12.25
CA ASP A 257 20.10 -28.26 -12.99
C ASP A 257 18.74 -28.89 -13.31
N PRO A 258 17.73 -28.05 -13.66
CA PRO A 258 16.38 -28.52 -13.97
C PRO A 258 16.22 -28.97 -15.43
N VAL A 259 15.52 -30.09 -15.63
CA VAL A 259 15.29 -30.66 -16.96
C VAL A 259 14.59 -29.66 -17.86
N SER A 260 15.30 -29.15 -18.86
CA SER A 260 14.69 -28.25 -19.84
C SER A 260 14.10 -29.07 -20.98
N GLN A 261 13.43 -28.39 -21.92
CA GLN A 261 12.62 -29.07 -22.94
C GLN A 261 13.48 -29.55 -24.08
N LEU A 262 13.20 -30.78 -24.52
CA LEU A 262 13.95 -31.49 -25.58
C LEU A 262 15.39 -31.77 -25.17
N HIS A 263 15.57 -32.43 -24.03
CA HIS A 263 16.90 -32.66 -23.48
C HIS A 263 17.22 -34.14 -23.48
N LYS A 264 18.46 -34.48 -23.80
CA LYS A 264 18.88 -35.88 -23.79
C LYS A 264 19.14 -36.29 -22.35
N CYS A 265 18.85 -37.55 -22.02
CA CYS A 265 19.01 -38.04 -20.65
C CYS A 265 19.08 -39.56 -20.57
N ALA A 266 19.09 -40.08 -19.34
CA ALA A 266 19.07 -41.52 -19.11
C ALA A 266 18.45 -41.87 -17.76
N PHE A 267 17.88 -43.07 -17.66
CA PHE A 267 17.14 -43.51 -16.49
C PHE A 267 17.80 -44.66 -15.71
N TYR A 268 18.46 -44.34 -14.60
CA TYR A 268 19.03 -45.35 -13.71
C TYR A 268 17.90 -46.04 -12.95
N LEU A 269 17.72 -47.33 -13.20
CA LEU A 269 16.83 -48.14 -12.37
C LEU A 269 17.42 -48.12 -10.97
N LYS A 270 16.66 -47.64 -9.99
CA LYS A 270 17.11 -47.61 -8.59
C LYS A 270 17.47 -49.02 -8.10
N ASP A 271 18.57 -49.12 -7.36
CA ASP A 271 18.94 -50.34 -6.65
C ASP A 271 19.00 -51.61 -7.55
N THR A 272 19.67 -51.51 -8.71
CA THR A 272 19.84 -52.66 -9.66
C THR A 272 21.29 -52.85 -10.16
N GLU A 273 22.25 -52.46 -9.33
CA GLU A 273 23.67 -52.35 -9.69
C GLU A 273 23.88 -51.02 -10.43
N ARG A 274 24.53 -51.05 -11.58
CA ARG A 274 24.76 -49.83 -12.34
C ARG A 274 23.92 -49.82 -13.61
N MET A 275 22.91 -50.70 -13.64
CA MET A 275 21.99 -50.84 -14.76
C MET A 275 21.14 -49.58 -15.02
N TYR A 276 20.84 -49.33 -16.30
CA TYR A 276 20.00 -48.22 -16.77
C TYR A 276 18.88 -48.77 -17.67
N LEU A 277 18.00 -47.91 -18.19
CA LEU A 277 16.99 -48.35 -19.16
C LEU A 277 17.44 -47.98 -20.57
N CYS A 278 17.41 -48.96 -21.47
CA CYS A 278 18.03 -48.84 -22.79
C CYS A 278 17.21 -49.37 -23.94
N LEU A 279 17.37 -48.70 -25.08
CA LEU A 279 16.65 -49.02 -26.31
C LEU A 279 17.13 -50.33 -26.87
N SER A 280 16.16 -51.18 -27.20
CA SER A 280 16.45 -52.45 -27.82
C SER A 280 16.18 -52.34 -29.32
N GLN A 281 17.15 -52.78 -30.10
CA GLN A 281 16.97 -52.85 -31.54
C GLN A 281 15.89 -53.93 -31.74
N GLU A 282 15.00 -53.97 -30.74
CA GLU A 282 13.91 -54.93 -30.62
C GLU A 282 12.95 -54.47 -29.50
N ARG A 283 12.64 -55.37 -28.55
CA ARG A 283 11.73 -55.11 -27.41
C ARG A 283 12.54 -54.73 -26.17
N ILE A 284 12.07 -53.71 -25.44
CA ILE A 284 12.94 -52.93 -24.52
C ILE A 284 13.48 -53.58 -23.25
N ILE A 285 14.77 -53.39 -23.01
CA ILE A 285 15.44 -53.96 -21.84
C ILE A 285 16.32 -52.96 -21.08
N GLN A 286 17.15 -53.47 -20.17
CA GLN A 286 18.13 -52.69 -19.40
C GLN A 286 19.62 -52.99 -19.77
N PHE A 287 20.51 -52.08 -19.38
CA PHE A 287 21.93 -52.11 -19.81
C PHE A 287 22.87 -51.70 -18.67
N GLN A 288 24.06 -52.30 -18.61
CA GLN A 288 24.98 -52.11 -17.48
C GLN A 288 25.78 -50.81 -17.45
N ALA A 289 25.94 -50.17 -18.61
CA ALA A 289 26.78 -48.97 -18.72
C ALA A 289 28.26 -49.28 -18.56
N THR A 290 29.07 -48.77 -19.48
CA THR A 290 30.53 -49.02 -19.56
C THR A 290 31.28 -48.55 -18.26
N PRO A 291 32.61 -48.81 -18.17
CA PRO A 291 33.47 -48.21 -17.13
C PRO A 291 33.37 -46.68 -16.97
N CYS A 292 34.14 -46.16 -16.01
CA CYS A 292 34.12 -44.74 -15.65
C CYS A 292 35.45 -44.35 -14.97
N PRO A 293 36.59 -44.51 -15.69
CA PRO A 293 37.92 -44.48 -15.08
C PRO A 293 38.55 -43.09 -14.93
N LYS A 294 38.81 -42.41 -16.06
CA LYS A 294 39.39 -41.05 -16.06
C LYS A 294 38.44 -40.00 -15.47
N GLU A 295 37.16 -40.08 -15.85
CA GLU A 295 36.10 -39.26 -15.27
C GLU A 295 35.40 -40.07 -14.16
N PRO A 296 35.44 -39.56 -12.91
CA PRO A 296 35.11 -40.37 -11.70
C PRO A 296 33.64 -40.75 -11.52
N ASN A 297 32.77 -39.75 -11.41
CA ASN A 297 31.31 -39.93 -11.24
C ASN A 297 30.55 -39.79 -12.57
N LYS A 298 31.28 -39.88 -13.68
CA LYS A 298 30.73 -39.69 -15.01
C LYS A 298 30.79 -41.00 -15.81
N GLU A 299 29.69 -41.74 -15.81
CA GLU A 299 29.60 -43.03 -16.50
C GLU A 299 29.38 -42.89 -18.00
N MET A 300 30.10 -43.70 -18.77
CA MET A 300 29.88 -43.78 -20.23
C MET A 300 28.69 -44.70 -20.49
N ILE A 301 27.91 -44.39 -21.53
CA ILE A 301 26.63 -45.06 -21.76
C ILE A 301 26.32 -45.34 -23.24
N ASN A 302 25.39 -46.28 -23.46
CA ASN A 302 24.98 -46.78 -24.78
C ASN A 302 24.25 -45.77 -25.68
N ASP A 303 24.19 -46.06 -26.98
CA ASP A 303 23.31 -45.35 -27.91
C ASP A 303 21.85 -45.38 -27.47
N GLY A 304 21.43 -46.54 -26.96
CA GLY A 304 20.04 -46.82 -26.67
C GLY A 304 19.49 -46.41 -25.31
N ALA A 305 20.38 -46.06 -24.39
CA ALA A 305 19.95 -45.51 -23.09
C ALA A 305 20.00 -43.98 -23.11
N SER A 306 20.10 -43.41 -24.31
CA SER A 306 20.11 -41.97 -24.49
C SER A 306 18.83 -41.50 -25.18
N TRP A 307 17.84 -41.13 -24.36
CA TRP A 307 16.52 -40.62 -24.81
C TRP A 307 16.41 -39.10 -24.90
N THR A 308 15.62 -38.62 -25.86
CA THR A 308 15.23 -37.21 -25.85
C THR A 308 13.85 -37.15 -25.20
N ILE A 309 13.59 -36.11 -24.40
CA ILE A 309 12.38 -36.02 -23.58
C ILE A 309 11.68 -34.71 -23.84
N ILE A 310 10.37 -34.79 -24.07
CA ILE A 310 9.55 -33.62 -24.35
C ILE A 310 8.20 -33.73 -23.64
N SER A 311 7.74 -32.59 -23.12
CA SER A 311 6.50 -32.49 -22.38
C SER A 311 5.39 -32.47 -23.42
N THR A 312 4.28 -33.14 -23.14
CA THR A 312 3.25 -33.22 -24.13
C THR A 312 1.91 -32.57 -23.74
N ASP A 313 0.87 -32.80 -24.54
CA ASP A 313 -0.48 -32.29 -24.27
C ASP A 313 -1.50 -33.07 -25.10
N LYS A 314 -2.77 -33.05 -24.66
CA LYS A 314 -3.88 -33.67 -25.37
C LYS A 314 -4.92 -32.62 -25.61
N ALA A 315 -5.75 -32.83 -26.61
CA ALA A 315 -6.81 -31.89 -26.97
C ALA A 315 -8.05 -32.68 -27.30
N GLU A 316 -8.83 -33.00 -26.28
CA GLU A 316 -10.02 -33.81 -26.48
C GLU A 316 -11.22 -32.97 -26.96
N TYR A 317 -12.24 -33.64 -27.51
CA TYR A 317 -13.43 -33.00 -28.05
C TYR A 317 -14.52 -34.03 -28.28
N THR A 318 -15.54 -34.13 -27.43
CA THR A 318 -16.62 -35.07 -27.72
C THR A 318 -17.89 -34.37 -28.28
N PHE A 319 -18.77 -35.14 -28.92
CA PHE A 319 -19.93 -34.62 -29.66
C PHE A 319 -20.77 -35.69 -30.36
N TYR A 320 -22.07 -35.66 -30.11
CA TYR A 320 -23.04 -36.65 -30.58
C TYR A 320 -24.04 -35.98 -31.50
N GLU A 321 -24.66 -36.74 -32.40
CA GLU A 321 -25.54 -36.18 -33.43
C GLU A 321 -27.05 -36.07 -33.11
N GLY A 322 -27.44 -36.45 -31.89
CA GLY A 322 -28.81 -36.30 -31.34
C GLY A 322 -30.05 -35.88 -32.15
N MET A 323 -29.84 -35.51 -33.42
CA MET A 323 -30.91 -35.27 -34.39
C MET A 323 -30.41 -35.61 -35.81
N GLY A 324 -29.53 -36.60 -35.93
CA GLY A 324 -29.04 -37.07 -37.21
C GLY A 324 -28.24 -36.00 -37.95
N PRO A 325 -27.89 -36.26 -39.21
CA PRO A 325 -27.11 -35.34 -40.04
C PRO A 325 -27.44 -33.90 -39.80
N VAL A 326 -26.41 -33.07 -39.88
CA VAL A 326 -26.52 -31.62 -39.75
C VAL A 326 -25.62 -31.11 -40.87
N LEU A 327 -26.04 -30.07 -41.58
CA LEU A 327 -25.30 -29.68 -42.80
C LEU A 327 -23.93 -29.03 -42.51
N ALA A 328 -23.88 -28.18 -41.47
CA ALA A 328 -22.67 -27.41 -41.15
C ALA A 328 -21.74 -28.15 -40.18
N PRO A 329 -20.46 -27.75 -40.14
CA PRO A 329 -19.54 -28.50 -39.35
C PRO A 329 -19.95 -28.47 -37.90
N VAL A 330 -19.69 -29.57 -37.21
CA VAL A 330 -19.97 -29.71 -35.80
C VAL A 330 -19.03 -28.90 -34.87
N THR A 331 -18.34 -27.93 -35.45
CA THR A 331 -17.15 -27.29 -34.92
C THR A 331 -17.46 -25.80 -34.94
N PRO A 332 -16.96 -25.01 -33.98
CA PRO A 332 -16.10 -25.22 -32.82
C PRO A 332 -16.77 -26.01 -31.70
N VAL A 333 -15.99 -26.82 -31.01
CA VAL A 333 -16.56 -27.74 -30.02
C VAL A 333 -16.38 -27.22 -28.61
N PRO A 334 -17.49 -27.02 -27.91
CA PRO A 334 -17.50 -26.47 -26.57
C PRO A 334 -16.84 -27.37 -25.58
N VAL A 335 -15.87 -26.81 -24.86
CA VAL A 335 -15.15 -27.47 -23.76
C VAL A 335 -15.26 -26.68 -22.45
N VAL A 336 -15.58 -27.37 -21.36
CA VAL A 336 -16.05 -26.69 -20.18
C VAL A 336 -15.15 -26.90 -18.97
N GLU A 337 -14.19 -26.00 -18.79
CA GLU A 337 -13.24 -26.08 -17.67
C GLU A 337 -13.87 -26.05 -16.29
N SER A 338 -14.73 -25.07 -16.02
CA SER A 338 -15.29 -24.95 -14.68
C SER A 338 -16.74 -24.50 -14.58
N LEU A 339 -17.38 -25.01 -13.54
CA LEU A 339 -18.79 -24.83 -13.34
C LEU A 339 -19.04 -24.22 -11.97
N GLN A 340 -19.45 -22.96 -11.99
CA GLN A 340 -19.62 -22.17 -10.77
C GLN A 340 -21.06 -21.99 -10.42
N LEU A 341 -21.32 -22.04 -9.12
CA LEU A 341 -22.64 -21.81 -8.60
C LEU A 341 -22.79 -20.37 -8.09
N ASN A 342 -23.39 -19.51 -8.91
CA ASN A 342 -23.81 -18.17 -8.49
C ASN A 342 -25.16 -18.20 -7.79
N GLY A 343 -25.24 -17.58 -6.62
CA GLY A 343 -26.52 -17.44 -5.96
C GLY A 343 -27.00 -18.73 -5.35
N GLY A 344 -28.27 -18.72 -4.93
CA GLY A 344 -28.88 -19.84 -4.20
C GLY A 344 -30.38 -20.05 -4.39
N GLY A 345 -30.80 -21.31 -4.25
CA GLY A 345 -32.21 -21.70 -4.27
C GLY A 345 -33.05 -21.09 -5.37
N ASP A 346 -34.06 -20.31 -5.00
CA ASP A 346 -35.05 -19.83 -5.99
C ASP A 346 -34.47 -18.85 -7.04
N VAL A 347 -33.29 -18.30 -6.73
CA VAL A 347 -32.59 -17.41 -7.66
C VAL A 347 -31.41 -18.13 -8.32
N ALA A 348 -30.91 -19.19 -7.68
CA ALA A 348 -29.80 -20.02 -8.18
C ALA A 348 -29.55 -20.07 -9.72
N MET A 349 -28.36 -19.63 -10.09
CA MET A 349 -27.84 -19.79 -11.43
C MET A 349 -26.47 -20.47 -11.36
N LEU A 350 -25.79 -20.48 -12.49
CA LEU A 350 -24.66 -21.34 -12.70
C LEU A 350 -23.87 -20.69 -13.80
N GLU A 351 -22.59 -20.46 -13.55
CA GLU A 351 -21.74 -19.82 -14.55
C GLU A 351 -20.78 -20.85 -15.08
N LEU A 352 -20.65 -20.86 -16.40
CA LEU A 352 -19.82 -21.85 -17.04
C LEU A 352 -18.69 -21.15 -17.76
N THR A 353 -17.48 -21.60 -17.42
CA THR A 353 -16.26 -21.07 -17.98
C THR A 353 -15.65 -22.23 -18.69
N GLY A 354 -15.28 -22.00 -19.92
CA GLY A 354 -14.65 -23.01 -20.73
C GLY A 354 -14.09 -22.22 -21.87
N GLN A 355 -14.13 -22.78 -23.07
CA GLN A 355 -13.71 -22.05 -24.25
C GLN A 355 -14.47 -22.54 -25.43
N ASN A 356 -14.39 -21.76 -26.51
CA ASN A 356 -15.21 -22.02 -27.70
C ASN A 356 -16.72 -21.94 -27.46
N PHE A 357 -17.19 -21.08 -26.59
CA PHE A 357 -18.63 -21.06 -26.47
C PHE A 357 -19.16 -20.27 -27.61
N THR A 358 -20.47 -20.34 -27.81
CA THR A 358 -21.17 -19.78 -28.96
C THR A 358 -22.59 -19.52 -28.52
N PRO A 359 -23.24 -18.47 -29.08
CA PRO A 359 -24.50 -18.07 -28.52
C PRO A 359 -25.56 -19.16 -28.69
N ASN A 360 -25.34 -20.01 -29.69
CA ASN A 360 -26.27 -21.04 -30.13
C ASN A 360 -26.12 -22.36 -29.38
N LEU A 361 -25.94 -22.27 -28.07
CA LEU A 361 -25.91 -23.43 -27.19
C LEU A 361 -26.93 -23.17 -26.11
N ARG A 362 -27.06 -24.08 -25.17
CA ARG A 362 -28.13 -24.06 -24.13
C ARG A 362 -27.79 -25.21 -23.21
N VAL A 363 -27.50 -24.93 -21.96
CA VAL A 363 -27.00 -25.97 -21.10
C VAL A 363 -28.19 -26.75 -20.58
N TRP A 364 -28.13 -28.08 -20.67
CA TRP A 364 -29.23 -28.94 -20.23
C TRP A 364 -28.90 -29.65 -18.93
N PHE A 365 -29.79 -29.51 -17.97
CA PHE A 365 -29.65 -30.24 -16.71
C PHE A 365 -30.37 -31.59 -16.87
N GLY A 366 -29.62 -32.68 -17.00
CA GLY A 366 -30.21 -33.94 -17.48
C GLY A 366 -30.97 -33.74 -18.78
N ASP A 367 -32.30 -33.93 -18.71
CA ASP A 367 -33.22 -33.85 -19.88
C ASP A 367 -34.01 -32.52 -19.95
N VAL A 368 -33.87 -31.69 -18.92
CA VAL A 368 -34.55 -30.39 -18.88
C VAL A 368 -33.62 -29.29 -19.41
N GLU A 369 -33.94 -28.72 -20.58
CA GLU A 369 -33.21 -27.58 -21.11
C GLU A 369 -33.44 -26.35 -20.21
N ALA A 370 -32.36 -25.62 -19.93
CA ALA A 370 -32.38 -24.48 -19.00
C ALA A 370 -32.02 -23.26 -19.80
N GLU A 371 -32.61 -22.12 -19.44
CA GLU A 371 -32.44 -20.91 -20.21
C GLU A 371 -31.01 -20.48 -20.09
N THR A 372 -30.46 -20.07 -21.21
CA THR A 372 -29.03 -19.92 -21.24
C THR A 372 -28.65 -18.54 -21.73
N MET A 373 -28.00 -17.78 -20.84
CA MET A 373 -27.38 -16.52 -21.21
C MET A 373 -25.91 -16.76 -21.55
N TYR A 374 -25.57 -16.31 -22.75
CA TYR A 374 -24.22 -16.42 -23.25
C TYR A 374 -23.55 -15.13 -22.89
N ARG A 375 -22.49 -15.18 -22.09
CA ARG A 375 -21.76 -13.94 -21.80
C ARG A 375 -20.68 -13.70 -22.83
N CYS A 376 -19.80 -14.68 -23.03
CA CYS A 376 -18.80 -14.60 -24.12
C CYS A 376 -18.13 -15.94 -24.37
N GLY A 377 -17.38 -16.02 -25.48
CA GLY A 377 -16.51 -17.14 -25.75
C GLY A 377 -16.19 -18.10 -24.59
N GLU A 378 -15.79 -17.58 -23.43
CA GLU A 378 -15.20 -18.43 -22.41
C GLU A 378 -16.00 -18.39 -21.10
N SER A 379 -17.20 -17.83 -21.17
CA SER A 379 -18.14 -17.73 -20.05
C SER A 379 -19.60 -17.85 -20.50
N MET A 380 -20.39 -18.66 -19.80
CA MET A 380 -21.83 -18.69 -20.01
C MET A 380 -22.58 -18.80 -18.71
N LEU A 381 -23.90 -18.60 -18.78
CA LEU A 381 -24.73 -18.51 -17.60
C LEU A 381 -26.07 -19.07 -17.84
N CYS A 382 -26.57 -19.87 -16.92
CA CYS A 382 -27.86 -20.51 -17.11
C CYS A 382 -28.62 -20.63 -15.81
N VAL A 383 -29.95 -20.74 -15.91
CA VAL A 383 -30.78 -20.76 -14.70
C VAL A 383 -31.15 -22.13 -14.17
N VAL A 384 -30.47 -22.53 -13.11
CA VAL A 384 -30.76 -23.77 -12.37
C VAL A 384 -32.25 -24.01 -12.32
N PRO A 385 -32.74 -25.01 -13.09
CA PRO A 385 -34.20 -25.21 -13.18
C PRO A 385 -34.72 -25.80 -11.88
N ASP A 386 -35.99 -25.53 -11.56
CA ASP A 386 -36.54 -25.93 -10.26
C ASP A 386 -36.43 -27.44 -10.07
N ILE A 387 -36.34 -27.88 -8.81
CA ILE A 387 -36.14 -29.32 -8.54
C ILE A 387 -37.30 -30.17 -9.10
N SER A 388 -38.50 -29.61 -9.00
CA SER A 388 -39.69 -30.17 -9.62
C SER A 388 -39.64 -30.12 -11.16
N ALA A 389 -38.45 -30.38 -11.71
CA ALA A 389 -38.30 -30.58 -13.15
C ALA A 389 -37.88 -32.02 -13.30
N PHE A 390 -37.44 -32.57 -12.20
CA PHE A 390 -36.95 -33.93 -12.16
C PHE A 390 -37.88 -34.78 -11.28
N ARG A 391 -37.95 -34.43 -10.00
CA ARG A 391 -38.90 -35.07 -9.09
C ARG A 391 -40.15 -34.22 -9.10
N GLU A 392 -41.16 -34.65 -9.86
CA GLU A 392 -42.35 -33.81 -10.11
C GLU A 392 -43.10 -33.38 -8.83
N GLY A 393 -43.07 -34.21 -7.80
CA GLY A 393 -43.51 -33.82 -6.46
C GLY A 393 -42.51 -32.84 -5.86
N TRP A 394 -42.81 -32.30 -4.67
CA TRP A 394 -41.95 -31.33 -3.95
C TRP A 394 -41.87 -29.92 -4.57
N ARG A 395 -42.02 -28.91 -3.72
CA ARG A 395 -41.79 -27.51 -4.11
C ARG A 395 -40.36 -27.12 -3.70
N TRP A 396 -39.79 -27.95 -2.82
CA TRP A 396 -38.42 -27.78 -2.31
C TRP A 396 -37.52 -29.00 -2.63
N VAL A 397 -36.21 -28.80 -2.49
CA VAL A 397 -35.23 -29.88 -2.69
C VAL A 397 -35.10 -30.70 -1.41
N ARG A 398 -35.94 -31.70 -1.27
CA ARG A 398 -36.07 -32.40 0.01
C ARG A 398 -34.85 -33.26 0.38
N GLN A 399 -34.13 -33.72 -0.63
CA GLN A 399 -32.86 -34.45 -0.43
C GLN A 399 -32.11 -34.75 -1.75
N PRO A 400 -30.76 -34.85 -1.67
CA PRO A 400 -29.78 -34.75 -2.77
C PRO A 400 -30.14 -35.43 -4.09
N VAL A 401 -30.17 -34.63 -5.15
CA VAL A 401 -30.43 -35.15 -6.48
C VAL A 401 -29.30 -34.66 -7.36
N GLN A 402 -28.79 -35.53 -8.22
CA GLN A 402 -27.68 -35.19 -9.09
C GLN A 402 -27.91 -35.50 -10.56
N VAL A 403 -28.03 -34.46 -11.37
CA VAL A 403 -28.19 -34.68 -12.82
C VAL A 403 -26.93 -34.24 -13.58
N PRO A 404 -26.68 -34.82 -14.76
CA PRO A 404 -25.50 -34.43 -15.46
C PRO A 404 -25.78 -33.22 -16.32
N VAL A 405 -24.84 -32.29 -16.31
CA VAL A 405 -24.95 -31.05 -17.05
C VAL A 405 -24.38 -31.30 -18.43
N THR A 406 -24.99 -30.73 -19.47
CA THR A 406 -24.42 -30.90 -20.81
C THR A 406 -24.79 -29.79 -21.80
N LEU A 407 -23.87 -29.45 -22.70
CA LEU A 407 -24.15 -28.43 -23.71
C LEU A 407 -24.73 -29.03 -24.99
N VAL A 408 -25.70 -28.30 -25.56
CA VAL A 408 -26.54 -28.77 -26.67
C VAL A 408 -26.68 -27.64 -27.68
N ARG A 409 -26.35 -27.92 -28.92
CA ARG A 409 -26.38 -26.89 -29.95
C ARG A 409 -27.82 -26.66 -30.44
N ASN A 410 -27.98 -25.78 -31.44
CA ASN A 410 -29.27 -25.65 -32.14
C ASN A 410 -29.66 -26.85 -32.98
N ASP A 411 -29.22 -26.96 -34.23
CA ASP A 411 -29.35 -28.28 -34.84
C ASP A 411 -28.72 -29.30 -33.89
N GLY A 412 -29.55 -30.16 -33.32
CA GLY A 412 -29.21 -30.87 -32.09
C GLY A 412 -27.94 -31.71 -31.98
N ILE A 413 -26.78 -31.09 -32.23
CA ILE A 413 -25.48 -31.70 -31.93
C ILE A 413 -25.31 -31.53 -30.45
N ILE A 414 -24.85 -32.55 -29.76
CA ILE A 414 -24.74 -32.44 -28.30
C ILE A 414 -23.35 -32.75 -27.78
N TYR A 415 -22.73 -31.72 -27.17
CA TYR A 415 -21.38 -31.80 -26.64
C TYR A 415 -21.43 -32.15 -25.15
N SER A 416 -20.94 -33.33 -24.80
CA SER A 416 -21.01 -33.85 -23.46
C SER A 416 -20.01 -33.16 -22.58
N THR A 417 -20.14 -33.34 -21.26
CA THR A 417 -19.26 -32.64 -20.31
C THR A 417 -18.75 -33.46 -19.13
N SER A 418 -19.47 -34.51 -18.71
CA SER A 418 -19.04 -35.27 -17.52
C SER A 418 -18.97 -34.42 -16.23
N LEU A 419 -19.70 -33.32 -16.23
CA LEU A 419 -19.81 -32.50 -15.05
C LEU A 419 -21.24 -32.61 -14.61
N THR A 420 -21.43 -32.55 -13.29
CA THR A 420 -22.74 -32.84 -12.74
C THR A 420 -23.19 -31.83 -11.68
N PHE A 421 -24.31 -31.13 -11.93
CA PHE A 421 -24.96 -30.37 -10.86
C PHE A 421 -25.66 -31.29 -9.85
N THR A 422 -25.45 -30.99 -8.57
CA THR A 422 -26.03 -31.78 -7.47
C THR A 422 -26.94 -30.93 -6.59
N TYR A 423 -28.25 -31.08 -6.74
CA TYR A 423 -29.18 -30.39 -5.85
C TYR A 423 -28.89 -30.78 -4.41
N THR A 424 -29.07 -29.85 -3.50
CA THR A 424 -28.82 -30.11 -2.09
C THR A 424 -29.85 -29.37 -1.23
N PRO A 425 -30.36 -30.03 -0.16
CA PRO A 425 -31.24 -29.35 0.81
C PRO A 425 -30.55 -28.15 1.43
N GLU A 426 -31.28 -27.05 1.63
CA GLU A 426 -30.72 -25.75 2.11
C GLU A 426 -30.19 -25.79 3.56
N PRO A 427 -29.02 -25.15 3.80
CA PRO A 427 -28.33 -25.29 5.10
C PRO A 427 -28.76 -24.25 6.15
N GLN B 53 -16.44 -25.52 7.30
CA GLN B 53 -16.51 -26.26 6.01
C GLN B 53 -17.57 -27.37 6.02
N THR B 54 -18.70 -27.16 5.32
CA THR B 54 -19.76 -28.18 5.15
C THR B 54 -19.22 -29.40 4.35
N ASP B 55 -17.93 -29.29 3.98
CA ASP B 55 -17.14 -30.22 3.09
C ASP B 55 -17.78 -30.73 1.78
N ARG B 56 -19.06 -30.42 1.56
CA ARG B 56 -19.72 -30.65 0.29
C ARG B 56 -19.04 -29.78 -0.79
N THR B 57 -18.92 -28.47 -0.50
CA THR B 57 -18.38 -27.49 -1.45
C THR B 57 -17.18 -26.77 -0.84
N GLY B 58 -16.91 -27.06 0.42
CA GLY B 58 -15.82 -26.42 1.16
C GLY B 58 -16.18 -25.05 1.73
N GLU B 59 -17.46 -24.73 1.65
CA GLU B 59 -17.97 -23.38 1.90
C GLU B 59 -18.14 -23.09 3.39
N THR B 60 -17.81 -21.87 3.81
CA THR B 60 -17.95 -21.48 5.22
C THR B 60 -19.30 -20.86 5.55
N ALA B 61 -19.53 -20.62 6.83
CA ALA B 61 -20.73 -19.98 7.29
C ALA B 61 -20.87 -18.62 6.64
N LEU B 62 -19.74 -17.93 6.45
CA LEU B 62 -19.73 -16.62 5.81
C LEU B 62 -20.13 -16.75 4.32
N HIS B 63 -19.33 -17.51 3.56
CA HIS B 63 -19.62 -17.89 2.17
C HIS B 63 -21.12 -18.02 1.91
N LEU B 64 -21.79 -18.78 2.77
CA LEU B 64 -23.22 -19.04 2.63
C LEU B 64 -24.02 -17.76 2.71
N ALA B 65 -23.92 -17.07 3.84
CA ALA B 65 -24.65 -15.82 4.01
C ALA B 65 -24.38 -14.85 2.87
N ALA B 66 -23.20 -14.95 2.27
CA ALA B 66 -22.86 -14.15 1.12
C ALA B 66 -23.75 -14.52 -0.06
N ARG B 67 -23.73 -15.80 -0.42
CA ARG B 67 -24.51 -16.31 -1.53
C ARG B 67 -25.99 -16.19 -1.33
N TYR B 68 -26.43 -16.36 -0.09
CA TYR B 68 -27.86 -16.33 0.25
C TYR B 68 -28.36 -14.92 0.51
N SER B 69 -27.46 -13.94 0.42
CA SER B 69 -27.79 -12.54 0.57
C SER B 69 -28.37 -12.16 1.94
N ARG B 70 -27.98 -12.90 2.98
CA ARG B 70 -28.36 -12.57 4.35
C ARG B 70 -27.43 -11.47 4.88
N SER B 71 -27.82 -10.22 4.67
CA SER B 71 -26.88 -9.10 4.81
C SER B 71 -26.43 -8.85 6.25
N ASP B 72 -27.27 -9.18 7.22
CA ASP B 72 -26.88 -8.96 8.62
C ASP B 72 -26.51 -10.26 9.27
N ALA B 73 -26.94 -11.36 8.66
CA ALA B 73 -26.46 -12.66 9.08
C ALA B 73 -24.94 -12.63 8.99
N ALA B 74 -24.46 -12.00 7.91
CA ALA B 74 -23.05 -11.81 7.69
C ALA B 74 -22.43 -10.91 8.75
N LYS B 75 -23.17 -9.88 9.15
CA LYS B 75 -22.68 -8.91 10.12
C LYS B 75 -22.22 -9.52 11.45
N ARG B 76 -23.07 -10.32 12.10
CA ARG B 76 -22.68 -10.99 13.35
C ARG B 76 -21.48 -11.95 13.21
N LEU B 77 -21.40 -12.60 12.04
CA LEU B 77 -20.32 -13.51 11.70
C LEU B 77 -19.02 -12.72 11.56
N LEU B 78 -19.17 -11.40 11.43
CA LEU B 78 -18.02 -10.50 11.42
C LEU B 78 -17.78 -9.90 12.79
N GLU B 79 -18.84 -9.74 13.58
CA GLU B 79 -18.68 -9.37 14.99
C GLU B 79 -17.77 -10.42 15.60
N ALA B 80 -18.15 -11.69 15.40
CA ALA B 80 -17.22 -12.79 15.58
C ALA B 80 -16.00 -12.51 14.69
N SER B 81 -14.82 -12.53 15.30
CA SER B 81 -13.57 -12.24 14.60
C SER B 81 -13.29 -13.32 13.54
N ALA B 82 -14.37 -13.80 12.95
CA ALA B 82 -14.37 -14.83 11.90
C ALA B 82 -13.65 -14.34 10.64
N ASP B 83 -12.69 -15.13 10.17
CA ASP B 83 -11.90 -14.77 9.01
C ASP B 83 -12.78 -14.74 7.77
N ALA B 84 -12.71 -13.62 7.06
CA ALA B 84 -13.51 -13.40 5.87
C ALA B 84 -12.72 -13.61 4.57
N ASN B 85 -11.58 -14.29 4.69
CA ASN B 85 -10.82 -14.69 3.51
C ASN B 85 -10.54 -16.20 3.43
N ILE B 86 -11.48 -16.99 3.94
CA ILE B 86 -11.47 -18.45 3.83
C ILE B 86 -11.81 -18.88 2.42
N GLN B 87 -11.17 -19.95 1.95
CA GLN B 87 -11.40 -20.45 0.58
C GLN B 87 -12.27 -21.72 0.57
N ASP B 88 -13.29 -21.73 -0.27
CA ASP B 88 -14.05 -22.96 -0.54
C ASP B 88 -13.31 -23.74 -1.61
N ASN B 89 -13.81 -24.93 -1.97
CA ASN B 89 -13.10 -25.80 -2.91
C ASN B 89 -12.87 -25.22 -4.31
N MET B 90 -13.65 -24.20 -4.64
CA MET B 90 -13.47 -23.42 -5.87
C MET B 90 -12.33 -22.43 -5.68
N GLY B 91 -12.00 -22.22 -4.42
CA GLY B 91 -10.99 -21.27 -4.04
C GLY B 91 -11.55 -19.86 -4.10
N ARG B 92 -12.71 -19.66 -3.50
CA ARG B 92 -13.29 -18.32 -3.43
C ARG B 92 -13.62 -17.88 -2.03
N THR B 93 -13.28 -16.63 -1.74
CA THR B 93 -13.59 -15.96 -0.49
C THR B 93 -15.06 -15.55 -0.52
N PRO B 94 -15.72 -15.51 0.66
CA PRO B 94 -17.10 -15.05 0.71
C PRO B 94 -17.41 -13.80 -0.15
N LEU B 95 -16.49 -12.84 -0.23
CA LEU B 95 -16.66 -11.72 -1.15
C LEU B 95 -16.96 -12.18 -2.59
N HIS B 96 -16.18 -13.11 -3.12
CA HIS B 96 -16.45 -13.70 -4.44
C HIS B 96 -17.91 -14.16 -4.53
N ALA B 97 -18.34 -14.89 -3.51
CA ALA B 97 -19.70 -15.42 -3.41
C ALA B 97 -20.66 -14.27 -3.46
N ALA B 98 -20.42 -13.28 -2.59
CA ALA B 98 -21.22 -12.08 -2.56
C ALA B 98 -21.37 -11.41 -3.95
N VAL B 99 -20.25 -11.23 -4.66
CA VAL B 99 -20.32 -10.64 -5.99
C VAL B 99 -21.14 -11.52 -6.92
N SER B 100 -20.81 -12.82 -6.92
CA SER B 100 -21.44 -13.79 -7.81
C SER B 100 -22.95 -13.80 -7.67
N ALA B 101 -23.38 -13.55 -6.43
CA ALA B 101 -24.78 -13.61 -6.02
C ALA B 101 -25.52 -12.28 -6.06
N ASP B 102 -24.92 -11.29 -6.72
CA ASP B 102 -25.40 -9.89 -6.74
C ASP B 102 -26.05 -9.51 -5.44
N ALA B 103 -25.32 -9.73 -4.34
CA ALA B 103 -25.85 -9.53 -2.98
C ALA B 103 -25.37 -8.20 -2.39
N GLN B 104 -25.87 -7.06 -2.91
CA GLN B 104 -25.30 -5.74 -2.57
C GLN B 104 -25.16 -5.63 -1.05
N GLY B 105 -26.17 -6.13 -0.34
CA GLY B 105 -26.20 -6.14 1.13
C GLY B 105 -24.89 -6.61 1.72
N VAL B 106 -24.68 -7.91 1.62
CA VAL B 106 -23.46 -8.56 2.15
C VAL B 106 -22.18 -7.97 1.56
N PHE B 107 -22.13 -7.88 0.24
CA PHE B 107 -21.04 -7.21 -0.46
C PHE B 107 -20.52 -6.02 0.32
N GLN B 108 -21.36 -4.96 0.36
CA GLN B 108 -21.10 -3.73 1.11
C GLN B 108 -20.47 -3.93 2.46
N ILE B 109 -20.94 -4.92 3.20
CA ILE B 109 -20.35 -5.23 4.48
C ILE B 109 -18.89 -5.55 4.25
N LEU B 110 -18.61 -6.60 3.47
CA LEU B 110 -17.25 -7.14 3.38
C LEU B 110 -16.24 -6.11 2.90
N ILE B 111 -16.64 -5.32 1.92
CA ILE B 111 -15.74 -4.33 1.33
C ILE B 111 -15.53 -3.13 2.30
N ARG B 112 -16.57 -2.78 3.07
CA ARG B 112 -16.44 -1.74 4.11
C ARG B 112 -15.52 -2.19 5.23
N ASN B 113 -15.41 -3.51 5.40
CA ASN B 113 -14.48 -4.16 6.36
C ASN B 113 -13.03 -4.19 5.85
N ARG B 114 -12.10 -3.75 6.68
CA ARG B 114 -10.70 -3.63 6.28
C ARG B 114 -9.95 -4.96 6.12
N ALA B 115 -10.28 -5.94 6.96
CA ALA B 115 -9.57 -7.22 6.94
C ALA B 115 -9.58 -7.88 5.54
N THR B 116 -10.72 -7.77 4.87
CA THR B 116 -11.07 -8.53 3.67
C THR B 116 -10.20 -8.30 2.44
N ASP B 117 -9.53 -9.36 1.98
CA ASP B 117 -8.73 -9.25 0.76
C ASP B 117 -9.63 -8.95 -0.43
N LEU B 118 -9.50 -7.73 -0.96
CA LEU B 118 -10.26 -7.31 -2.14
C LEU B 118 -9.70 -7.87 -3.43
N ASP B 119 -8.48 -8.36 -3.40
CA ASP B 119 -7.90 -8.80 -4.64
C ASP B 119 -7.66 -10.28 -4.68
N ALA B 120 -8.37 -11.00 -3.79
CA ALA B 120 -8.26 -12.45 -3.62
C ALA B 120 -8.57 -13.15 -4.90
N ARG B 121 -7.83 -14.22 -5.17
CA ARG B 121 -8.02 -14.97 -6.40
C ARG B 121 -8.67 -16.35 -6.16
N MET B 122 -9.18 -16.94 -7.25
CA MET B 122 -9.77 -18.28 -7.17
C MET B 122 -8.81 -19.30 -7.75
N HIS B 123 -9.23 -20.55 -7.82
CA HIS B 123 -8.35 -21.58 -8.38
C HIS B 123 -7.95 -21.27 -9.81
N ASP B 124 -8.78 -20.49 -10.49
CA ASP B 124 -8.48 -20.04 -11.85
C ASP B 124 -8.00 -18.62 -11.80
N GLY B 125 -7.83 -18.16 -10.57
CA GLY B 125 -7.29 -16.85 -10.28
C GLY B 125 -8.23 -15.72 -10.61
N THR B 126 -9.52 -15.92 -10.47
CA THR B 126 -10.42 -14.83 -10.73
C THR B 126 -10.58 -13.92 -9.48
N THR B 127 -10.41 -12.62 -9.72
CA THR B 127 -10.64 -11.57 -8.72
C THR B 127 -12.12 -11.20 -8.69
N PRO B 128 -12.62 -10.65 -7.55
CA PRO B 128 -14.02 -10.17 -7.55
C PRO B 128 -14.21 -9.07 -8.55
N LEU B 129 -13.18 -8.25 -8.71
CA LEU B 129 -13.14 -7.25 -9.77
C LEU B 129 -13.38 -7.88 -11.15
N ILE B 130 -12.99 -9.14 -11.34
CA ILE B 130 -13.26 -9.85 -12.61
C ILE B 130 -14.76 -10.25 -12.76
N LEU B 131 -15.26 -11.06 -11.82
CA LEU B 131 -16.66 -11.40 -11.79
C LEU B 131 -17.46 -10.13 -11.97
N ALA B 132 -17.27 -9.19 -11.06
CA ALA B 132 -17.95 -7.93 -11.13
C ALA B 132 -18.07 -7.48 -12.59
N ALA B 133 -16.96 -7.50 -13.33
CA ALA B 133 -16.95 -7.06 -14.72
C ALA B 133 -17.77 -7.93 -15.67
N ARG B 134 -17.65 -9.26 -15.54
CA ARG B 134 -18.34 -10.18 -16.50
C ARG B 134 -19.79 -10.43 -16.13
N LEU B 135 -20.05 -10.89 -14.91
CA LEU B 135 -21.41 -11.15 -14.39
C LEU B 135 -22.42 -9.98 -14.49
N ALA B 136 -22.01 -8.90 -15.15
CA ALA B 136 -22.80 -7.68 -15.30
C ALA B 136 -23.69 -7.40 -14.10
N VAL B 137 -23.11 -6.94 -13.00
CA VAL B 137 -23.87 -6.46 -11.86
C VAL B 137 -23.75 -4.92 -11.81
N GLU B 138 -24.67 -4.25 -11.10
CA GLU B 138 -24.67 -2.80 -11.02
C GLU B 138 -23.76 -2.36 -9.90
N GLY B 139 -23.11 -1.21 -10.05
CA GLY B 139 -22.32 -0.64 -8.97
C GLY B 139 -21.03 -1.38 -8.57
N MET B 140 -21.15 -2.61 -8.08
CA MET B 140 -20.03 -3.41 -7.53
C MET B 140 -18.65 -3.12 -8.10
N LEU B 141 -18.54 -3.12 -9.43
CA LEU B 141 -17.27 -2.83 -10.08
C LEU B 141 -16.67 -1.57 -9.52
N GLU B 142 -17.47 -0.50 -9.62
CA GLU B 142 -17.12 0.82 -9.08
C GLU B 142 -16.73 0.79 -7.59
N ASP B 143 -17.61 0.24 -6.75
CA ASP B 143 -17.34 0.20 -5.33
C ASP B 143 -16.01 -0.48 -5.04
N LEU B 144 -15.72 -1.59 -5.72
CA LEU B 144 -14.41 -2.24 -5.55
C LEU B 144 -13.29 -1.38 -6.04
N ILE B 145 -13.53 -0.65 -7.12
CA ILE B 145 -12.48 0.25 -7.61
C ILE B 145 -12.19 1.32 -6.57
N ASN B 146 -13.20 2.07 -6.17
CA ASN B 146 -13.08 3.10 -5.12
C ASN B 146 -12.45 2.58 -3.83
N SER B 147 -12.79 1.37 -3.41
CA SER B 147 -12.10 0.81 -2.26
C SER B 147 -10.64 0.36 -2.56
N HIS B 148 -10.18 0.65 -3.77
CA HIS B 148 -8.76 0.47 -4.16
C HIS B 148 -8.36 -0.98 -4.37
N ALA B 149 -9.16 -1.63 -5.20
CA ALA B 149 -8.83 -2.94 -5.70
C ALA B 149 -7.83 -2.77 -6.85
N ASP B 150 -6.94 -3.76 -6.98
CA ASP B 150 -5.93 -3.74 -8.01
C ASP B 150 -6.72 -3.83 -9.27
N VAL B 151 -6.75 -2.75 -10.02
CA VAL B 151 -7.54 -2.71 -11.24
C VAL B 151 -6.85 -3.49 -12.37
N ASN B 152 -5.53 -3.66 -12.28
CA ASN B 152 -4.84 -4.39 -13.31
C ASN B 152 -4.47 -5.81 -12.99
N ALA B 153 -4.90 -6.28 -11.82
CA ALA B 153 -4.82 -7.69 -11.41
C ALA B 153 -5.31 -8.64 -12.47
N VAL B 154 -4.67 -9.79 -12.64
CA VAL B 154 -5.14 -10.74 -13.66
C VAL B 154 -5.47 -12.16 -13.16
N ASP B 155 -6.37 -12.86 -13.87
CA ASP B 155 -6.57 -14.34 -13.68
C ASP B 155 -5.48 -15.22 -14.34
N ASP B 156 -5.49 -16.53 -14.08
CA ASP B 156 -4.45 -17.38 -14.63
C ASP B 156 -4.27 -17.25 -16.14
N LEU B 157 -5.27 -16.82 -16.87
CA LEU B 157 -5.08 -16.72 -18.31
C LEU B 157 -4.59 -15.33 -18.61
N GLY B 158 -4.32 -14.64 -17.51
CA GLY B 158 -3.75 -13.31 -17.51
C GLY B 158 -4.61 -12.27 -18.20
N LYS B 159 -5.91 -12.31 -17.95
CA LYS B 159 -6.84 -11.36 -18.50
C LYS B 159 -7.30 -10.47 -17.35
N SER B 160 -7.33 -9.18 -17.62
CA SER B 160 -7.73 -8.22 -16.59
C SER B 160 -9.22 -7.96 -16.70
N ALA B 161 -9.83 -7.40 -15.66
CA ALA B 161 -11.25 -7.10 -15.76
C ALA B 161 -11.56 -6.25 -16.99
N LEU B 162 -10.61 -5.43 -17.45
CA LEU B 162 -10.82 -4.64 -18.66
C LEU B 162 -10.98 -5.58 -19.80
N HIS B 163 -10.08 -6.54 -19.87
CA HIS B 163 -10.12 -7.62 -20.84
C HIS B 163 -11.53 -8.20 -20.86
N TRP B 164 -11.90 -8.89 -19.79
CA TRP B 164 -13.24 -9.48 -19.68
C TRP B 164 -14.40 -8.56 -20.06
N ALA B 165 -14.48 -7.40 -19.43
CA ALA B 165 -15.42 -6.37 -19.84
C ALA B 165 -15.46 -6.12 -21.35
N ALA B 166 -14.34 -6.28 -22.03
CA ALA B 166 -14.39 -6.13 -23.49
C ALA B 166 -14.86 -7.42 -24.17
N ALA B 167 -14.66 -8.53 -23.48
CA ALA B 167 -15.13 -9.77 -23.95
C ALA B 167 -16.65 -9.76 -23.88
N VAL B 168 -17.21 -9.33 -22.77
CA VAL B 168 -18.65 -9.36 -22.63
C VAL B 168 -19.32 -8.05 -23.07
N ASN B 169 -18.67 -7.33 -23.97
CA ASN B 169 -19.08 -5.96 -24.37
C ASN B 169 -19.74 -5.16 -23.27
N ASN B 170 -19.04 -4.99 -22.15
CA ASN B 170 -19.59 -4.32 -20.98
C ASN B 170 -19.14 -2.88 -20.93
N VAL B 171 -19.64 -2.07 -21.87
CA VAL B 171 -19.14 -0.72 -22.04
C VAL B 171 -18.94 0.06 -20.73
N ASP B 172 -19.98 0.06 -19.88
CA ASP B 172 -19.90 0.82 -18.63
C ASP B 172 -18.64 0.46 -17.86
N ALA B 173 -18.55 -0.80 -17.49
CA ALA B 173 -17.36 -1.33 -16.86
C ALA B 173 -16.08 -0.75 -17.48
N ALA B 174 -15.97 -0.85 -18.79
CA ALA B 174 -14.74 -0.52 -19.48
C ALA B 174 -14.39 0.96 -19.26
N VAL B 175 -15.39 1.82 -19.27
CA VAL B 175 -15.15 3.24 -19.07
C VAL B 175 -14.68 3.53 -17.67
N VAL B 176 -15.48 3.22 -16.65
CA VAL B 176 -15.00 3.27 -15.30
C VAL B 176 -13.59 2.71 -15.18
N LEU B 177 -13.36 1.50 -15.64
CA LEU B 177 -12.01 0.91 -15.58
C LEU B 177 -10.96 1.73 -16.29
N LEU B 178 -11.31 2.41 -17.36
CA LEU B 178 -10.27 3.13 -18.06
C LEU B 178 -9.86 4.32 -17.23
N LYS B 179 -10.87 5.05 -16.75
CA LYS B 179 -10.68 6.22 -15.89
C LYS B 179 -10.19 5.83 -14.50
N ASN B 180 -9.62 4.65 -14.34
CA ASN B 180 -8.99 4.34 -13.08
C ASN B 180 -7.73 3.55 -13.29
N GLY B 181 -6.87 4.11 -14.12
CA GLY B 181 -5.60 3.47 -14.44
C GLY B 181 -5.87 2.49 -15.56
N ALA B 182 -5.83 1.19 -15.22
CA ALA B 182 -6.19 0.13 -16.16
C ALA B 182 -5.34 0.16 -17.39
N ASN B 183 -4.45 -0.78 -17.49
CA ASN B 183 -3.66 -0.82 -18.66
C ASN B 183 -4.59 -1.15 -19.83
N LYS B 184 -4.77 -0.19 -20.73
CA LYS B 184 -5.68 -0.39 -21.86
C LYS B 184 -5.04 -1.26 -22.92
N ASP B 185 -3.73 -1.50 -22.79
CA ASP B 185 -3.07 -2.28 -23.81
C ASP B 185 -2.39 -3.49 -23.26
N MET B 186 -2.81 -3.86 -22.05
CA MET B 186 -2.34 -5.06 -21.42
C MET B 186 -2.48 -6.23 -22.35
N GLN B 187 -1.64 -7.24 -22.16
CA GLN B 187 -1.83 -8.51 -22.88
C GLN B 187 -2.10 -9.67 -21.93
N ASN B 188 -2.55 -10.79 -22.46
CA ASN B 188 -2.80 -11.97 -21.64
C ASN B 188 -1.95 -13.06 -22.17
N ASN B 189 -1.86 -14.18 -21.48
CA ASN B 189 -1.00 -15.20 -22.04
C ASN B 189 -1.56 -15.80 -23.29
N ARG B 190 -1.96 -14.93 -24.21
CA ARG B 190 -2.07 -15.23 -25.62
C ARG B 190 -1.78 -13.96 -26.35
N GLU B 191 -1.19 -12.99 -25.65
CA GLU B 191 -0.82 -11.68 -26.22
C GLU B 191 -2.04 -10.95 -26.77
N GLU B 192 -3.15 -11.05 -26.06
CA GLU B 192 -4.39 -10.46 -26.53
C GLU B 192 -4.69 -9.13 -25.81
N THR B 193 -4.56 -8.03 -26.55
CA THR B 193 -5.04 -6.73 -26.12
C THR B 193 -6.56 -6.82 -25.82
N PRO B 194 -7.08 -6.04 -24.84
CA PRO B 194 -8.51 -6.22 -24.69
C PRO B 194 -9.25 -5.71 -25.91
N LEU B 195 -8.73 -4.69 -26.59
CA LEU B 195 -9.28 -4.35 -27.90
C LEU B 195 -9.45 -5.61 -28.74
N PHE B 196 -8.55 -6.56 -28.60
CA PHE B 196 -8.64 -7.82 -29.38
C PHE B 196 -9.91 -8.59 -29.03
N LEU B 197 -9.98 -9.17 -27.82
CA LEU B 197 -11.17 -9.87 -27.35
C LEU B 197 -12.43 -9.17 -27.79
N ALA B 198 -12.52 -7.87 -27.62
CA ALA B 198 -13.63 -7.15 -28.19
C ALA B 198 -13.79 -7.57 -29.66
N ALA B 199 -12.88 -7.12 -30.52
CA ALA B 199 -12.89 -7.51 -31.95
C ALA B 199 -13.13 -8.99 -32.30
N ARG B 200 -12.74 -9.92 -31.43
CA ARG B 200 -13.06 -11.31 -31.64
C ARG B 200 -14.56 -11.44 -31.46
N GLU B 201 -15.01 -11.31 -30.21
CA GLU B 201 -16.42 -11.42 -29.79
C GLU B 201 -17.26 -10.46 -30.63
N GLY B 202 -16.58 -9.50 -31.24
CA GLY B 202 -17.21 -8.49 -32.05
C GLY B 202 -18.05 -7.50 -31.28
N SER B 203 -17.85 -7.44 -29.97
CA SER B 203 -18.52 -6.49 -29.15
C SER B 203 -18.01 -5.08 -29.46
N TYR B 204 -18.79 -4.36 -30.27
CA TYR B 204 -18.40 -3.16 -31.01
C TYR B 204 -18.35 -1.94 -30.17
N GLU B 205 -19.26 -1.86 -29.20
CA GLU B 205 -19.45 -0.64 -28.41
C GLU B 205 -18.28 -0.45 -27.47
N THR B 206 -17.96 -1.50 -26.70
CA THR B 206 -16.78 -1.45 -25.86
C THR B 206 -15.58 -1.18 -26.73
N ALA B 207 -15.58 -1.71 -27.94
CA ALA B 207 -14.48 -1.50 -28.86
C ALA B 207 -14.26 -0.04 -29.20
N LYS B 208 -15.32 0.65 -29.61
CA LYS B 208 -15.26 2.09 -29.86
C LYS B 208 -14.65 2.83 -28.67
N VAL B 209 -14.92 2.34 -27.47
CA VAL B 209 -14.46 3.00 -26.29
C VAL B 209 -12.94 2.87 -26.09
N LEU B 210 -12.35 1.72 -26.39
CA LEU B 210 -10.91 1.66 -26.27
C LEU B 210 -10.30 2.38 -27.46
N LEU B 211 -10.80 2.17 -28.66
CA LEU B 211 -10.34 3.03 -29.75
C LEU B 211 -10.44 4.49 -29.32
N ASP B 212 -11.26 4.73 -28.31
CA ASP B 212 -11.56 6.07 -27.85
C ASP B 212 -10.53 6.61 -26.93
N HIS B 213 -10.01 5.77 -26.07
CA HIS B 213 -8.85 6.16 -25.27
C HIS B 213 -7.53 5.82 -25.96
N PHE B 214 -7.63 5.75 -27.28
CA PHE B 214 -6.63 5.19 -28.16
C PHE B 214 -5.95 3.98 -27.54
N ALA B 215 -6.59 2.82 -27.62
CA ALA B 215 -5.85 1.60 -27.39
C ALA B 215 -5.08 1.42 -28.65
N ASN B 216 -3.97 0.72 -28.52
CA ASN B 216 -3.13 0.47 -29.64
C ASN B 216 -3.78 -0.63 -30.41
N ARG B 217 -4.15 -0.29 -31.63
CA ARG B 217 -4.87 -1.25 -32.43
C ARG B 217 -3.93 -2.23 -33.14
N ASP B 218 -2.65 -1.89 -33.17
CA ASP B 218 -1.61 -2.67 -33.83
C ASP B 218 -0.99 -3.78 -32.99
N ILE B 219 -1.06 -3.71 -31.67
CA ILE B 219 -0.63 -4.87 -30.87
C ILE B 219 -1.46 -6.05 -31.32
N THR B 220 -0.77 -7.14 -31.65
CA THR B 220 -1.40 -8.33 -32.18
C THR B 220 -1.70 -9.35 -31.06
N ASP B 221 -1.95 -10.61 -31.44
CA ASP B 221 -2.09 -11.75 -30.48
C ASP B 221 -0.81 -12.51 -30.52
N HIS B 222 -0.76 -13.66 -29.87
CA HIS B 222 0.45 -14.47 -29.90
C HIS B 222 0.54 -15.33 -31.14
N MET B 223 -0.05 -14.89 -32.24
CA MET B 223 0.05 -15.62 -33.48
C MET B 223 0.06 -14.61 -34.60
N ASP B 224 0.36 -13.37 -34.23
CA ASP B 224 0.61 -12.28 -35.17
C ASP B 224 -0.58 -11.83 -36.05
N ARG B 225 -1.77 -12.26 -35.63
CA ARG B 225 -3.05 -11.72 -36.08
C ARG B 225 -3.45 -10.41 -35.35
N LEU B 226 -3.58 -9.31 -36.13
CA LEU B 226 -4.08 -8.03 -35.62
C LEU B 226 -5.48 -8.26 -35.01
N PRO B 227 -5.97 -7.35 -34.13
CA PRO B 227 -7.39 -7.51 -33.80
C PRO B 227 -8.22 -7.32 -35.07
N ARG B 228 -7.90 -6.29 -35.82
CA ARG B 228 -8.39 -6.10 -37.16
C ARG B 228 -8.65 -7.39 -37.94
N ASP B 229 -7.95 -8.48 -37.60
CA ASP B 229 -8.03 -9.71 -38.39
C ASP B 229 -9.05 -10.64 -37.84
N ILE B 230 -8.96 -10.94 -36.55
CA ILE B 230 -9.93 -11.84 -35.95
C ILE B 230 -11.36 -11.30 -36.14
N ALA B 231 -11.46 -10.03 -36.52
CA ALA B 231 -12.72 -9.44 -36.94
C ALA B 231 -13.06 -10.02 -38.28
N GLN B 232 -12.50 -9.46 -39.35
CA GLN B 232 -12.53 -10.06 -40.70
C GLN B 232 -12.96 -11.52 -40.76
N GLU B 233 -12.23 -12.33 -40.01
CA GLU B 233 -12.44 -13.75 -39.90
C GLU B 233 -13.85 -14.07 -39.37
N ARG B 234 -14.16 -13.66 -38.13
CA ARG B 234 -15.45 -13.94 -37.46
C ARG B 234 -16.62 -13.19 -38.10
N MET B 235 -16.28 -12.39 -39.11
CA MET B 235 -17.24 -11.79 -40.01
C MET B 235 -17.93 -10.58 -39.40
N HIS B 236 -17.32 -9.98 -38.39
CA HIS B 236 -17.77 -8.68 -37.88
C HIS B 236 -17.23 -7.54 -38.73
N HIS B 237 -18.01 -7.09 -39.69
CA HIS B 237 -17.49 -6.13 -40.64
C HIS B 237 -17.62 -4.76 -40.04
N ASP B 238 -18.38 -4.68 -38.96
CA ASP B 238 -18.53 -3.40 -38.34
C ASP B 238 -17.26 -3.12 -37.60
N ILE B 239 -16.98 -3.95 -36.59
CA ILE B 239 -15.74 -3.87 -35.87
C ILE B 239 -14.58 -3.68 -36.82
N VAL B 240 -14.59 -4.33 -37.98
CA VAL B 240 -13.58 -4.04 -38.99
C VAL B 240 -13.64 -2.56 -39.37
N ARG B 241 -14.78 -2.11 -39.84
CA ARG B 241 -14.83 -0.75 -40.41
C ARG B 241 -14.31 0.26 -39.40
N LEU B 242 -14.53 -0.07 -38.14
CA LEU B 242 -14.17 0.80 -37.05
C LEU B 242 -12.67 0.74 -36.88
N LEU B 243 -12.09 -0.45 -36.92
CA LEU B 243 -10.66 -0.58 -36.82
C LEU B 243 -9.94 0.00 -38.05
N ASP B 244 -10.58 -0.05 -39.22
CA ASP B 244 -9.93 0.47 -40.39
C ASP B 244 -9.92 1.96 -40.36
N GLU B 245 -10.94 2.56 -39.75
CA GLU B 245 -11.26 3.99 -39.99
C GLU B 245 -11.72 4.88 -38.81
N TYR B 246 -11.39 4.56 -37.57
CA TYR B 246 -11.91 5.39 -36.48
C TYR B 246 -10.82 5.79 -35.51
N ASN B 247 -10.42 7.08 -35.57
CA ASN B 247 -9.24 7.66 -34.88
C ASN B 247 -7.92 7.81 -35.71
N LEU B 248 -6.92 6.95 -35.45
CA LEU B 248 -5.63 6.97 -36.17
C LEU B 248 -4.72 8.20 -35.88
N HIS C 5 -38.36 -7.19 -1.44
CA HIS C 5 -38.62 -7.14 -2.92
C HIS C 5 -38.69 -5.71 -3.52
N SER C 6 -39.14 -5.64 -4.78
CA SER C 6 -39.06 -4.45 -5.65
C SER C 6 -37.82 -3.54 -5.46
N ALA C 7 -37.28 -3.51 -4.24
CA ALA C 7 -35.96 -2.93 -4.02
C ALA C 7 -35.01 -3.78 -4.84
N VAL C 8 -34.87 -5.05 -4.44
CA VAL C 8 -33.98 -6.02 -5.09
C VAL C 8 -34.58 -6.55 -6.37
N MET C 9 -35.90 -6.70 -6.37
CA MET C 9 -36.54 -7.37 -7.49
C MET C 9 -36.40 -6.54 -8.73
N GLU C 10 -36.64 -5.23 -8.60
CA GLU C 10 -36.42 -4.36 -9.73
C GLU C 10 -34.95 -4.35 -10.17
N ARG C 11 -34.05 -4.57 -9.23
CA ARG C 11 -32.61 -4.65 -9.55
C ARG C 11 -32.27 -5.96 -10.27
N LEU C 12 -32.82 -7.07 -9.78
CA LEU C 12 -32.58 -8.38 -10.38
C LEU C 12 -33.25 -8.51 -11.77
N ARG C 13 -34.48 -8.02 -11.89
CA ARG C 13 -35.12 -7.96 -13.21
C ARG C 13 -34.20 -7.22 -14.19
N ARG C 14 -33.54 -6.17 -13.70
CA ARG C 14 -32.74 -5.30 -14.55
C ARG C 14 -31.44 -5.99 -14.96
N ARG C 15 -30.85 -6.75 -14.02
CA ARG C 15 -29.61 -7.47 -14.32
C ARG C 15 -29.86 -8.53 -15.38
N ILE C 16 -30.75 -9.47 -15.04
CA ILE C 16 -31.15 -10.57 -15.92
C ILE C 16 -31.47 -10.03 -17.33
N GLU C 17 -32.19 -8.92 -17.40
CA GLU C 17 -32.47 -8.29 -18.66
C GLU C 17 -31.20 -7.99 -19.41
N LEU C 18 -30.14 -7.63 -18.70
CA LEU C 18 -28.87 -7.27 -19.40
C LEU C 18 -28.30 -8.46 -20.15
N CYS C 19 -28.09 -9.54 -19.40
CA CYS C 19 -27.66 -10.81 -19.94
C CYS C 19 -28.54 -11.25 -21.09
N ARG C 20 -29.85 -11.30 -20.79
CA ARG C 20 -30.89 -11.61 -21.75
C ARG C 20 -30.69 -10.80 -23.03
N ARG C 21 -30.77 -9.48 -22.90
CA ARG C 21 -30.63 -8.62 -24.07
C ARG C 21 -29.36 -8.89 -24.81
N HIS C 22 -28.27 -9.06 -24.05
CA HIS C 22 -26.94 -9.24 -24.62
C HIS C 22 -27.01 -10.51 -25.42
N HIS C 23 -27.25 -11.61 -24.69
CA HIS C 23 -27.29 -12.93 -25.30
C HIS C 23 -28.01 -12.90 -26.64
N SER C 24 -29.23 -12.37 -26.61
CA SER C 24 -29.95 -12.06 -27.82
C SER C 24 -29.02 -11.48 -28.93
N THR C 25 -28.47 -10.28 -28.75
CA THR C 25 -27.71 -9.58 -29.80
C THR C 25 -26.57 -10.42 -30.34
N CYS C 26 -26.02 -11.26 -29.47
CA CYS C 26 -24.95 -12.17 -29.86
C CYS C 26 -25.50 -13.26 -30.75
N GLU C 27 -26.40 -14.07 -30.21
CA GLU C 27 -26.94 -15.27 -30.89
C GLU C 27 -27.66 -14.89 -32.15
N ALA C 28 -27.55 -13.63 -32.54
CA ALA C 28 -28.32 -13.14 -33.64
C ALA C 28 -27.41 -12.64 -34.71
N ARG C 29 -26.20 -12.25 -34.31
CA ARG C 29 -25.15 -11.88 -35.24
C ARG C 29 -24.58 -13.20 -35.75
N TYR C 30 -24.29 -14.10 -34.83
CA TYR C 30 -23.64 -15.37 -35.14
C TYR C 30 -24.41 -16.14 -36.21
N GLU C 31 -25.74 -16.20 -36.00
CA GLU C 31 -26.69 -16.80 -36.95
C GLU C 31 -26.70 -16.08 -38.30
N ALA C 32 -26.59 -14.75 -38.27
CA ALA C 32 -26.70 -13.95 -39.46
C ALA C 32 -25.46 -14.07 -40.30
N VAL C 33 -24.30 -14.08 -39.68
CA VAL C 33 -23.05 -14.13 -40.45
C VAL C 33 -22.75 -15.55 -40.96
N SER C 34 -23.30 -16.57 -40.30
CA SER C 34 -22.85 -17.97 -40.50
C SER C 34 -22.92 -18.55 -41.93
N PRO C 35 -24.01 -18.30 -42.68
CA PRO C 35 -23.94 -18.43 -44.13
C PRO C 35 -22.61 -17.96 -44.74
N GLU C 36 -22.45 -16.65 -44.93
CA GLU C 36 -21.20 -16.11 -45.42
C GLU C 36 -19.96 -16.72 -44.75
N ARG C 37 -20.10 -17.17 -43.51
CA ARG C 37 -18.94 -17.63 -42.76
C ARG C 37 -18.62 -19.10 -43.06
N LEU C 38 -19.65 -19.91 -43.18
CA LEU C 38 -19.51 -21.29 -43.62
C LEU C 38 -18.90 -21.38 -45.04
N GLU C 39 -18.75 -20.23 -45.69
CA GLU C 39 -18.44 -20.17 -47.12
C GLU C 39 -16.96 -20.25 -47.50
N LEU C 40 -16.07 -19.78 -46.64
CA LEU C 40 -14.66 -20.07 -46.82
C LEU C 40 -14.35 -21.44 -46.18
N GLU C 41 -15.41 -22.14 -45.73
CA GLU C 41 -15.29 -23.48 -45.13
C GLU C 41 -15.78 -24.56 -46.08
N ARG C 42 -16.77 -24.22 -46.91
CA ARG C 42 -17.18 -25.08 -48.02
C ARG C 42 -16.12 -25.03 -49.12
N GLN C 43 -16.01 -23.88 -49.79
CA GLN C 43 -15.03 -23.72 -50.84
C GLN C 43 -13.67 -24.32 -50.50
N HIS C 44 -13.35 -24.40 -49.20
CA HIS C 44 -12.13 -25.05 -48.76
C HIS C 44 -12.24 -26.57 -48.68
N THR C 45 -13.33 -27.09 -48.09
CA THR C 45 -13.58 -28.55 -48.03
C THR C 45 -13.76 -29.18 -49.40
N PHE C 46 -13.73 -28.34 -50.43
CA PHE C 46 -13.96 -28.77 -51.80
C PHE C 46 -12.65 -29.11 -52.47
N ALA C 47 -11.93 -28.11 -52.97
CA ALA C 47 -10.66 -28.34 -53.68
C ALA C 47 -9.59 -29.01 -52.77
N LEU C 48 -10.05 -29.51 -51.63
CA LEU C 48 -9.26 -30.32 -50.71
C LEU C 48 -9.77 -31.75 -50.70
N HIS C 49 -11.06 -31.92 -50.99
CA HIS C 49 -11.68 -33.25 -51.19
C HIS C 49 -11.18 -33.93 -52.48
N GLN C 50 -10.96 -33.13 -53.53
CA GLN C 50 -10.26 -33.57 -54.74
C GLN C 50 -8.75 -33.78 -54.48
N ARG C 51 -8.46 -34.64 -53.50
CA ARG C 51 -7.12 -34.95 -53.03
C ARG C 51 -7.31 -36.05 -52.00
N CYS C 52 -8.44 -35.99 -51.31
CA CYS C 52 -8.89 -37.05 -50.43
C CYS C 52 -9.28 -38.22 -51.31
N ILE C 53 -9.74 -37.91 -52.52
CA ILE C 53 -10.28 -38.93 -53.41
C ILE C 53 -9.29 -39.55 -54.42
N GLN C 54 -8.22 -38.84 -54.79
CA GLN C 54 -7.17 -39.40 -55.68
C GLN C 54 -5.96 -39.99 -54.95
N ALA C 55 -5.98 -39.95 -53.61
CA ALA C 55 -5.04 -40.71 -52.80
C ALA C 55 -5.77 -41.95 -52.26
N LYS C 56 -7.08 -42.00 -52.51
CA LYS C 56 -7.87 -43.22 -52.38
C LYS C 56 -7.71 -44.01 -53.69
N ALA C 57 -7.46 -43.29 -54.78
CA ALA C 57 -7.18 -43.86 -56.11
C ALA C 57 -5.71 -44.33 -56.29
N LYS C 58 -4.94 -44.29 -55.20
CA LYS C 58 -3.59 -44.86 -55.14
C LYS C 58 -3.53 -46.03 -54.15
N ARG C 59 -4.56 -46.11 -53.29
CA ARG C 59 -4.76 -47.21 -52.31
C ARG C 59 -3.51 -47.66 -51.56
N PRO D 5 12.79 27.87 56.50
CA PRO D 5 11.35 27.62 56.57
C PRO D 5 10.85 26.57 55.54
N PRO D 6 10.26 25.42 56.01
CA PRO D 6 9.77 24.33 55.13
C PRO D 6 8.73 24.75 54.06
N PRO D 7 8.75 24.10 52.86
CA PRO D 7 8.01 24.57 51.67
C PRO D 7 6.50 24.48 51.80
N LYS D 8 5.80 25.55 51.43
CA LYS D 8 4.34 25.60 51.62
C LYS D 8 3.57 25.47 50.30
N ARG D 9 2.97 24.31 50.08
CA ARG D 9 2.07 24.09 48.94
C ARG D 9 1.04 25.21 48.87
N LEU D 10 0.84 25.76 47.68
CA LEU D 10 -0.11 26.86 47.48
C LEU D 10 -1.47 26.45 47.98
N THR D 11 -2.29 27.44 48.35
CA THR D 11 -3.57 27.16 48.98
C THR D 11 -4.74 27.72 48.19
N ARG D 12 -5.89 27.09 48.38
CA ARG D 12 -7.15 27.55 47.83
C ARG D 12 -7.29 29.08 47.95
N GLU D 13 -6.60 29.63 48.95
CA GLU D 13 -6.64 31.05 49.27
C GLU D 13 -5.64 31.83 48.41
N ALA D 14 -4.35 31.59 48.63
CA ALA D 14 -3.27 32.24 47.87
C ALA D 14 -3.65 32.44 46.41
N MET D 15 -4.28 31.42 45.85
CA MET D 15 -4.74 31.44 44.47
C MET D 15 -5.77 32.56 44.21
N ARG D 16 -6.97 32.48 44.80
CA ARG D 16 -8.05 33.45 44.50
C ARG D 16 -7.56 34.90 44.58
N ASN D 17 -6.50 35.11 45.39
CA ASN D 17 -5.74 36.38 45.50
C ASN D 17 -4.47 36.37 44.62
N TYR D 18 -4.66 35.87 43.41
CA TYR D 18 -3.71 35.98 42.32
C TYR D 18 -4.58 36.18 41.08
N LEU D 19 -5.73 35.54 41.07
CA LEU D 19 -6.69 35.77 40.00
C LEU D 19 -7.27 37.16 40.12
N LYS D 20 -7.02 37.83 41.25
CA LYS D 20 -7.29 39.26 41.39
C LYS D 20 -6.02 40.10 41.08
N GLU D 21 -4.93 39.83 41.79
CA GLU D 21 -3.66 40.52 41.54
C GLU D 21 -3.17 40.30 40.10
N ARG D 22 -2.74 39.09 39.79
CA ARG D 22 -2.07 38.78 38.51
C ARG D 22 -0.75 39.52 38.44
N GLY D 23 -0.08 39.60 39.59
CA GLY D 23 1.18 40.30 39.71
C GLY D 23 2.39 39.51 39.25
N ASP D 24 2.38 39.14 37.97
CA ASP D 24 3.40 38.24 37.36
C ASP D 24 4.78 38.83 37.21
N GLN D 25 5.78 38.15 37.78
CA GLN D 25 7.12 38.21 37.21
C GLN D 25 7.05 37.52 35.82
N THR D 26 7.98 37.86 34.91
CA THR D 26 8.14 37.19 33.58
C THR D 26 9.47 37.56 32.86
N VAL D 27 10.35 36.59 32.64
CA VAL D 27 11.48 36.77 31.72
C VAL D 27 10.92 36.81 30.29
N LEU D 28 11.80 36.88 29.30
CA LEU D 28 11.42 37.02 27.89
C LEU D 28 12.64 37.21 26.98
N ILE D 29 13.36 36.15 26.69
CA ILE D 29 14.50 36.20 25.77
C ILE D 29 14.11 36.32 24.27
N LEU D 30 14.62 37.38 23.62
CA LEU D 30 14.58 37.53 22.14
C LEU D 30 15.93 37.11 21.57
N HIS D 31 15.94 36.68 20.30
CA HIS D 31 17.18 36.15 19.70
C HIS D 31 17.01 35.63 18.27
N ALA D 32 18.13 35.64 17.55
CA ALA D 32 18.19 35.22 16.15
C ALA D 32 18.14 33.69 16.03
N LYS D 33 17.56 33.18 14.93
CA LYS D 33 17.42 31.72 14.70
C LYS D 33 18.71 31.06 14.30
N VAL D 34 19.64 31.85 13.77
CA VAL D 34 20.93 31.31 13.33
C VAL D 34 22.08 32.09 13.99
N ALA D 35 23.27 31.50 13.95
CA ALA D 35 24.47 32.16 14.41
C ALA D 35 25.65 31.65 13.61
N GLN D 36 26.39 32.57 12.97
CA GLN D 36 27.57 32.23 12.14
C GLN D 36 28.76 31.71 12.92
N LYS D 37 29.32 30.62 12.43
CA LYS D 37 30.47 29.95 13.04
C LYS D 37 31.63 30.94 13.15
N SER D 38 32.60 30.67 14.02
CA SER D 38 33.78 31.55 14.16
C SER D 38 35.14 30.82 14.14
N TYR D 39 35.60 30.48 12.92
CA TYR D 39 36.82 29.68 12.65
C TYR D 39 38.12 30.19 13.28
N GLY D 40 38.77 29.35 14.06
CA GLY D 40 40.05 29.67 14.71
C GLY D 40 40.02 30.91 15.58
N ASN D 41 41.09 31.69 15.53
CA ASN D 41 41.29 32.86 16.42
C ASN D 41 40.24 33.99 16.37
N GLU D 42 39.44 34.03 15.32
CA GLU D 42 38.46 35.13 15.11
C GLU D 42 37.30 35.19 16.10
N LYS D 43 36.30 36.03 15.83
CA LYS D 43 35.21 36.25 16.77
C LYS D 43 33.90 36.83 16.20
N ARG D 44 33.19 36.13 15.33
CA ARG D 44 31.95 36.73 14.80
C ARG D 44 30.84 36.86 15.85
N PHE D 45 30.45 38.08 16.15
CA PHE D 45 29.39 38.31 17.13
C PHE D 45 27.98 38.07 16.57
N PHE D 46 27.04 37.72 17.46
CA PHE D 46 25.64 37.49 17.09
C PHE D 46 25.00 38.81 16.69
N CYS D 47 24.74 38.93 15.39
CA CYS D 47 24.65 40.24 14.75
C CYS D 47 23.32 41.00 14.89
N PRO D 48 22.24 40.30 15.28
CA PRO D 48 21.35 40.99 16.20
C PRO D 48 21.76 40.37 17.51
N PRO D 49 21.91 41.18 18.58
CA PRO D 49 22.39 40.58 19.82
C PRO D 49 21.24 40.08 20.69
N PRO D 50 21.41 38.89 21.30
CA PRO D 50 20.37 38.25 22.09
C PRO D 50 19.95 39.16 23.23
N CYS D 51 18.65 39.43 23.30
CA CYS D 51 18.15 40.57 24.04
C CYS D 51 17.15 40.20 25.16
N VAL D 52 17.68 40.07 26.38
CA VAL D 52 16.94 39.58 27.54
C VAL D 52 15.97 40.60 28.18
N TYR D 53 14.76 40.77 27.64
CA TYR D 53 13.75 41.64 28.29
C TYR D 53 13.28 41.06 29.61
N LEU D 54 12.25 41.67 30.20
CA LEU D 54 11.92 41.38 31.59
C LEU D 54 10.61 42.05 31.99
N MET D 55 9.56 41.75 31.23
CA MET D 55 8.24 42.37 31.41
C MET D 55 7.52 41.92 32.68
N GLY D 56 6.30 42.42 32.86
CA GLY D 56 5.47 41.99 33.99
C GLY D 56 5.47 42.84 35.24
N SER D 57 4.28 43.35 35.55
CA SER D 57 4.06 44.26 36.66
C SER D 57 4.13 43.54 37.99
N GLY D 58 5.33 43.12 38.35
CA GLY D 58 5.50 42.31 39.54
C GLY D 58 6.95 42.05 39.86
N TRP D 59 7.83 42.52 38.98
CA TRP D 59 9.24 42.59 39.27
C TRP D 59 9.43 43.67 40.32
N LYS D 60 8.61 44.71 40.14
CA LYS D 60 8.48 45.82 41.09
C LYS D 60 8.05 45.31 42.48
N LYS D 61 6.90 44.63 42.56
CA LYS D 61 6.46 43.95 43.80
C LYS D 61 7.58 43.14 44.47
N LYS D 62 8.49 42.59 43.68
CA LYS D 62 9.57 41.81 44.24
C LYS D 62 10.72 42.68 44.75
N LYS D 63 10.93 43.86 44.13
CA LYS D 63 11.80 44.91 44.73
C LYS D 63 11.21 45.45 46.06
N GLU D 64 9.92 45.81 46.02
CA GLU D 64 9.15 46.27 47.20
C GLU D 64 9.22 45.31 48.40
N GLN D 65 8.60 44.13 48.26
CA GLN D 65 8.62 43.08 49.31
C GLN D 65 10.03 42.83 49.91
N MET D 66 11.05 42.81 49.05
CA MET D 66 12.42 42.46 49.47
C MET D 66 13.00 43.49 50.43
N GLU D 67 13.08 44.74 49.95
CA GLU D 67 13.65 45.84 50.74
C GLU D 67 12.91 46.03 52.08
N ARG D 68 11.57 45.97 52.02
CA ARG D 68 10.68 45.95 53.21
C ARG D 68 10.90 44.74 54.13
N ASP D 69 12.13 44.23 54.14
CA ASP D 69 12.55 43.08 54.95
C ASP D 69 13.93 43.35 55.48
N GLY D 70 14.53 44.42 54.96
CA GLY D 70 15.95 44.74 55.17
C GLY D 70 16.79 44.33 53.97
N CYS D 71 16.61 45.04 52.84
CA CYS D 71 17.35 44.75 51.60
C CYS D 71 17.84 45.98 50.82
N SER D 72 19.12 45.91 50.42
CA SER D 72 19.81 46.98 49.66
C SER D 72 19.11 47.31 48.36
N GLU D 73 19.40 48.48 47.81
CA GLU D 73 19.12 48.80 46.41
C GLU D 73 20.05 47.95 45.55
N GLN D 74 21.12 47.51 46.20
CA GLN D 74 22.11 46.60 45.65
C GLN D 74 21.61 45.14 45.74
N GLU D 75 20.79 44.87 46.76
CA GLU D 75 20.32 43.50 47.02
C GLU D 75 19.17 43.09 46.10
N SER D 76 18.14 43.93 46.01
CA SER D 76 17.00 43.64 45.13
C SER D 76 17.33 44.00 43.68
N GLN D 77 18.61 43.82 43.33
CA GLN D 77 19.12 43.97 41.97
C GLN D 77 19.15 42.61 41.22
N PRO D 78 18.14 42.36 40.36
CA PRO D 78 18.22 41.18 39.52
C PRO D 78 19.58 41.13 38.83
N CYS D 79 20.27 40.00 38.89
CA CYS D 79 21.65 39.93 38.40
C CYS D 79 21.93 38.79 37.38
N ALA D 80 21.74 39.09 36.09
CA ALA D 80 21.78 38.12 34.99
C ALA D 80 23.13 37.88 34.31
N PHE D 81 23.32 36.66 33.82
CA PHE D 81 24.50 36.26 33.05
C PHE D 81 24.01 35.42 31.89
N ILE D 82 24.54 35.65 30.69
CA ILE D 82 24.20 34.82 29.54
C ILE D 82 25.36 33.92 29.18
N GLY D 83 25.12 32.99 28.26
CA GLY D 83 26.12 32.03 27.85
C GLY D 83 25.56 31.04 26.87
N ILE D 84 26.41 30.63 25.93
CA ILE D 84 26.06 29.58 24.99
C ILE D 84 26.04 28.22 25.68
N GLY D 85 26.55 28.18 26.92
CA GLY D 85 26.71 26.92 27.67
C GLY D 85 27.71 26.02 26.97
N ASN D 86 28.24 25.03 27.70
CA ASN D 86 29.32 24.13 27.20
C ASN D 86 30.55 24.84 26.62
N SER D 87 31.30 25.48 27.52
CA SER D 87 32.49 26.24 27.14
C SER D 87 33.45 26.42 28.32
N ASP D 88 34.69 26.78 28.01
CA ASP D 88 35.65 27.23 29.01
C ASP D 88 35.71 28.75 29.04
N GLN D 89 34.99 29.39 28.12
CA GLN D 89 34.90 30.85 28.01
C GLN D 89 34.26 31.47 29.25
N GLU D 90 33.62 30.63 30.06
CA GLU D 90 32.76 31.06 31.15
C GLU D 90 31.60 31.92 30.62
N MET D 91 30.92 32.63 31.49
CA MET D 91 29.75 33.37 31.07
C MET D 91 30.05 34.85 31.03
N GLN D 92 29.10 35.62 30.52
CA GLN D 92 29.26 37.05 30.41
C GLN D 92 28.08 37.77 31.05
N GLN D 93 28.40 38.72 31.91
CA GLN D 93 27.39 39.40 32.71
C GLN D 93 26.54 40.26 31.83
N LEU D 94 25.34 40.55 32.29
CA LEU D 94 24.51 41.56 31.65
C LEU D 94 24.26 42.70 32.61
N ASN D 95 24.31 43.93 32.09
CA ASN D 95 24.01 45.10 32.90
C ASN D 95 22.51 45.42 32.87
N LEU D 96 21.79 44.79 33.80
CA LEU D 96 20.37 44.99 34.00
C LEU D 96 20.07 46.20 34.88
N GLU D 97 21.12 46.98 35.16
CA GLU D 97 21.01 48.20 35.94
C GLU D 97 20.25 49.26 35.13
N GLY D 98 19.62 50.21 35.84
CA GLY D 98 18.88 51.29 35.21
C GLY D 98 17.65 50.79 34.46
N LYS D 99 17.81 50.60 33.16
CA LYS D 99 16.76 50.02 32.31
C LYS D 99 16.58 48.50 32.56
N ASN D 100 15.38 48.00 32.28
CA ASN D 100 15.01 46.59 32.55
C ASN D 100 15.47 45.54 31.51
N TYR D 101 15.60 45.96 30.25
CA TYR D 101 16.15 45.12 29.17
C TYR D 101 17.69 45.07 29.21
N CYS D 102 18.30 44.37 28.24
CA CYS D 102 19.76 44.31 28.08
C CYS D 102 20.11 43.47 26.87
N THR D 103 21.34 43.65 26.37
CA THR D 103 21.82 42.97 25.15
C THR D 103 23.26 42.50 25.33
N ALA D 104 23.59 41.33 24.75
CA ALA D 104 24.94 40.76 24.83
C ALA D 104 25.61 40.72 23.45
N LYS D 105 26.25 41.84 23.10
CA LYS D 105 26.70 42.06 21.73
C LYS D 105 28.12 41.58 21.45
N THR D 106 28.73 40.87 22.41
CA THR D 106 30.00 40.16 22.17
C THR D 106 29.95 38.63 22.45
N LEU D 107 28.92 37.99 21.88
CA LEU D 107 28.74 36.53 21.95
C LEU D 107 29.08 35.86 20.63
N TYR D 108 29.84 34.78 20.69
CA TYR D 108 30.29 34.11 19.49
C TYR D 108 30.28 32.60 19.66
N ILE D 109 30.89 31.88 18.72
CA ILE D 109 30.91 30.42 18.75
C ILE D 109 32.17 29.89 18.07
N SER D 110 33.08 29.34 18.87
CA SER D 110 34.41 28.88 18.42
C SER D 110 34.39 27.90 17.25
N ASP D 111 35.56 27.66 16.66
CA ASP D 111 35.73 26.55 15.71
C ASP D 111 35.77 25.21 16.48
N SER D 112 36.13 25.33 17.76
CA SER D 112 36.19 24.22 18.72
C SER D 112 34.86 24.05 19.47
N ASP D 113 33.77 24.09 18.71
CA ASP D 113 32.45 23.77 19.22
C ASP D 113 31.76 22.97 18.10
N LYS D 114 31.97 21.66 18.12
CA LYS D 114 31.52 20.77 17.04
C LYS D 114 29.99 20.79 16.82
N ARG D 115 29.24 21.09 17.86
CA ARG D 115 27.78 21.02 17.85
C ARG D 115 27.08 21.81 16.75
N LYS D 116 26.44 21.10 15.83
CA LYS D 116 25.71 21.72 14.73
C LYS D 116 24.40 22.42 15.15
N HIS D 117 24.16 22.53 16.46
CA HIS D 117 23.08 23.38 17.01
C HIS D 117 23.47 23.78 18.43
N PHE D 118 22.75 24.73 19.03
CA PHE D 118 23.10 25.24 20.36
C PHE D 118 21.99 26.08 21.00
N MET D 119 22.17 26.35 22.30
CA MET D 119 21.19 27.12 23.11
C MET D 119 21.78 28.16 24.08
N LEU D 120 21.11 29.32 24.15
CA LEU D 120 21.52 30.38 25.06
C LEU D 120 20.89 30.16 26.41
N SER D 121 21.72 30.11 27.46
CA SER D 121 21.22 29.98 28.84
C SER D 121 21.43 31.23 29.70
N VAL D 122 20.32 31.81 30.16
CA VAL D 122 20.32 33.07 30.89
C VAL D 122 20.19 32.88 32.44
N LYS D 123 21.30 32.49 33.07
CA LYS D 123 21.41 32.33 34.53
C LYS D 123 20.94 33.61 35.27
N MET D 124 20.47 33.51 36.50
CA MET D 124 19.97 34.69 37.23
C MET D 124 19.77 34.45 38.72
N PHE D 125 19.95 35.52 39.49
CA PHE D 125 19.72 35.53 40.94
C PHE D 125 19.58 36.96 41.45
N TYR D 126 18.98 37.14 42.61
CA TYR D 126 19.06 38.43 43.29
C TYR D 126 20.42 38.56 44.01
N GLY D 127 20.96 39.79 44.05
CA GLY D 127 22.25 40.12 44.69
C GLY D 127 22.58 39.35 45.97
N ASN D 128 21.54 39.11 46.78
CA ASN D 128 21.67 38.41 48.06
C ASN D 128 22.05 36.92 48.00
N SER D 129 22.48 36.45 46.82
CA SER D 129 22.67 35.02 46.47
C SER D 129 21.34 34.24 46.29
N ASP D 130 20.22 34.88 46.67
CA ASP D 130 18.86 34.33 46.49
C ASP D 130 18.63 34.01 45.02
N ASP D 131 18.47 32.71 44.73
CA ASP D 131 18.49 32.19 43.37
C ASP D 131 17.16 32.37 42.60
N ILE D 132 17.26 32.42 41.26
CA ILE D 132 16.05 32.45 40.39
C ILE D 132 16.11 31.56 39.15
N GLY D 133 17.29 30.99 38.89
CA GLY D 133 17.44 29.85 37.96
C GLY D 133 17.77 30.19 36.53
N VAL D 134 18.11 29.16 35.75
CA VAL D 134 18.51 29.28 34.33
C VAL D 134 17.30 29.38 33.39
N PHE D 135 17.36 30.28 32.42
CA PHE D 135 16.36 30.36 31.34
C PHE D 135 16.92 29.99 29.98
N LEU D 136 16.12 29.36 29.13
CA LEU D 136 16.68 28.84 27.89
C LEU D 136 16.03 29.44 26.67
N SER D 137 16.87 29.65 25.65
CA SER D 137 16.48 30.23 24.37
C SER D 137 15.91 29.15 23.49
N LYS D 138 15.12 29.55 22.50
CA LYS D 138 14.45 28.58 21.67
C LYS D 138 15.36 28.08 20.55
N ARG D 139 16.33 27.19 20.86
CA ARG D 139 17.14 26.44 19.86
C ARG D 139 17.78 27.30 18.76
N ILE D 140 19.10 27.35 18.70
CA ILE D 140 19.73 28.11 17.60
C ILE D 140 20.66 27.24 16.74
N LYS D 141 20.67 27.52 15.42
CA LYS D 141 21.39 26.70 14.43
C LYS D 141 22.72 27.30 13.96
N VAL D 142 23.85 26.64 14.23
CA VAL D 142 25.13 27.05 13.61
C VAL D 142 25.01 27.03 12.10
N ILE D 143 25.50 28.08 11.43
CA ILE D 143 25.86 27.98 10.01
C ILE D 143 27.31 28.40 9.76
N SER D 144 27.81 28.09 8.57
CA SER D 144 29.20 28.34 8.24
C SER D 144 29.38 29.65 7.45
N LYS D 145 28.28 30.14 6.86
CA LYS D 145 28.28 31.31 5.97
C LYS D 145 26.89 31.50 5.35
N PRO D 146 26.36 32.74 5.33
CA PRO D 146 25.06 32.95 4.72
C PRO D 146 24.97 32.25 3.36
N SER D 147 23.98 31.36 3.23
CA SER D 147 23.89 30.46 2.08
C SER D 147 23.04 31.02 0.95
N LYS D 148 23.71 31.56 -0.07
CA LYS D 148 23.06 32.05 -1.31
C LYS D 148 22.61 30.88 -2.22
N LYS D 149 21.36 30.43 -2.05
CA LYS D 149 20.86 29.21 -2.73
C LYS D 149 19.63 29.48 -3.55
N LYS D 150 19.68 29.04 -4.80
CA LYS D 150 18.54 29.12 -5.73
C LYS D 150 17.49 28.02 -5.42
N GLN D 151 16.34 28.08 -6.11
CA GLN D 151 15.00 27.59 -5.64
C GLN D 151 14.77 26.20 -4.98
N SER D 152 15.82 25.40 -4.82
CA SER D 152 15.72 24.14 -4.06
C SER D 152 15.51 24.40 -2.55
N LEU D 153 14.28 24.23 -2.10
CA LEU D 153 13.90 24.39 -0.68
C LEU D 153 14.31 23.17 0.19
N LYS D 154 15.55 22.68 -0.01
CA LYS D 154 16.03 21.43 0.61
C LYS D 154 16.25 21.54 2.11
N ASN D 155 16.92 22.59 2.54
CA ASN D 155 17.17 22.81 3.97
C ASN D 155 15.95 23.40 4.69
N ALA D 156 15.20 24.25 3.99
CA ALA D 156 13.91 24.80 4.45
C ALA D 156 13.99 25.62 5.73
N ASP D 157 14.77 25.12 6.69
CA ASP D 157 15.05 25.76 7.98
C ASP D 157 15.68 27.15 7.80
N LEU D 158 16.52 27.26 6.76
CA LEU D 158 17.23 28.49 6.37
C LEU D 158 16.35 29.50 5.62
N CYS D 159 15.42 29.01 4.80
CA CYS D 159 14.54 29.88 4.02
C CYS D 159 13.55 30.61 4.93
N ILE D 160 13.55 31.94 4.86
CA ILE D 160 12.58 32.73 5.63
C ILE D 160 11.20 32.50 5.04
N ALA D 161 10.33 31.89 5.85
CA ALA D 161 8.96 31.59 5.46
C ALA D 161 8.05 32.77 5.78
N SER D 162 6.85 32.77 5.19
CA SER D 162 5.84 33.79 5.49
C SER D 162 5.52 33.82 7.00
N GLY D 163 4.77 34.83 7.45
CA GLY D 163 4.36 34.88 8.85
C GLY D 163 5.43 35.02 9.92
N THR D 164 6.64 34.50 9.69
CA THR D 164 7.69 34.52 10.73
C THR D 164 8.14 35.94 11.09
N LYS D 165 8.40 36.17 12.38
CA LYS D 165 8.99 37.43 12.80
C LYS D 165 10.49 37.46 12.45
N VAL D 166 10.91 38.57 11.85
CA VAL D 166 12.28 38.78 11.43
C VAL D 166 12.79 40.16 11.89
N ALA D 167 14.06 40.21 12.27
CA ALA D 167 14.73 41.46 12.60
C ALA D 167 15.80 41.67 11.54
N LEU D 168 15.90 42.91 11.06
CA LEU D 168 16.88 43.29 10.03
C LEU D 168 17.76 44.45 10.50
N PHE D 169 19.06 44.31 10.28
CA PHE D 169 20.02 45.31 10.73
C PHE D 169 20.86 45.90 9.61
N ASN D 170 21.38 47.11 9.87
CA ASN D 170 22.28 47.78 8.94
C ASN D 170 23.63 48.10 9.54
N ARG D 171 24.66 47.55 8.92
CA ARG D 171 26.04 47.87 9.26
C ARG D 171 26.65 48.38 7.97
N LEU D 172 27.70 49.21 8.06
CA LEU D 172 28.21 49.96 6.90
C LEU D 172 29.70 49.81 6.61
N ARG D 173 29.99 49.71 5.31
CA ARG D 173 31.36 49.74 4.74
C ARG D 173 32.30 48.65 5.27
N SER D 174 31.81 47.90 6.25
CA SER D 174 32.50 46.73 6.82
C SER D 174 33.13 47.02 8.19
N GLN D 175 32.52 47.94 8.95
CA GLN D 175 33.03 48.26 10.29
C GLN D 175 32.11 48.01 11.51
N THR D 176 32.62 47.12 12.37
CA THR D 176 31.97 46.58 13.59
C THR D 176 31.03 47.50 14.40
N VAL D 177 31.41 48.76 14.51
CA VAL D 177 30.81 49.69 15.47
C VAL D 177 29.52 50.37 14.98
N SER D 178 29.38 50.52 13.66
CA SER D 178 28.28 51.30 13.04
C SER D 178 26.89 50.73 13.26
N THR D 179 26.84 49.39 13.32
CA THR D 179 25.62 48.58 13.44
C THR D 179 24.40 49.29 14.02
N ARG D 180 23.34 49.39 13.22
CA ARG D 180 22.09 50.04 13.62
C ARG D 180 20.91 49.22 13.09
N TYR D 181 19.95 48.91 13.97
CA TYR D 181 18.84 48.00 13.64
C TYR D 181 17.53 48.74 13.57
N LEU D 182 16.70 48.39 12.58
CA LEU D 182 15.37 48.99 12.47
C LEU D 182 14.58 48.72 13.75
N HIS D 183 14.45 49.76 14.57
CA HIS D 183 13.64 49.68 15.77
C HIS D 183 12.60 50.79 15.78
N VAL D 184 11.58 50.61 16.61
CA VAL D 184 10.52 51.60 16.79
C VAL D 184 10.63 52.32 18.15
N GLU D 185 10.88 53.63 18.12
CA GLU D 185 10.87 54.48 19.33
C GLU D 185 9.53 55.22 19.54
N GLY D 186 8.61 54.56 20.26
CA GLY D 186 7.30 55.12 20.60
C GLY D 186 6.26 55.04 19.49
N GLY D 187 6.72 55.05 18.23
CA GLY D 187 5.85 55.10 17.06
C GLY D 187 6.57 55.66 15.85
N ASN D 188 7.79 56.14 16.08
CA ASN D 188 8.65 56.63 15.00
C ASN D 188 9.91 55.81 14.74
N PHE D 189 9.84 55.01 13.67
CA PHE D 189 10.91 54.12 13.20
C PHE D 189 12.26 54.84 13.18
N HIS D 190 13.28 54.21 13.77
CA HIS D 190 14.64 54.75 13.76
C HIS D 190 15.67 53.65 13.53
N ALA D 191 16.92 53.91 13.88
CA ALA D 191 17.98 52.89 13.80
C ALA D 191 18.92 52.93 15.01
N SER D 192 18.49 52.29 16.11
CA SER D 192 19.28 52.24 17.34
C SER D 192 20.49 51.32 17.20
N SER D 193 21.53 51.57 17.99
CA SER D 193 22.64 50.63 18.13
C SER D 193 22.58 49.97 19.50
N GLN D 194 21.36 50.01 20.07
CA GLN D 194 21.03 49.42 21.37
C GLN D 194 19.78 48.54 21.28
N GLN D 195 18.79 49.02 20.53
CA GLN D 195 17.48 48.40 20.47
C GLN D 195 17.17 47.83 19.09
N TRP D 196 16.63 46.61 19.06
CA TRP D 196 16.12 46.04 17.81
C TRP D 196 14.74 45.42 18.00
N GLY D 197 13.82 45.80 17.11
CA GLY D 197 12.46 45.28 17.10
C GLY D 197 12.32 44.09 16.17
N ALA D 198 11.29 43.29 16.40
CA ALA D 198 11.02 42.13 15.56
C ALA D 198 9.69 42.32 14.84
N PHE D 199 9.75 42.19 13.52
CA PHE D 199 8.61 42.46 12.66
C PHE D 199 8.17 41.17 11.98
N PHE D 200 6.86 41.00 11.81
CA PHE D 200 6.32 39.87 11.09
C PHE D 200 6.42 40.14 9.59
N ILE D 201 6.89 39.12 8.85
CA ILE D 201 7.14 39.25 7.42
C ILE D 201 6.00 38.57 6.60
N HIS D 202 4.82 39.18 6.64
CA HIS D 202 3.65 38.66 5.94
C HIS D 202 3.79 38.81 4.43
N LEU D 203 3.27 37.85 3.66
CA LEU D 203 3.33 37.88 2.18
C LEU D 203 2.06 38.47 1.56
N LEU D 204 2.17 38.99 0.32
CA LEU D 204 1.03 39.64 -0.36
C LEU D 204 0.92 39.30 -1.87
N ASP D 205 -0.10 39.88 -2.51
CA ASP D 205 -0.38 39.70 -3.95
C ASP D 205 0.44 40.64 -4.86
N ASP D 206 0.93 40.10 -6.00
CA ASP D 206 1.66 40.90 -7.02
C ASP D 206 0.81 42.06 -7.56
N ASP D 207 -0.45 41.79 -7.91
CA ASP D 207 -1.43 42.83 -8.28
C ASP D 207 -2.17 43.31 -7.03
N GLU D 208 -2.34 44.64 -6.92
CA GLU D 208 -2.69 45.29 -5.65
C GLU D 208 -4.00 46.12 -5.63
N SER D 209 -4.70 46.06 -4.48
CA SER D 209 -5.77 47.01 -4.14
C SER D 209 -5.22 48.09 -3.20
N GLU D 210 -6.07 48.67 -2.34
CA GLU D 210 -5.62 49.76 -1.44
C GLU D 210 -4.55 49.34 -0.40
N GLY D 211 -3.99 50.34 0.30
CA GLY D 211 -2.89 50.14 1.26
C GLY D 211 -3.28 49.64 2.65
N GLU D 212 -4.53 49.18 2.80
CA GLU D 212 -5.05 48.53 4.02
C GLU D 212 -5.65 47.14 3.71
N GLU D 213 -6.64 46.70 4.52
CA GLU D 213 -7.37 45.42 4.36
C GLU D 213 -6.46 44.21 4.11
N PHE D 214 -5.22 44.33 4.61
CA PHE D 214 -4.11 43.38 4.45
C PHE D 214 -4.48 41.87 4.54
N THR D 215 -4.66 41.22 3.40
CA THR D 215 -4.94 39.77 3.34
C THR D 215 -3.68 38.94 2.98
N VAL D 216 -3.33 37.99 3.86
CA VAL D 216 -2.03 37.27 3.81
C VAL D 216 -2.02 36.01 2.90
N ARG D 217 -0.82 35.48 2.63
CA ARG D 217 -0.65 34.25 1.84
C ARG D 217 0.25 33.21 2.52
N ASP D 218 0.35 32.04 1.88
CA ASP D 218 1.12 30.91 2.40
C ASP D 218 2.54 30.86 1.80
N GLY D 219 3.22 29.73 1.99
CA GLY D 219 4.51 29.46 1.37
C GLY D 219 5.68 30.29 1.86
N TYR D 220 6.85 29.99 1.30
CA TYR D 220 8.07 30.73 1.60
C TYR D 220 8.09 32.10 0.91
N ILE D 221 9.04 32.94 1.31
CA ILE D 221 9.21 34.27 0.70
C ILE D 221 10.39 34.30 -0.29
N HIS D 222 10.09 34.72 -1.52
CA HIS D 222 11.06 34.84 -2.58
C HIS D 222 11.29 36.33 -2.90
N TYR D 223 12.51 36.69 -3.27
CA TYR D 223 12.85 38.07 -3.62
C TYR D 223 11.94 38.60 -4.71
N GLY D 224 11.48 39.83 -4.53
CA GLY D 224 10.63 40.44 -5.53
C GLY D 224 9.22 40.55 -5.03
N GLN D 225 8.83 39.67 -4.10
CA GLN D 225 7.47 39.72 -3.54
C GLN D 225 7.18 41.03 -2.83
N THR D 226 5.88 41.29 -2.63
CA THR D 226 5.42 42.40 -1.84
C THR D 226 5.14 41.88 -0.41
N VAL D 227 5.73 42.57 0.57
CA VAL D 227 5.70 42.17 1.98
C VAL D 227 5.54 43.39 2.92
N LYS D 228 4.39 43.47 3.58
CA LYS D 228 4.19 44.43 4.67
C LYS D 228 4.88 43.85 5.91
N LEU D 229 5.31 44.71 6.84
CA LEU D 229 5.82 44.24 8.14
C LEU D 229 5.21 44.96 9.34
N VAL D 230 4.50 44.18 10.18
CA VAL D 230 3.88 44.70 11.39
C VAL D 230 4.76 44.38 12.61
N CYS D 231 5.03 45.40 13.42
CA CYS D 231 5.80 45.24 14.63
C CYS D 231 4.88 44.70 15.72
N SER D 232 5.35 43.67 16.41
CA SER D 232 4.69 43.21 17.63
C SER D 232 4.88 44.24 18.74
N VAL D 233 6.00 44.99 18.71
CA VAL D 233 6.36 46.01 19.73
C VAL D 233 5.40 47.21 19.80
N THR D 234 5.36 48.06 18.77
CA THR D 234 4.38 49.17 18.78
C THR D 234 3.02 48.81 18.12
N GLY D 235 2.98 47.72 17.35
CA GLY D 235 1.77 47.36 16.60
C GLY D 235 1.80 47.96 15.21
N MET D 236 2.60 49.02 15.05
CA MET D 236 2.71 49.81 13.81
C MET D 236 3.14 48.96 12.60
N ALA D 237 2.87 49.48 11.40
CA ALA D 237 3.22 48.83 10.12
C ALA D 237 3.83 49.83 9.13
N LEU D 238 4.87 49.40 8.42
CA LEU D 238 5.46 50.18 7.33
C LEU D 238 4.68 49.96 6.05
N PRO D 239 4.63 51.00 5.15
CA PRO D 239 3.94 50.88 3.86
C PRO D 239 4.35 49.62 3.10
N ARG D 240 3.56 49.23 2.11
CA ARG D 240 3.81 48.01 1.33
C ARG D 240 5.21 48.09 0.65
N LEU D 241 6.12 47.18 1.03
CA LEU D 241 7.48 47.19 0.48
C LEU D 241 7.72 46.04 -0.49
N ILE D 242 8.75 46.16 -1.32
CA ILE D 242 9.10 45.08 -2.25
C ILE D 242 10.55 44.69 -2.01
N ILE D 243 10.73 43.45 -1.55
CA ILE D 243 12.07 42.94 -1.23
C ILE D 243 12.80 42.49 -2.49
N ARG D 244 14.03 42.99 -2.64
CA ARG D 244 14.88 42.56 -3.74
C ARG D 244 16.30 42.31 -3.24
N LYS D 245 17.00 41.39 -3.90
CA LYS D 245 18.36 41.02 -3.53
C LYS D 245 19.32 42.20 -3.64
N VAL D 246 20.56 42.05 -3.17
CA VAL D 246 21.61 43.06 -3.39
C VAL D 246 23.02 42.46 -3.57
N ASP D 247 23.70 42.91 -4.62
CA ASP D 247 25.11 42.58 -4.89
C ASP D 247 25.92 43.86 -5.16
N LYS D 248 26.98 44.09 -4.36
CA LYS D 248 27.79 45.32 -4.38
C LYS D 248 26.96 46.61 -4.49
N GLN D 249 26.18 46.90 -3.44
CA GLN D 249 25.21 48.02 -3.38
C GLN D 249 24.42 48.29 -4.67
N THR D 250 24.03 47.21 -5.37
CA THR D 250 23.10 47.28 -6.53
C THR D 250 21.92 46.30 -6.37
N ALA D 251 20.71 46.85 -6.37
CA ALA D 251 19.48 46.09 -6.08
C ALA D 251 18.83 45.42 -7.31
N LEU D 252 19.31 44.23 -7.67
CA LEU D 252 18.82 43.50 -8.85
C LEU D 252 17.30 43.28 -8.78
N LEU D 253 16.55 43.94 -9.65
CA LEU D 253 15.07 43.87 -9.63
C LEU D 253 14.49 42.48 -9.92
N ASP D 254 15.19 41.71 -10.74
CA ASP D 254 14.73 40.37 -11.16
C ASP D 254 15.46 39.25 -10.44
N ALA D 255 15.26 39.18 -9.13
CA ALA D 255 15.73 38.06 -8.32
C ALA D 255 14.54 37.14 -8.01
N ASP D 256 14.54 35.96 -8.64
CA ASP D 256 13.43 35.02 -8.54
C ASP D 256 13.66 33.90 -7.50
N ASP D 257 14.81 33.95 -6.81
CA ASP D 257 15.15 32.97 -5.77
C ASP D 257 14.56 33.35 -4.40
N PRO D 258 14.47 32.36 -3.46
CA PRO D 258 13.87 32.57 -2.14
C PRO D 258 14.85 33.13 -1.13
N VAL D 259 14.38 34.07 -0.31
CA VAL D 259 15.18 34.75 0.70
C VAL D 259 15.80 33.73 1.67
N SER D 260 17.12 33.55 1.59
CA SER D 260 17.83 32.70 2.56
C SER D 260 18.26 33.50 3.79
N GLN D 261 18.79 32.82 4.80
CA GLN D 261 19.05 33.42 6.11
C GLN D 261 20.34 34.23 6.10
N LEU D 262 20.27 35.41 6.73
CA LEU D 262 21.36 36.42 6.76
C LEU D 262 21.74 36.92 5.36
N HIS D 263 20.75 37.44 4.64
CA HIS D 263 20.93 37.91 3.27
C HIS D 263 20.76 39.42 3.17
N LYS D 264 21.61 40.08 2.37
CA LYS D 264 21.51 41.52 2.15
C LYS D 264 20.35 41.77 1.18
N CYS D 265 19.64 42.87 1.35
CA CYS D 265 18.51 43.21 0.47
C CYS D 265 18.12 44.70 0.53
N ALA D 266 17.03 45.05 -0.15
CA ALA D 266 16.51 46.41 -0.14
C ALA D 266 14.99 46.46 -0.35
N PHE D 267 14.35 47.49 0.21
CA PHE D 267 12.89 47.62 0.22
C PHE D 267 12.35 48.78 -0.62
N TYR D 268 11.88 48.46 -1.82
CA TYR D 268 11.23 49.43 -2.69
C TYR D 268 9.84 49.73 -2.14
N LEU D 269 9.64 50.95 -1.67
CA LEU D 269 8.30 51.45 -1.35
C LEU D 269 7.48 51.39 -2.64
N LYS D 270 6.38 50.62 -2.63
CA LYS D 270 5.49 50.51 -3.80
C LYS D 270 4.97 51.87 -4.22
N ASP D 271 4.95 52.11 -5.53
CA ASP D 271 4.29 53.28 -6.11
C ASP D 271 4.75 54.62 -5.49
N THR D 272 6.07 54.83 -5.40
CA THR D 272 6.67 56.09 -4.87
C THR D 272 7.82 56.66 -5.74
N GLU D 273 7.74 56.41 -7.05
CA GLU D 273 8.83 56.64 -8.02
C GLU D 273 9.84 55.48 -7.91
N ARG D 274 11.12 55.81 -7.76
CA ARG D 274 12.14 54.77 -7.66
C ARG D 274 12.72 54.76 -6.26
N MET D 275 11.98 55.37 -5.33
CA MET D 275 12.36 55.46 -3.92
C MET D 275 12.41 54.08 -3.22
N TYR D 276 13.33 53.94 -2.28
CA TYR D 276 13.53 52.73 -1.45
C TYR D 276 13.52 53.15 0.04
N LEU D 277 13.69 52.20 0.96
CA LEU D 277 13.86 52.57 2.38
C LEU D 277 15.34 52.50 2.76
N CYS D 278 15.82 53.56 3.42
CA CYS D 278 17.26 53.75 3.63
C CYS D 278 17.64 54.23 5.02
N LEU D 279 18.81 53.77 5.47
CA LEU D 279 19.37 54.10 6.78
C LEU D 279 19.78 55.55 6.84
N SER D 280 19.33 56.19 7.91
CA SER D 280 19.70 57.56 8.17
C SER D 280 20.80 57.55 9.21
N GLN D 281 21.87 58.29 8.92
CA GLN D 281 22.93 58.54 9.90
C GLN D 281 22.27 59.37 11.01
N GLU D 282 20.97 59.10 11.20
CA GLU D 282 20.04 59.78 12.11
C GLU D 282 18.72 58.97 12.20
N ARG D 283 17.57 59.66 12.04
CA ARG D 283 16.22 59.05 12.10
C ARG D 283 15.74 58.70 10.68
N ILE D 284 15.13 57.52 10.53
CA ILE D 284 15.02 56.82 9.23
C ILE D 284 14.11 57.42 8.14
N ILE D 285 14.67 57.52 6.93
CA ILE D 285 13.95 58.05 5.75
C ILE D 285 14.03 57.15 4.51
N GLN D 286 13.60 57.70 3.37
CA GLN D 286 13.68 57.06 2.04
C GLN D 286 14.74 57.69 1.10
N PHE D 287 15.10 56.96 0.04
CA PHE D 287 16.19 57.34 -0.88
C PHE D 287 15.85 57.01 -2.34
N GLN D 288 16.31 57.83 -3.28
CA GLN D 288 15.91 57.69 -4.69
C GLN D 288 16.61 56.57 -5.48
N ALA D 289 17.79 56.15 -5.05
CA ALA D 289 18.62 55.19 -5.78
C ALA D 289 19.21 55.78 -7.06
N THR D 290 20.52 55.61 -7.24
CA THR D 290 21.29 56.19 -8.37
C THR D 290 20.77 55.72 -9.75
N PRO D 291 21.36 56.25 -10.86
CA PRO D 291 21.11 55.70 -12.21
C PRO D 291 21.29 54.18 -12.40
N CYS D 292 20.98 53.71 -13.61
CA CYS D 292 21.01 52.29 -13.96
C CYS D 292 21.26 52.13 -15.48
N PRO D 293 22.44 52.59 -15.97
CA PRO D 293 22.66 52.77 -17.41
C PRO D 293 23.19 51.53 -18.17
N LYS D 294 24.39 51.09 -17.83
CA LYS D 294 25.01 49.90 -18.46
C LYS D 294 24.26 48.59 -18.13
N GLU D 295 23.87 48.44 -16.86
CA GLU D 295 23.03 47.33 -16.39
C GLU D 295 21.56 47.83 -16.38
N PRO D 296 20.69 47.18 -17.18
CA PRO D 296 19.35 47.72 -17.51
C PRO D 296 18.32 47.77 -16.36
N ASN D 297 17.98 46.60 -15.81
CA ASN D 297 17.03 46.45 -14.69
C ASN D 297 17.72 46.32 -13.32
N LYS D 298 18.99 46.69 -13.27
CA LYS D 298 19.83 46.56 -12.07
C LYS D 298 20.22 47.94 -11.52
N GLU D 299 19.44 48.43 -10.56
CA GLU D 299 19.64 49.77 -9.96
C GLU D 299 20.78 49.79 -8.95
N MET D 300 21.62 50.82 -9.03
CA MET D 300 22.67 51.06 -8.03
C MET D 300 22.01 51.71 -6.80
N ILE D 301 22.53 51.39 -5.61
CA ILE D 301 21.88 51.79 -4.34
C ILE D 301 22.86 52.18 -3.21
N ASN D 302 22.31 52.91 -2.22
CA ASN D 302 23.06 53.48 -1.10
C ASN D 302 23.62 52.44 -0.10
N ASP D 303 24.59 52.87 0.71
CA ASP D 303 25.07 52.12 1.90
C ASP D 303 23.92 51.78 2.85
N GLY D 304 23.01 52.75 3.01
CA GLY D 304 21.95 52.71 4.00
C GLY D 304 20.66 52.02 3.61
N ALA D 305 20.44 51.79 2.31
CA ALA D 305 19.29 50.99 1.88
C ALA D 305 19.68 49.51 1.71
N SER D 306 20.86 49.15 2.21
CA SER D 306 21.37 47.78 2.19
C SER D 306 21.36 47.12 3.60
N TRP D 307 20.27 46.41 3.89
CA TRP D 307 20.04 45.73 5.17
C TRP D 307 20.43 44.25 5.15
N THR D 308 20.84 43.74 6.31
CA THR D 308 20.92 42.30 6.50
C THR D 308 19.67 41.85 7.29
N ILE D 309 19.12 40.71 6.88
CA ILE D 309 17.82 40.22 7.40
C ILE D 309 17.97 38.82 7.98
N ILE D 310 17.43 38.64 9.19
CA ILE D 310 17.52 37.37 9.90
C ILE D 310 16.17 37.07 10.58
N SER D 311 15.76 35.79 10.51
CA SER D 311 14.55 35.31 11.14
C SER D 311 14.81 35.18 12.65
N THR D 312 13.83 35.55 13.46
CA THR D 312 14.07 35.58 14.89
C THR D 312 13.15 34.63 15.69
N ASP D 313 13.27 34.69 17.01
CA ASP D 313 12.44 33.91 17.91
C ASP D 313 12.33 34.57 19.29
N LYS D 314 11.25 34.26 20.01
CA LYS D 314 11.08 34.68 21.40
C LYS D 314 11.01 33.43 22.28
N ALA D 315 11.29 33.61 23.56
CA ALA D 315 11.29 32.53 24.56
C ALA D 315 10.72 33.11 25.85
N GLU D 316 9.39 33.17 25.94
CA GLU D 316 8.70 33.69 27.11
C GLU D 316 8.63 32.67 28.29
N TYR D 317 8.40 33.17 29.50
CA TYR D 317 8.35 32.37 30.74
C TYR D 317 7.71 33.16 31.89
N THR D 318 6.43 32.98 32.15
CA THR D 318 5.85 33.67 33.31
C THR D 318 5.84 32.80 34.60
N PHE D 319 5.71 33.45 35.77
CA PHE D 319 5.82 32.74 37.06
C PHE D 319 5.70 33.68 38.28
N TYR D 320 4.76 33.35 39.16
CA TYR D 320 4.36 34.18 40.34
C TYR D 320 4.75 33.46 41.66
N GLU D 321 4.92 34.20 42.75
CA GLU D 321 5.47 33.61 43.98
C GLU D 321 4.45 33.10 44.99
N GLY D 322 3.16 33.21 44.65
CA GLY D 322 2.03 32.65 45.43
C GLY D 322 2.13 32.13 46.88
N MET D 323 3.36 31.98 47.40
CA MET D 323 3.63 31.60 48.80
C MET D 323 4.94 32.24 49.28
N GLY D 324 5.26 33.40 48.70
CA GLY D 324 6.48 34.14 49.03
C GLY D 324 7.74 33.38 48.67
N PRO D 325 8.91 33.87 49.13
CA PRO D 325 10.23 33.24 48.93
C PRO D 325 10.22 31.73 48.91
N VAL D 326 11.00 31.19 48.00
CA VAL D 326 11.17 29.76 47.85
C VAL D 326 12.68 29.58 47.66
N LEU D 327 13.27 28.61 48.35
CA LEU D 327 14.75 28.55 48.39
C LEU D 327 15.41 28.15 47.04
N ALA D 328 14.81 27.20 46.32
CA ALA D 328 15.39 26.70 45.08
C ALA D 328 14.91 27.48 43.87
N PRO D 329 15.64 27.39 42.75
CA PRO D 329 15.32 28.19 41.58
C PRO D 329 13.94 27.87 41.09
N VAL D 330 13.27 28.89 40.59
CA VAL D 330 11.91 28.76 40.07
C VAL D 330 11.85 28.14 38.68
N THR D 331 12.92 27.45 38.34
CA THR D 331 13.21 26.98 37.00
C THR D 331 13.40 25.49 37.12
N PRO D 332 13.13 24.69 36.06
CA PRO D 332 12.62 24.95 34.74
C PRO D 332 11.17 25.37 34.78
N VAL D 333 10.80 26.20 33.82
CA VAL D 333 9.49 26.81 33.81
C VAL D 333 8.57 26.16 32.79
N PRO D 334 7.44 25.65 33.28
CA PRO D 334 6.44 24.96 32.49
C PRO D 334 5.76 25.87 31.48
N VAL D 335 5.82 25.45 30.21
CA VAL D 335 5.15 26.14 29.11
C VAL D 335 4.25 25.15 28.35
N VAL D 336 3.03 25.62 28.04
CA VAL D 336 1.96 24.71 27.63
C VAL D 336 1.39 24.98 26.26
N GLU D 337 1.96 24.29 25.28
CA GLU D 337 1.55 24.39 23.87
C GLU D 337 0.09 24.04 23.61
N SER D 338 -0.37 22.90 24.12
CA SER D 338 -1.74 22.50 23.81
C SER D 338 -2.48 21.77 24.90
N LEU D 339 -3.80 21.92 24.86
CA LEU D 339 -4.67 21.37 25.87
C LEU D 339 -5.78 20.56 25.24
N GLN D 340 -5.68 19.24 25.42
CA GLN D 340 -6.58 18.27 24.81
C GLN D 340 -7.60 17.70 25.76
N LEU D 341 -8.78 17.53 25.24
CA LEU D 341 -9.84 16.99 26.03
C LEU D 341 -10.04 15.49 25.77
N ASN D 342 -9.48 14.63 26.62
CA ASN D 342 -9.71 13.19 26.57
C ASN D 342 -10.99 12.82 27.27
N GLY D 343 -11.79 11.96 26.67
CA GLY D 343 -13.01 11.50 27.33
C GLY D 343 -14.07 12.56 27.48
N GLY D 344 -15.13 12.21 28.20
CA GLY D 344 -16.33 13.05 28.35
C GLY D 344 -17.04 12.97 29.70
N GLY D 345 -17.63 14.11 30.10
CA GLY D 345 -18.43 14.21 31.33
C GLY D 345 -17.83 13.60 32.60
N ASP D 346 -18.49 12.56 33.14
CA ASP D 346 -18.13 12.02 34.47
C ASP D 346 -16.78 11.32 34.49
N VAL D 347 -16.28 10.98 33.29
CA VAL D 347 -14.93 10.45 33.14
C VAL D 347 -13.93 11.50 32.64
N ALA D 348 -14.44 12.62 32.09
CA ALA D 348 -13.62 13.68 31.48
C ALA D 348 -12.29 13.95 32.14
N MET D 349 -11.23 13.82 31.35
CA MET D 349 -9.90 14.27 31.70
C MET D 349 -9.38 15.25 30.64
N LEU D 350 -8.09 15.53 30.71
CA LEU D 350 -7.51 16.57 29.94
C LEU D 350 -6.06 16.21 29.80
N GLU D 351 -5.56 16.22 28.58
CA GLU D 351 -4.13 16.02 28.37
C GLU D 351 -3.41 17.32 28.02
N LEU D 352 -2.27 17.54 28.65
CA LEU D 352 -1.55 18.77 28.44
C LEU D 352 -0.22 18.41 27.82
N THR D 353 0.06 19.08 26.71
CA THR D 353 1.28 18.89 25.97
C THR D 353 1.96 20.23 25.99
N GLY D 354 3.24 20.22 26.33
CA GLY D 354 3.98 21.46 26.45
C GLY D 354 5.42 21.02 26.51
N GLN D 355 6.19 21.66 27.38
CA GLN D 355 7.58 21.20 27.61
C GLN D 355 8.06 21.71 28.94
N ASN D 356 9.19 21.13 29.39
CA ASN D 356 9.69 21.28 30.76
C ASN D 356 8.66 20.92 31.82
N PHE D 357 7.91 19.83 31.65
CA PHE D 357 7.04 19.48 32.75
C PHE D 357 7.85 18.71 33.76
N THR D 358 7.27 18.55 34.94
CA THR D 358 7.95 18.00 36.11
C THR D 358 6.90 17.37 37.01
N PRO D 359 7.25 16.27 37.67
CA PRO D 359 6.22 15.57 38.41
C PRO D 359 5.59 16.45 39.46
N ASN D 360 6.35 17.42 39.96
CA ASN D 360 5.93 18.30 41.08
C ASN D 360 5.02 19.49 40.70
N LEU D 361 4.12 19.28 39.76
CA LEU D 361 3.17 20.31 39.38
C LEU D 361 1.80 19.73 39.55
N ARG D 362 0.76 20.49 39.21
CA ARG D 362 -0.62 20.05 39.45
C ARG D 362 -1.42 21.13 38.79
N VAL D 363 -2.20 20.76 37.80
CA VAL D 363 -2.98 21.75 37.07
C VAL D 363 -4.22 22.15 37.84
N TRP D 364 -4.42 23.45 38.07
CA TRP D 364 -5.60 23.96 38.78
C TRP D 364 -6.61 24.53 37.84
N PHE D 365 -7.84 24.06 37.97
CA PHE D 365 -8.96 24.65 37.24
C PHE D 365 -9.47 25.79 38.09
N GLY D 366 -9.12 27.02 37.71
CA GLY D 366 -9.38 28.19 38.55
C GLY D 366 -8.72 27.99 39.90
N ASP D 367 -9.55 27.93 40.93
CA ASP D 367 -9.08 27.82 42.34
C ASP D 367 -9.18 26.40 42.92
N VAL D 368 -9.73 25.45 42.15
CA VAL D 368 -9.84 24.04 42.56
C VAL D 368 -8.68 23.24 42.00
N GLU D 369 -7.84 22.71 42.88
CA GLU D 369 -6.72 21.88 42.44
C GLU D 369 -7.31 20.57 41.93
N ALA D 370 -6.80 20.09 40.79
CA ALA D 370 -7.26 18.83 40.17
C ALA D 370 -6.13 17.84 40.17
N GLU D 371 -6.48 16.58 40.38
CA GLU D 371 -5.47 15.53 40.51
C GLU D 371 -4.71 15.42 39.21
N THR D 372 -3.40 15.33 39.34
CA THR D 372 -2.58 15.45 38.19
C THR D 372 -1.66 14.28 38.01
N MET D 373 -1.82 13.62 36.87
CA MET D 373 -0.91 12.57 36.45
C MET D 373 0.10 13.14 35.46
N TYR D 374 1.36 12.93 35.79
CA TYR D 374 2.47 13.35 34.98
C TYR D 374 2.86 12.20 34.06
N ARG D 375 2.68 12.35 32.75
CA ARG D 375 3.14 11.28 31.86
C ARG D 375 4.60 11.41 31.51
N CYS D 376 5.01 12.59 31.06
CA CYS D 376 6.44 12.87 30.88
C CYS D 376 6.66 14.35 30.58
N GLY D 377 7.93 14.77 30.69
CA GLY D 377 8.41 16.07 30.20
C GLY D 377 7.46 16.92 29.34
N GLU D 378 6.87 16.32 28.31
CA GLU D 378 6.14 17.13 27.37
C GLU D 378 4.65 16.81 27.28
N SER D 379 4.18 16.01 28.24
CA SER D 379 2.77 15.56 28.34
C SER D 379 2.34 15.42 29.79
N MET D 380 1.13 15.89 30.11
CA MET D 380 0.55 15.64 31.43
C MET D 380 -0.93 15.43 31.33
N LEU D 381 -1.51 14.93 32.42
CA LEU D 381 -2.91 14.52 32.46
C LEU D 381 -3.54 14.88 33.78
N CYS D 382 -4.76 15.36 33.71
CA CYS D 382 -5.47 15.72 34.95
C CYS D 382 -6.97 15.50 34.86
N VAL D 383 -7.61 15.36 36.02
CA VAL D 383 -9.02 15.01 36.02
C VAL D 383 -9.95 16.21 36.18
N VAL D 384 -10.56 16.60 35.06
CA VAL D 384 -11.56 17.64 35.01
C VAL D 384 -12.44 17.54 36.24
N PRO D 385 -12.29 18.46 37.22
CA PRO D 385 -13.09 18.35 38.46
C PRO D 385 -14.56 18.62 38.19
N ASP D 386 -15.44 18.11 39.04
CA ASP D 386 -16.89 18.22 38.81
C ASP D 386 -17.36 19.67 38.71
N ILE D 387 -18.41 19.94 37.93
CA ILE D 387 -18.88 21.32 37.79
C ILE D 387 -19.22 21.95 39.15
N SER D 388 -19.81 21.14 40.02
CA SER D 388 -20.09 21.55 41.39
C SER D 388 -18.81 21.74 42.21
N ALA D 389 -17.76 22.27 41.60
CA ALA D 389 -16.58 22.70 42.34
C ALA D 389 -16.55 24.20 42.22
N PHE D 390 -17.35 24.70 41.29
CA PHE D 390 -17.40 26.10 41.00
C PHE D 390 -18.78 26.63 41.32
N ARG D 391 -19.78 26.09 40.64
CA ARG D 391 -21.16 26.39 40.98
C ARG D 391 -21.64 25.30 41.92
N GLU D 392 -21.77 25.62 43.21
CA GLU D 392 -21.99 24.60 44.24
C GLU D 392 -23.31 23.83 44.12
N GLY D 393 -24.36 24.50 43.63
CA GLY D 393 -25.56 23.80 43.17
C GLY D 393 -25.28 23.00 41.90
N TRP D 394 -26.28 22.26 41.41
CA TRP D 394 -26.18 21.44 40.18
C TRP D 394 -25.34 20.16 40.32
N ARG D 395 -25.88 19.04 39.85
CA ARG D 395 -25.10 17.81 39.73
C ARG D 395 -24.58 17.70 38.30
N TRP D 396 -25.18 18.51 37.42
CA TRP D 396 -24.82 18.61 35.99
C TRP D 396 -24.39 20.02 35.55
N VAL D 397 -23.72 20.09 34.38
CA VAL D 397 -23.26 21.35 33.80
C VAL D 397 -24.42 21.99 33.06
N ARG D 398 -25.22 22.77 33.78
CA ARG D 398 -26.50 23.25 33.25
C ARG D 398 -26.39 24.34 32.21
N GLN D 399 -25.27 25.08 32.24
CA GLN D 399 -24.90 26.01 31.15
C GLN D 399 -23.51 26.65 31.28
N PRO D 400 -22.89 27.03 30.14
CA PRO D 400 -21.44 27.26 29.97
C PRO D 400 -20.69 28.00 31.08
N VAL D 401 -19.64 27.38 31.59
CA VAL D 401 -18.81 27.97 32.62
C VAL D 401 -17.34 27.86 32.21
N GLN D 402 -16.58 28.93 32.37
CA GLN D 402 -15.21 28.92 31.90
C GLN D 402 -14.23 29.37 32.97
N VAL D 403 -13.35 28.47 33.36
CA VAL D 403 -12.35 28.82 34.34
C VAL D 403 -10.99 28.76 33.69
N PRO D 404 -9.99 29.45 34.26
CA PRO D 404 -8.70 29.44 33.62
C PRO D 404 -7.85 28.33 34.18
N VAL D 405 -7.15 27.67 33.28
CA VAL D 405 -6.31 26.56 33.65
C VAL D 405 -4.90 27.05 33.94
N THR D 406 -4.27 26.53 35.00
CA THR D 406 -2.92 26.97 35.33
C THR D 406 -2.09 25.95 36.11
N LEU D 407 -0.80 25.90 35.81
CA LEU D 407 0.12 25.04 36.53
C LEU D 407 0.64 25.69 37.80
N VAL D 408 0.79 24.89 38.85
CA VAL D 408 1.15 25.30 40.19
C VAL D 408 2.18 24.29 40.67
N ARG D 409 3.32 24.79 41.12
CA ARG D 409 4.35 23.90 41.65
C ARG D 409 4.05 23.50 43.12
N ASN D 410 4.94 22.70 43.71
CA ASN D 410 4.87 22.39 45.16
C ASN D 410 5.07 23.57 46.11
N ASP D 411 6.31 24.00 46.41
CA ASP D 411 6.45 25.34 47.03
C ASP D 411 5.80 26.33 46.10
N GLY D 412 4.68 26.90 46.54
CA GLY D 412 3.67 27.51 45.65
C GLY D 412 4.07 28.57 44.62
N ILE D 413 5.05 28.26 43.77
CA ILE D 413 5.38 29.08 42.60
C ILE D 413 4.28 28.76 41.62
N ILE D 414 3.71 29.76 40.96
CA ILE D 414 2.64 29.44 40.03
C ILE D 414 2.90 29.96 38.63
N TYR D 415 3.06 29.03 37.69
CA TYR D 415 3.24 29.31 36.25
C TYR D 415 1.91 29.46 35.47
N SER D 416 1.64 30.68 34.98
CA SER D 416 0.34 30.97 34.34
C SER D 416 0.31 30.41 32.93
N THR D 417 -0.87 30.38 32.32
CA THR D 417 -0.99 29.76 30.99
C THR D 417 -1.88 30.45 29.97
N SER D 418 -2.80 31.28 30.43
CA SER D 418 -3.73 31.95 29.50
C SER D 418 -4.55 30.95 28.66
N LEU D 419 -4.65 29.71 29.14
CA LEU D 419 -5.52 28.75 28.51
C LEU D 419 -6.69 28.51 29.43
N THR D 420 -7.84 28.22 28.84
CA THR D 420 -9.06 28.15 29.64
C THR D 420 -9.92 26.96 29.27
N PHE D 421 -10.21 26.12 30.27
CA PHE D 421 -11.25 25.10 30.09
C PHE D 421 -12.65 25.71 30.19
N THR D 422 -13.53 25.32 29.27
CA THR D 422 -14.91 25.79 29.20
C THR D 422 -15.91 24.65 29.35
N TYR D 423 -16.47 24.46 30.54
CA TYR D 423 -17.53 23.47 30.71
C TYR D 423 -18.64 23.74 29.70
N THR D 424 -19.33 22.70 29.24
CA THR D 424 -20.40 22.86 28.27
C THR D 424 -21.45 21.81 28.52
N PRO D 425 -22.74 22.17 28.39
CA PRO D 425 -23.86 21.22 28.49
C PRO D 425 -23.77 20.13 27.42
N GLU D 426 -24.06 18.88 27.81
CA GLU D 426 -23.82 17.69 26.96
C GLU D 426 -24.73 17.66 25.69
N PRO D 427 -24.14 17.29 24.54
CA PRO D 427 -24.85 17.41 23.25
C PRO D 427 -25.69 16.16 22.85
N GLN E 53 -20.49 19.85 12.46
CA GLN E 53 -19.65 20.69 13.34
C GLN E 53 -20.50 21.51 14.32
N THR E 54 -20.45 21.14 15.62
CA THR E 54 -21.11 21.91 16.71
C THR E 54 -20.45 23.32 16.87
N ASP E 55 -19.44 23.56 16.01
CA ASP E 55 -18.52 24.75 15.96
C ASP E 55 -17.92 25.29 17.30
N ARG E 56 -18.34 24.71 18.42
CA ARG E 56 -17.69 24.96 19.70
C ARG E 56 -16.27 24.40 19.64
N THR E 57 -16.15 23.12 19.26
CA THR E 57 -14.87 22.42 19.22
C THR E 57 -14.54 21.93 17.82
N GLY E 58 -15.51 22.06 16.92
CA GLY E 58 -15.36 21.62 15.54
C GLY E 58 -15.66 20.15 15.35
N GLU E 59 -16.23 19.55 16.39
CA GLU E 59 -16.40 18.10 16.50
C GLU E 59 -17.66 17.61 15.82
N THR E 60 -17.56 16.45 15.16
CA THR E 60 -18.68 15.86 14.43
C THR E 60 -19.49 14.91 15.29
N ALA E 61 -20.62 14.46 14.73
CA ALA E 61 -21.46 13.47 15.38
C ALA E 61 -20.67 12.19 15.70
N LEU E 62 -19.77 11.83 14.79
CA LEU E 62 -18.93 10.65 15.01
C LEU E 62 -17.95 10.91 16.16
N HIS E 63 -17.08 11.91 16.01
CA HIS E 63 -16.18 12.38 17.08
C HIS E 63 -16.76 12.22 18.48
N LEU E 64 -18.01 12.69 18.63
CA LEU E 64 -18.73 12.66 19.90
C LEU E 64 -18.90 11.24 20.38
N ALA E 65 -19.65 10.44 19.63
CA ALA E 65 -19.86 9.04 19.97
C ALA E 65 -18.56 8.28 20.25
N ALA E 66 -17.47 8.72 19.63
CA ALA E 66 -16.15 8.16 19.90
C ALA E 66 -15.75 8.50 21.30
N ARG E 67 -15.72 9.78 21.61
CA ARG E 67 -15.32 10.24 22.95
C ARG E 67 -16.26 9.78 24.06
N TYR E 68 -17.55 9.70 23.75
CA TYR E 68 -18.56 9.31 24.73
C TYR E 68 -18.73 7.80 24.85
N SER E 69 -18.01 7.06 24.00
CA SER E 69 -17.95 5.60 24.03
C SER E 69 -19.28 4.93 23.72
N ARG E 70 -20.09 5.58 22.91
CA ARG E 70 -21.32 4.99 22.43
C ARG E 70 -20.96 4.10 21.24
N SER E 71 -20.72 2.81 21.52
CA SER E 71 -20.11 1.90 20.54
C SER E 71 -20.97 1.54 19.34
N ASP E 72 -22.28 1.53 19.51
CA ASP E 72 -23.17 1.25 18.40
C ASP E 72 -23.84 2.52 17.87
N ALA E 73 -23.84 3.58 18.67
CA ALA E 73 -24.20 4.89 18.18
C ALA E 73 -23.31 5.21 16.99
N ALA E 74 -22.03 4.89 17.13
CA ALA E 74 -21.05 5.06 16.07
C ALA E 74 -21.39 4.19 14.89
N LYS E 75 -21.85 2.95 15.14
CA LYS E 75 -22.16 1.99 14.08
C LYS E 75 -23.15 2.52 13.03
N ARG E 76 -24.31 3.03 13.48
CA ARG E 76 -25.31 3.62 12.54
C ARG E 76 -24.78 4.83 11.74
N LEU E 77 -23.93 5.62 12.40
CA LEU E 77 -23.30 6.77 11.78
C LEU E 77 -22.35 6.27 10.71
N LEU E 78 -21.97 5.01 10.79
CA LEU E 78 -21.15 4.42 9.77
C LEU E 78 -21.99 3.73 8.70
N GLU E 79 -23.18 3.22 9.09
CA GLU E 79 -24.14 2.70 8.10
C GLU E 79 -24.42 3.84 7.13
N ALA E 80 -24.79 5.00 7.68
CA ALA E 80 -24.71 6.25 6.95
C ALA E 80 -23.28 6.39 6.43
N SER E 81 -23.17 6.60 5.12
CA SER E 81 -21.86 6.71 4.47
C SER E 81 -21.07 7.93 4.95
N ALA E 82 -21.23 8.21 6.25
CA ALA E 82 -20.63 9.35 6.94
C ALA E 82 -19.12 9.24 7.03
N ASP E 83 -18.43 10.29 6.61
CA ASP E 83 -16.98 10.26 6.54
C ASP E 83 -16.40 10.16 7.94
N ALA E 84 -15.53 9.19 8.14
CA ALA E 84 -14.92 8.93 9.44
C ALA E 84 -13.54 9.53 9.57
N ASN E 85 -13.19 10.44 8.67
CA ASN E 85 -11.91 11.13 8.77
C ASN E 85 -12.04 12.65 8.78
N ILE E 86 -13.15 13.11 9.34
CA ILE E 86 -13.40 14.53 9.60
C ILE E 86 -12.46 15.05 10.70
N GLN E 87 -11.97 16.28 10.54
CA GLN E 87 -11.10 16.89 11.54
C GLN E 87 -11.86 17.92 12.39
N ASP E 88 -11.69 17.84 13.71
CA ASP E 88 -12.20 18.88 14.60
C ASP E 88 -11.13 19.95 14.71
N ASN E 89 -11.37 21.00 15.49
CA ASN E 89 -10.46 22.14 15.53
C ASN E 89 -9.06 21.84 16.08
N MET E 90 -8.94 20.70 16.76
CA MET E 90 -7.65 20.20 17.20
C MET E 90 -6.97 19.47 16.06
N GLY E 91 -7.78 19.17 15.06
CA GLY E 91 -7.34 18.43 13.89
C GLY E 91 -7.24 16.97 14.24
N ARG E 92 -8.33 16.42 14.78
CA ARG E 92 -8.36 15.00 15.08
C ARG E 92 -9.60 14.31 14.53
N THR E 93 -9.38 13.16 13.90
CA THR E 93 -10.42 12.28 13.39
C THR E 93 -11.03 11.57 14.57
N PRO E 94 -12.32 11.21 14.48
CA PRO E 94 -12.98 10.42 15.54
C PRO E 94 -12.12 9.30 16.12
N LEU E 95 -11.37 8.56 15.30
CA LEU E 95 -10.44 7.56 15.83
C LEU E 95 -9.53 8.10 16.95
N HIS E 96 -8.97 9.31 16.73
CA HIS E 96 -8.14 10.01 17.72
C HIS E 96 -8.91 10.21 19.00
N ALA E 97 -10.20 10.55 18.86
CA ALA E 97 -11.13 10.73 19.98
C ALA E 97 -11.35 9.43 20.71
N ALA E 98 -11.66 8.39 19.93
CA ALA E 98 -11.81 7.03 20.42
C ALA E 98 -10.58 6.55 21.20
N VAL E 99 -9.37 6.68 20.64
CA VAL E 99 -8.18 6.31 21.39
C VAL E 99 -8.08 7.12 22.67
N SER E 100 -8.22 8.44 22.54
CA SER E 100 -8.04 9.35 23.67
C SER E 100 -8.92 8.97 24.82
N ALA E 101 -10.12 8.50 24.47
CA ALA E 101 -11.19 8.22 25.42
C ALA E 101 -11.21 6.77 25.90
N ASP E 102 -10.10 6.05 25.75
CA ASP E 102 -10.04 4.60 25.95
C ASP E 102 -11.34 3.89 25.67
N ALA E 103 -11.92 4.15 24.50
CA ALA E 103 -13.24 3.64 24.15
C ALA E 103 -13.16 2.38 23.26
N GLN E 104 -12.82 1.21 23.84
CA GLN E 104 -12.45 0.03 23.02
C GLN E 104 -13.57 -0.25 22.05
N GLY E 105 -14.82 -0.11 22.52
CA GLY E 105 -16.00 -0.34 21.70
C GLY E 105 -15.93 0.31 20.34
N VAL E 106 -16.00 1.65 20.34
CA VAL E 106 -15.96 2.48 19.13
C VAL E 106 -14.67 2.32 18.35
N PHE E 107 -13.54 2.44 19.05
CA PHE E 107 -12.23 2.13 18.50
C PHE E 107 -12.33 0.97 17.51
N GLN E 108 -12.43 -0.25 18.05
CA GLN E 108 -12.70 -1.48 17.27
C GLN E 108 -13.56 -1.32 16.03
N ILE E 109 -14.65 -0.56 16.13
CA ILE E 109 -15.45 -0.28 14.95
C ILE E 109 -14.56 0.40 13.91
N LEU E 110 -14.05 1.58 14.25
CA LEU E 110 -13.41 2.41 13.25
C LEU E 110 -12.24 1.74 12.58
N ILE E 111 -11.47 0.98 13.35
CA ILE E 111 -10.27 0.31 12.84
C ILE E 111 -10.67 -0.92 11.96
N ARG E 112 -11.78 -1.57 12.30
CA ARG E 112 -12.26 -2.70 11.52
C ARG E 112 -12.80 -2.20 10.19
N ASN E 113 -13.19 -0.92 10.15
CA ASN E 113 -13.64 -0.23 8.94
C ASN E 113 -12.48 0.24 8.03
N ARG E 114 -12.60 -0.07 6.75
CA ARG E 114 -11.52 0.14 5.81
C ARG E 114 -11.28 1.60 5.44
N ALA E 115 -12.35 2.39 5.40
CA ALA E 115 -12.26 3.79 4.94
C ALA E 115 -11.27 4.58 5.79
N THR E 116 -11.34 4.33 7.10
CA THR E 116 -10.68 5.09 8.16
C THR E 116 -9.16 5.21 8.08
N ASP E 117 -8.66 6.44 7.94
CA ASP E 117 -7.22 6.68 7.97
C ASP E 117 -6.64 6.34 9.33
N LEU E 118 -5.84 5.28 9.39
CA LEU E 118 -5.22 4.88 10.66
C LEU E 118 -4.00 5.71 10.98
N ASP E 119 -3.51 6.45 10.01
CA ASP E 119 -2.30 7.19 10.26
C ASP E 119 -2.52 8.69 10.24
N ALA E 120 -3.77 9.08 10.45
CA ALA E 120 -4.18 10.47 10.39
C ALA E 120 -3.43 11.24 11.42
N ARG E 121 -3.06 12.48 11.08
CA ARG E 121 -2.36 13.36 12.03
C ARG E 121 -3.22 14.49 12.59
N MET E 122 -2.71 15.10 13.65
CA MET E 122 -3.41 16.23 14.31
C MET E 122 -2.69 17.52 13.98
N HIS E 123 -3.15 18.64 14.53
CA HIS E 123 -2.50 19.89 14.19
C HIS E 123 -1.03 19.86 14.60
N ASP E 124 -0.72 19.02 15.59
CA ASP E 124 0.66 18.87 16.05
C ASP E 124 1.20 17.60 15.47
N GLY E 125 0.39 17.06 14.55
CA GLY E 125 0.68 15.82 13.82
C GLY E 125 0.75 14.55 14.65
N THR E 126 -0.15 14.40 15.62
CA THR E 126 -0.10 13.20 16.42
C THR E 126 -0.98 12.11 15.77
N THR E 127 -0.39 10.92 15.66
CA THR E 127 -1.05 9.77 15.10
C THR E 127 -1.74 9.06 16.25
N PRO E 128 -2.84 8.32 15.99
CA PRO E 128 -3.44 7.52 17.07
C PRO E 128 -2.44 6.56 17.66
N LEU E 129 -1.62 5.97 16.82
CA LEU E 129 -0.53 5.18 17.31
C LEU E 129 0.32 5.96 18.33
N ILE E 130 0.34 7.28 18.24
CA ILE E 130 1.09 8.11 19.21
C ILE E 130 0.37 8.17 20.58
N LEU E 131 -0.83 8.74 20.60
CA LEU E 131 -1.65 8.69 21.78
C LEU E 131 -1.63 7.27 22.38
N ALA E 132 -2.04 6.29 21.58
CA ALA E 132 -2.00 4.93 22.01
C ALA E 132 -0.81 4.69 22.88
N ALA E 133 0.37 5.06 22.39
CA ALA E 133 1.64 4.84 23.11
C ALA E 133 1.82 5.64 24.39
N ARG E 134 1.39 6.89 24.39
CA ARG E 134 1.59 7.71 25.58
C ARG E 134 0.45 7.54 26.59
N LEU E 135 -0.80 7.75 26.15
CA LEU E 135 -1.99 7.63 26.99
C LEU E 135 -2.18 6.30 27.70
N ALA E 136 -1.19 5.42 27.60
CA ALA E 136 -1.16 4.09 28.22
C ALA E 136 -2.54 3.44 28.26
N VAL E 137 -3.04 3.02 27.11
CA VAL E 137 -4.29 2.27 27.06
C VAL E 137 -3.93 0.81 26.80
N GLU E 138 -4.79 -0.14 27.16
CA GLU E 138 -4.50 -1.57 26.88
C GLU E 138 -4.86 -1.93 25.45
N GLY E 139 -4.12 -2.84 24.84
CA GLY E 139 -4.51 -3.37 23.53
C GLY E 139 -4.36 -2.45 22.31
N MET E 140 -5.02 -1.30 22.34
CA MET E 140 -5.05 -0.35 21.19
C MET E 140 -3.79 -0.28 20.33
N LEU E 141 -2.66 -0.03 20.96
CA LEU E 141 -1.39 0.04 20.29
C LEU E 141 -1.25 -1.14 19.36
N GLU E 142 -1.33 -2.34 19.95
CA GLU E 142 -1.26 -3.58 19.20
C GLU E 142 -2.29 -3.67 18.07
N ASP E 143 -3.57 -3.46 18.35
CA ASP E 143 -4.59 -3.59 17.31
C ASP E 143 -4.34 -2.66 16.13
N LEU E 144 -3.92 -1.43 16.42
CA LEU E 144 -3.50 -0.53 15.35
C LEU E 144 -2.30 -1.09 14.63
N ILE E 145 -1.30 -1.61 15.34
CA ILE E 145 -0.14 -2.19 14.67
C ILE E 145 -0.57 -3.30 13.71
N ASN E 146 -1.33 -4.27 14.23
CA ASN E 146 -1.88 -5.35 13.44
C ASN E 146 -2.69 -4.89 12.24
N SER E 147 -3.50 -3.86 12.42
CA SER E 147 -4.20 -3.33 11.26
C SER E 147 -3.29 -2.56 10.28
N HIS E 148 -1.98 -2.60 10.53
CA HIS E 148 -0.96 -2.03 9.63
C HIS E 148 -0.93 -0.51 9.60
N ALA E 149 -0.82 0.07 10.78
CA ALA E 149 -0.55 1.47 10.91
C ALA E 149 0.94 1.67 10.69
N ASP E 150 1.28 2.82 10.10
CA ASP E 150 2.67 3.16 9.92
C ASP E 150 3.28 3.26 11.31
N VAL E 151 4.14 2.31 11.61
CA VAL E 151 4.68 2.26 12.95
C VAL E 151 5.73 3.33 13.13
N ASN E 152 6.36 3.76 12.03
CA ASN E 152 7.41 4.76 12.11
C ASN E 152 7.02 6.20 11.87
N ALA E 153 5.72 6.40 11.56
CA ALA E 153 5.10 7.71 11.38
C ALA E 153 5.46 8.63 12.52
N VAL E 154 5.67 9.93 12.22
CA VAL E 154 6.06 10.88 13.29
C VAL E 154 5.19 12.15 13.38
N ASP E 155 5.07 12.68 14.60
CA ASP E 155 4.48 14.04 14.84
C ASP E 155 5.42 15.20 14.44
N ASP E 156 4.88 16.41 14.38
CA ASP E 156 5.67 17.59 14.01
C ASP E 156 7.05 17.70 14.68
N LEU E 157 7.24 17.19 15.89
CA LEU E 157 8.54 17.32 16.53
C LEU E 157 9.36 16.15 16.11
N GLY E 158 8.73 15.38 15.22
CA GLY E 158 9.30 14.19 14.59
C GLY E 158 9.72 13.11 15.59
N LYS E 159 8.78 12.78 16.49
CA LYS E 159 8.97 11.76 17.51
C LYS E 159 8.03 10.65 17.14
N SER E 160 8.58 9.43 17.14
CA SER E 160 7.79 8.24 16.83
C SER E 160 7.10 7.69 18.09
N ALA E 161 6.06 6.88 17.90
CA ALA E 161 5.43 6.28 19.08
C ALA E 161 6.46 5.52 19.92
N LEU E 162 7.53 5.02 19.30
CA LEU E 162 8.62 4.41 20.07
C LEU E 162 9.30 5.42 20.94
N HIS E 163 9.55 6.58 20.35
CA HIS E 163 10.07 7.73 21.11
C HIS E 163 9.20 7.97 22.34
N TRP E 164 7.95 8.44 22.13
CA TRP E 164 7.00 8.65 23.24
C TRP E 164 6.94 7.50 24.24
N ALA E 165 6.60 6.31 23.78
CA ALA E 165 6.73 5.13 24.62
C ALA E 165 8.02 5.04 25.43
N ALA E 166 9.11 5.60 24.95
CA ALA E 166 10.28 5.62 25.83
C ALA E 166 10.34 6.85 26.78
N ALA E 167 9.64 7.89 26.36
CA ALA E 167 9.47 9.06 27.17
C ALA E 167 8.59 8.67 28.36
N VAL E 168 7.52 7.93 28.12
CA VAL E 168 6.62 7.59 29.18
C VAL E 168 6.91 6.22 29.80
N ASN E 169 8.16 5.78 29.68
CA ASN E 169 8.60 4.46 30.15
C ASN E 169 7.52 3.45 30.00
N ASN E 170 7.01 3.31 28.77
CA ASN E 170 5.93 2.38 28.46
C ASN E 170 6.47 1.07 27.94
N VAL E 171 7.15 0.32 28.79
CA VAL E 171 7.91 -0.82 28.31
C VAL E 171 7.13 -1.70 27.33
N ASP E 172 5.91 -2.08 27.71
CA ASP E 172 5.07 -2.93 26.84
C ASP E 172 4.99 -2.42 25.42
N ALA E 173 4.50 -1.19 25.26
CA ALA E 173 4.45 -0.52 23.97
C ALA E 173 5.77 -0.64 23.20
N ALA E 174 6.88 -0.35 23.89
CA ALA E 174 8.18 -0.37 23.26
C ALA E 174 8.49 -1.73 22.68
N VAL E 175 8.19 -2.78 23.43
CA VAL E 175 8.47 -4.13 22.97
C VAL E 175 7.64 -4.52 21.74
N VAL E 176 6.32 -4.52 21.86
CA VAL E 176 5.49 -4.65 20.68
C VAL E 176 6.02 -3.81 19.52
N LEU E 177 6.27 -2.52 19.76
CA LEU E 177 6.79 -1.66 18.69
C LEU E 177 8.13 -2.15 18.12
N LEU E 178 8.99 -2.71 18.95
CA LEU E 178 10.26 -3.09 18.40
C LEU E 178 10.08 -4.25 17.46
N LYS E 179 9.31 -5.25 17.91
CA LYS E 179 8.98 -6.44 17.11
C LYS E 179 7.99 -6.13 15.98
N ASN E 180 7.93 -4.88 15.54
CA ASN E 180 7.13 -4.62 14.38
C ASN E 180 7.78 -3.58 13.52
N GLY E 181 9.07 -3.78 13.33
CA GLY E 181 9.84 -2.84 12.53
C GLY E 181 10.38 -1.80 13.48
N ALA E 182 9.84 -0.57 13.38
CA ALA E 182 10.16 0.52 14.33
C ALA E 182 11.62 0.81 14.29
N ASN E 183 11.95 1.92 13.69
CA ASN E 183 13.29 2.35 13.74
C ASN E 183 13.65 2.64 15.21
N LYS E 184 14.50 1.77 15.77
CA LYS E 184 14.88 1.85 17.17
C LYS E 184 15.88 2.96 17.37
N ASP E 185 16.40 3.46 16.26
CA ASP E 185 17.44 4.45 16.35
C ASP E 185 17.07 5.75 15.72
N MET E 186 15.80 5.84 15.30
CA MET E 186 15.24 7.03 14.70
C MET E 186 15.57 8.29 15.50
N GLN E 187 15.70 9.42 14.82
CA GLN E 187 15.89 10.70 15.51
C GLN E 187 14.74 11.64 15.27
N ASN E 188 14.65 12.66 16.10
CA ASN E 188 13.57 13.65 15.99
C ASN E 188 14.22 14.97 15.70
N ASN E 189 13.46 15.98 15.29
CA ASN E 189 14.11 17.26 15.01
C ASN E 189 14.63 17.84 16.30
N ARG E 190 15.36 17.02 17.04
CA ARG E 190 16.37 17.46 17.99
C ARG E 190 17.46 16.40 18.02
N GLU E 191 17.41 15.52 17.01
CA GLU E 191 18.39 14.41 16.85
C GLU E 191 18.34 13.47 18.05
N GLU E 192 17.15 13.24 18.59
CA GLU E 192 17.04 12.50 19.84
C GLU E 192 16.62 11.04 19.53
N THR E 193 17.55 10.13 19.80
CA THR E 193 17.29 8.71 19.75
C THR E 193 16.23 8.41 20.83
N PRO E 194 15.34 7.39 20.61
CA PRO E 194 14.39 7.20 21.69
C PRO E 194 15.11 6.67 22.93
N LEU E 195 16.21 5.92 22.78
CA LEU E 195 17.04 5.63 23.91
C LEU E 195 17.38 6.90 24.68
N PHE E 196 17.40 8.03 23.99
CA PHE E 196 17.69 9.34 24.62
C PHE E 196 16.59 9.79 25.56
N LEU E 197 15.43 10.11 24.98
CA LEU E 197 14.26 10.47 25.79
C LEU E 197 14.12 9.60 27.04
N ALA E 198 14.23 8.28 26.86
CA ALA E 198 14.32 7.42 28.01
C ALA E 198 15.38 7.98 28.99
N ALA E 199 16.65 7.92 28.62
CA ALA E 199 17.72 8.42 29.52
C ALA E 199 17.53 9.86 30.04
N ARG E 200 16.78 10.70 29.32
CA ARG E 200 16.43 12.01 29.87
C ARG E 200 15.46 11.77 31.04
N GLU E 201 14.19 11.41 30.70
CA GLU E 201 13.10 11.15 31.68
C GLU E 201 13.54 10.14 32.70
N GLY E 202 14.61 9.42 32.35
CA GLY E 202 15.21 8.45 33.25
C GLY E 202 14.39 7.18 33.40
N SER E 203 13.44 7.00 32.49
CA SER E 203 12.67 5.81 32.44
C SER E 203 13.59 4.63 32.01
N TYR E 204 14.04 3.92 33.04
CA TYR E 204 15.10 2.90 33.04
C TYR E 204 14.70 1.63 32.37
N GLU E 205 13.46 1.18 32.59
CA GLU E 205 13.00 -0.13 32.11
C GLU E 205 12.88 -0.09 30.60
N THR E 206 12.17 0.91 30.09
CA THR E 206 12.07 1.04 28.64
C THR E 206 13.47 1.07 28.05
N ALA E 207 14.38 1.73 28.79
CA ALA E 207 15.78 1.90 28.38
C ALA E 207 16.51 0.61 28.24
N LYS E 208 16.44 -0.25 29.27
CA LYS E 208 16.99 -1.62 29.21
C LYS E 208 16.52 -2.39 27.97
N VAL E 209 15.28 -2.13 27.57
CA VAL E 209 14.70 -2.79 26.43
C VAL E 209 15.31 -2.39 25.07
N LEU E 210 15.65 -1.10 24.88
CA LEU E 210 16.28 -0.70 23.62
C LEU E 210 17.73 -1.14 23.68
N LEU E 211 18.39 -0.94 24.81
CA LEU E 211 19.72 -1.48 24.98
C LEU E 211 19.70 -2.97 24.69
N ASP E 212 18.49 -3.53 24.77
CA ASP E 212 18.25 -4.95 24.58
C ASP E 212 18.17 -5.32 23.13
N HIS E 213 17.56 -4.45 22.34
CA HIS E 213 17.56 -4.66 20.92
C HIS E 213 18.75 -4.01 20.26
N PHE E 214 19.75 -3.77 21.10
CA PHE E 214 20.88 -2.90 20.80
C PHE E 214 20.45 -1.67 20.02
N ALA E 215 19.85 -0.70 20.72
CA ALA E 215 19.80 0.63 20.15
C ALA E 215 21.21 1.13 20.25
N ASN E 216 21.52 2.04 19.34
CA ASN E 216 22.81 2.64 19.35
C ASN E 216 22.83 3.67 20.42
N ARG E 217 23.72 3.45 21.38
CA ARG E 217 23.73 4.33 22.54
C ARG E 217 24.58 5.55 22.27
N ASP E 218 25.35 5.48 21.18
CA ASP E 218 26.29 6.54 20.80
C ASP E 218 25.67 7.62 19.94
N ILE E 219 24.56 7.35 19.25
CA ILE E 219 23.87 8.45 18.60
C ILE E 219 23.57 9.49 19.67
N THR E 220 23.95 10.74 19.40
CA THR E 220 23.77 11.87 20.32
C THR E 220 22.49 12.67 20.00
N ASP E 221 22.32 13.85 20.64
CA ASP E 221 21.20 14.80 20.34
C ASP E 221 21.73 15.78 19.35
N HIS E 222 20.96 16.85 19.09
CA HIS E 222 21.43 17.93 18.22
C HIS E 222 22.20 18.95 19.01
N MET E 223 22.93 18.53 20.02
CA MET E 223 23.83 19.42 20.76
C MET E 223 25.04 18.61 21.23
N ASP E 224 25.20 17.45 20.62
CA ASP E 224 26.33 16.54 20.84
C ASP E 224 26.51 16.02 22.27
N ARG E 225 25.42 16.04 23.05
CA ARG E 225 25.26 15.25 24.28
C ARG E 225 24.82 13.81 24.02
N LEU E 226 25.64 12.85 24.45
CA LEU E 226 25.26 11.44 24.48
C LEU E 226 23.95 11.26 25.32
N PRO E 227 23.16 10.16 25.09
CA PRO E 227 22.09 9.95 26.07
C PRO E 227 22.73 9.74 27.43
N ARG E 228 23.76 8.89 27.47
CA ARG E 228 24.65 8.78 28.61
C ARG E 228 24.82 10.08 29.45
N ASP E 229 24.64 11.24 28.82
CA ASP E 229 24.97 12.53 29.46
C ASP E 229 23.79 13.15 30.09
N ILE E 230 22.73 13.30 29.31
CA ILE E 230 21.47 13.81 29.86
C ILE E 230 21.00 12.99 31.08
N ALA E 231 21.51 11.76 31.21
CA ALA E 231 21.38 10.97 32.40
C ALA E 231 22.15 11.66 33.48
N GLN E 232 23.47 11.42 33.53
CA GLN E 232 24.41 12.15 34.39
C GLN E 232 23.93 13.49 34.97
N GLU E 233 23.52 14.36 34.05
CA GLU E 233 22.93 15.64 34.36
C GLU E 233 21.66 15.52 35.24
N ARG E 234 20.59 14.88 34.72
CA ARG E 234 19.30 14.74 35.45
C ARG E 234 19.36 13.82 36.67
N MET E 235 20.56 13.32 36.91
CA MET E 235 20.91 12.67 38.16
C MET E 235 20.39 11.24 38.25
N HIS E 236 20.04 10.67 37.10
CA HIS E 236 19.69 9.26 36.96
C HIS E 236 20.93 8.39 36.86
N HIS E 237 21.47 8.01 37.99
CA HIS E 237 22.72 7.26 37.99
C HIS E 237 22.48 5.84 37.57
N ASP E 238 21.21 5.44 37.55
CA ASP E 238 20.90 4.06 37.25
C ASP E 238 20.99 3.97 35.77
N ILE E 239 20.19 4.80 35.11
CA ILE E 239 20.26 4.87 33.66
C ILE E 239 21.67 5.07 33.16
N VAL E 240 22.47 5.85 33.88
CA VAL E 240 23.91 5.91 33.61
C VAL E 240 24.56 4.52 33.68
N ARG E 241 24.49 3.89 34.87
CA ARG E 241 25.20 2.62 35.11
C ARG E 241 24.87 1.62 34.03
N LEU E 242 23.66 1.74 33.51
CA LEU E 242 23.16 0.81 32.54
C LEU E 242 23.83 1.12 31.22
N LEU E 243 23.83 2.40 30.87
CA LEU E 243 24.45 2.87 29.64
C LEU E 243 25.94 2.65 29.68
N ASP E 244 26.56 2.74 30.86
CA ASP E 244 27.99 2.49 31.00
C ASP E 244 28.34 1.06 30.76
N GLU E 245 27.49 0.14 31.26
CA GLU E 245 27.87 -1.28 31.43
C GLU E 245 26.90 -2.42 30.99
N TYR E 246 25.92 -2.15 30.13
CA TYR E 246 24.95 -3.21 29.82
C TYR E 246 24.84 -3.49 28.31
N ASN E 247 25.40 -4.63 27.88
CA ASN E 247 25.60 -4.99 26.43
C ASN E 247 26.99 -4.73 25.79
N LEU E 248 27.09 -3.71 24.94
CA LEU E 248 28.38 -3.37 24.29
C LEU E 248 28.91 -4.43 23.27
N HIS F 5 -20.58 -1.63 33.14
CA HIS F 5 -19.51 -1.54 34.18
C HIS F 5 -18.72 -2.86 34.41
N SER F 6 -17.91 -2.88 35.46
CA SER F 6 -16.87 -3.91 35.77
C SER F 6 -16.16 -4.53 34.56
N ALA F 7 -16.83 -4.59 33.42
CA ALA F 7 -16.17 -4.92 32.18
C ALA F 7 -15.20 -3.78 31.94
N VAL F 8 -15.76 -2.60 31.73
CA VAL F 8 -14.99 -1.39 31.51
C VAL F 8 -14.41 -0.82 32.80
N MET F 9 -15.18 -0.92 33.88
CA MET F 9 -14.77 -0.27 35.09
C MET F 9 -13.47 -0.88 35.58
N GLU F 10 -13.35 -2.20 35.51
CA GLU F 10 -12.10 -2.85 35.89
C GLU F 10 -10.97 -2.52 34.95
N ARG F 11 -11.32 -2.21 33.70
CA ARG F 11 -10.33 -1.77 32.73
C ARG F 11 -9.86 -0.34 33.01
N LEU F 12 -10.81 0.54 33.30
CA LEU F 12 -10.52 1.94 33.62
C LEU F 12 -9.79 2.10 34.97
N ARG F 13 -10.22 1.41 36.00
CA ARG F 13 -9.47 1.36 37.27
C ARG F 13 -8.02 0.99 37.00
N ARG F 14 -7.82 0.05 36.07
CA ARG F 14 -6.50 -0.48 35.81
C ARG F 14 -5.65 0.54 35.05
N ARG F 15 -6.27 1.30 34.13
CA ARG F 15 -5.55 2.29 33.32
C ARG F 15 -5.05 3.36 34.24
N ILE F 16 -6.01 4.05 34.86
CA ILE F 16 -5.77 5.13 35.83
C ILE F 16 -4.67 4.77 36.84
N GLU F 17 -4.76 3.58 37.43
CA GLU F 17 -3.71 3.09 38.28
C GLU F 17 -2.34 3.21 37.61
N LEU F 18 -2.26 2.95 36.30
CA LEU F 18 -0.95 2.90 35.65
C LEU F 18 -0.31 4.28 35.67
N CYS F 19 -1.08 5.28 35.22
CA CYS F 19 -0.70 6.69 35.30
C CYS F 19 -0.38 7.07 36.75
N ARG F 20 -1.36 6.85 37.63
CA ARG F 20 -1.20 7.04 39.06
C ARG F 20 0.11 6.47 39.50
N ARG F 21 0.29 5.16 39.35
CA ARG F 21 1.53 4.52 39.79
C ARG F 21 2.74 5.17 39.17
N HIS F 22 2.66 5.49 37.88
CA HIS F 22 3.82 6.01 37.16
C HIS F 22 4.15 7.31 37.80
N HIS F 23 3.18 8.21 37.75
CA HIS F 23 3.38 9.56 38.22
C HIS F 23 4.04 9.55 39.58
N SER F 24 3.49 8.74 40.48
CA SER F 24 4.15 8.42 41.71
C SER F 24 5.69 8.21 41.56
N THR F 25 6.13 7.18 40.85
CA THR F 25 7.54 6.81 40.77
C THR F 25 8.36 7.97 40.27
N CYS F 26 7.75 8.79 39.43
CA CYS F 26 8.44 9.94 38.87
C CYS F 26 8.64 11.01 39.95
N GLU F 27 7.52 11.58 40.39
CA GLU F 27 7.51 12.68 41.37
C GLU F 27 8.23 12.34 42.65
N ALA F 28 9.06 11.32 42.63
CA ALA F 28 9.59 10.78 43.84
C ALA F 28 11.02 10.52 43.60
N ARG F 29 11.40 10.32 42.34
CA ARG F 29 12.82 10.35 41.98
C ARG F 29 13.24 11.84 41.98
N TYR F 30 12.43 12.65 41.28
CA TYR F 30 12.69 14.06 41.08
C TYR F 30 12.96 14.74 42.40
N GLU F 31 12.10 14.46 43.39
CA GLU F 31 12.21 14.99 44.74
C GLU F 31 13.46 14.48 45.43
N ALA F 32 13.82 13.24 45.12
CA ALA F 32 14.91 12.57 45.82
C ALA F 32 16.26 13.09 45.36
N VAL F 33 16.39 13.26 44.05
CA VAL F 33 17.65 13.70 43.48
C VAL F 33 17.89 15.19 43.63
N SER F 34 16.82 15.97 43.79
CA SER F 34 16.88 17.44 43.75
C SER F 34 17.90 18.16 44.70
N PRO F 35 17.98 17.79 45.99
CA PRO F 35 19.17 18.12 46.76
C PRO F 35 20.47 18.03 45.96
N GLU F 36 21.02 16.84 45.81
CA GLU F 36 22.21 16.66 44.99
C GLU F 36 22.19 17.42 43.64
N ARG F 37 21.01 17.68 43.10
CA ARG F 37 20.91 18.31 41.78
C ARG F 37 20.95 19.84 41.85
N LEU F 38 20.31 20.40 42.87
CA LEU F 38 20.43 21.83 43.17
C LEU F 38 21.88 22.22 43.46
N GLU F 39 22.76 21.23 43.58
CA GLU F 39 24.12 21.42 44.13
C GLU F 39 25.22 21.87 43.16
N LEU F 40 25.08 21.54 41.88
CA LEU F 40 25.91 22.18 40.87
C LEU F 40 25.21 23.48 40.38
N GLU F 41 24.14 23.85 41.07
CA GLU F 41 23.39 25.09 40.78
C GLU F 41 23.67 26.15 41.83
N ARG F 42 23.87 25.71 43.07
CA ARG F 42 24.35 26.59 44.14
C ARG F 42 25.82 26.93 43.88
N GLN F 43 26.70 25.96 44.09
CA GLN F 43 28.14 26.16 43.89
C GLN F 43 28.45 26.99 42.63
N HIS F 44 27.54 26.96 41.66
CA HIS F 44 27.67 27.79 40.47
C HIS F 44 27.20 29.24 40.69
N THR F 45 26.01 29.42 41.26
CA THR F 45 25.46 30.75 41.61
C THR F 45 26.32 31.46 42.65
N PHE F 46 27.38 30.81 43.08
CA PHE F 46 28.29 31.35 44.08
C PHE F 46 29.45 32.11 43.42
N ALA F 47 30.50 31.38 43.00
CA ALA F 47 31.69 31.98 42.38
C ALA F 47 31.35 32.74 41.08
N LEU F 48 30.06 32.94 40.85
CA LEU F 48 29.52 33.78 39.78
C LEU F 48 28.89 35.05 40.36
N HIS F 49 28.41 34.96 41.60
CA HIS F 49 27.94 36.14 42.35
C HIS F 49 29.11 37.08 42.72
N GLN F 50 30.27 36.49 43.04
CA GLN F 50 31.52 37.23 43.23
C GLN F 50 32.06 37.74 41.89
N ARG F 51 31.22 38.50 41.20
CA ARG F 51 31.47 39.04 39.87
C ARG F 51 30.28 39.93 39.58
N CYS F 52 29.13 39.51 40.11
CA CYS F 52 27.92 40.30 40.10
C CYS F 52 28.13 41.48 41.02
N ILE F 53 28.97 41.27 42.03
CA ILE F 53 29.16 42.25 43.10
C ILE F 53 30.37 43.21 42.93
N GLN F 54 31.38 42.81 42.16
CA GLN F 54 32.54 43.69 41.88
C GLN F 54 32.46 44.43 40.52
N ALA F 55 31.37 44.21 39.78
CA ALA F 55 31.00 45.04 38.63
C ALA F 55 29.90 46.00 39.06
N LYS F 56 29.39 45.78 40.28
CA LYS F 56 28.57 46.77 40.97
C LYS F 56 29.52 47.75 41.70
N ALA F 57 30.73 47.25 42.02
CA ALA F 57 31.83 48.05 42.60
C ALA F 57 32.66 48.86 41.56
N LYS F 58 32.19 48.84 40.31
CA LYS F 58 32.72 49.69 39.23
C LYS F 58 31.66 50.69 38.75
N ARG F 59 30.39 50.42 39.09
CA ARG F 59 29.22 51.30 38.84
C ARG F 59 29.17 51.94 37.44
#